data_4HE6
# 
_entry.id   4HE6 
# 
_audit_conform.dict_name       mmcif_pdbx.dic 
_audit_conform.dict_version    5.379 
_audit_conform.dict_location   http://mmcif.pdb.org/dictionaries/ascii/mmcif_pdbx.dic 
# 
loop_
_database_2.database_id 
_database_2.database_code 
_database_2.pdbx_database_accession 
_database_2.pdbx_DOI 
PDB   4HE6         pdb_00004he6 10.2210/pdb4he6/pdb 
RCSB  RCSB075353   ?            ?                   
WWPDB D_1000075353 ?            ?                   
# 
_pdbx_database_related.db_name        PDB 
_pdbx_database_related.db_id          4HE5 
_pdbx_database_related.details        'Selenomethionine variant' 
_pdbx_database_related.content_type   unspecified 
# 
_pdbx_database_status.status_code                     REL 
_pdbx_database_status.entry_id                        4HE6 
_pdbx_database_status.recvd_initial_deposition_date   2012-10-03 
_pdbx_database_status.deposit_site                    RCSB 
_pdbx_database_status.process_site                    RCSB 
_pdbx_database_status.status_code_sf                  REL 
_pdbx_database_status.status_code_mr                  ? 
_pdbx_database_status.SG_entry                        ? 
_pdbx_database_status.status_code_cs                  ? 
_pdbx_database_status.methods_development_category    ? 
_pdbx_database_status.pdb_format_compatible           Y 
_pdbx_database_status.status_code_nmr_data            ? 
# 
loop_
_audit_author.name 
_audit_author.pdbx_ordinal 
_audit_author.identifier_ORCID 
'Trillo-Muyo, S.'  1 ?                   
'Jasilionis, A.'   2 ?                   
'Domagalski, M.J.' 3 ?                   
'Chruszcz, M.'     4 ?                   
'Minor, W.'        5 0000-0001-7075-7090 
'Kuisiene, N.'     6 ?                   
'Arolas, J.L.'     7 ?                   
'Sola, M.'         8 ?                   
'Gomis-Ruth, F.X.' 9 ?                   
# 
_citation.id                        primary 
_citation.title                     'Ultratight crystal packing of a 10 kDa protein.' 
_citation.journal_abbrev            'Acta Crystallogr.,Sect.D' 
_citation.journal_volume            69 
_citation.page_first                464 
_citation.page_last                 470 
_citation.year                      2013 
_citation.journal_id_ASTM           ABCRE6 
_citation.country                   DK 
_citation.journal_id_ISSN           0907-4449 
_citation.journal_id_CSD            0766 
_citation.book_publisher            ? 
_citation.pdbx_database_id_PubMed   23519421 
_citation.pdbx_database_id_DOI      10.1107/S0907444912050135 
# 
loop_
_citation_author.citation_id 
_citation_author.name 
_citation_author.ordinal 
_citation_author.identifier_ORCID 
primary 'Trillo-Muyo, S.'  1 ?                   
primary 'Jasilionis, A.'   2 ?                   
primary 'Domagalski, M.J.' 3 ?                   
primary 'Chruszcz, M.'     4 ?                   
primary 'Minor, W.'        5 0000-0001-7075-7090 
primary 'Kuisiene, N.'     6 ?                   
primary 'Arolas, J.L.'     7 ?                   
primary 'Sola, M.'         8 ?                   
primary 'Gomis-Ruth, F.X.' 9 ?                   
# 
_cell.entry_id           4HE6 
_cell.length_a           28.400 
_cell.length_b           36.300 
_cell.length_c           65.670 
_cell.angle_alpha        90.00 
_cell.angle_beta         90.00 
_cell.angle_gamma        90.00 
_cell.Z_PDB              4 
_cell.pdbx_unique_axis   ? 
_cell.length_a_esd       ? 
_cell.length_b_esd       ? 
_cell.length_c_esd       ? 
_cell.angle_alpha_esd    ? 
_cell.angle_beta_esd     ? 
_cell.angle_gamma_esd    ? 
# 
_symmetry.entry_id                         4HE6 
_symmetry.space_group_name_H-M             'P 21 21 21' 
_symmetry.pdbx_full_space_group_name_H-M   ? 
_symmetry.cell_setting                     ? 
_symmetry.Int_Tables_number                19 
_symmetry.space_group_name_Hall            ? 
# 
loop_
_entity.id 
_entity.type 
_entity.src_method 
_entity.pdbx_description 
_entity.formula_weight 
_entity.pdbx_number_of_molecules 
_entity.pdbx_ec 
_entity.pdbx_mutation 
_entity.pdbx_fragment 
_entity.details 
1 polymer     man 'Peptidase family U32' 10408.750 1   ? ? 'C-terminal domain (UNP Residues 334-422)' ? 
2 non-polymer syn 'UNKNOWN ATOM OR ION'  ?         1   ? ? ?                                          ? 
3 non-polymer syn 'ACETATE ION'          59.044    1   ? ? ?                                          ? 
4 water       nat water                  18.015    104 ? ? ?                                          ? 
# 
_entity_poly.entity_id                      1 
_entity_poly.type                           'polypeptide(L)' 
_entity_poly.nstd_linkage                   no 
_entity_poly.nstd_monomer                   no 
_entity_poly.pdbx_seq_one_letter_code       
;SLKTTREFAGLVLGYDPETGIATVQQRNHFRPGDEVEFFGPEIENFTQVIEKIWDEDGNELDAARHPLQIVKFKVKRPLF
PYNMMRKEN
;
_entity_poly.pdbx_seq_one_letter_code_can   
;SLKTTREFAGLVLGYDPETGIATVQQRNHFRPGDEVEFFGPEIENFTQVIEKIWDEDGNELDAARHPLQIVKFKVKRPLF
PYNMMRKEN
;
_entity_poly.pdbx_strand_id                 A 
_entity_poly.pdbx_target_identifier         ? 
# 
loop_
_entity_poly_seq.entity_id 
_entity_poly_seq.num 
_entity_poly_seq.mon_id 
_entity_poly_seq.hetero 
1 1  SER n 
1 2  LEU n 
1 3  LYS n 
1 4  THR n 
1 5  THR n 
1 6  ARG n 
1 7  GLU n 
1 8  PHE n 
1 9  ALA n 
1 10 GLY n 
1 11 LEU n 
1 12 VAL n 
1 13 LEU n 
1 14 GLY n 
1 15 TYR n 
1 16 ASP n 
1 17 PRO n 
1 18 GLU n 
1 19 THR n 
1 20 GLY n 
1 21 ILE n 
1 22 ALA n 
1 23 THR n 
1 24 VAL n 
1 25 GLN n 
1 26 GLN n 
1 27 ARG n 
1 28 ASN n 
1 29 HIS n 
1 30 PHE n 
1 31 ARG n 
1 32 PRO n 
1 33 GLY n 
1 34 ASP n 
1 35 GLU n 
1 36 VAL n 
1 37 GLU n 
1 38 PHE n 
1 39 PHE n 
1 40 GLY n 
1 41 PRO n 
1 42 GLU n 
1 43 ILE n 
1 44 GLU n 
1 45 ASN n 
1 46 PHE n 
1 47 THR n 
1 48 GLN n 
1 49 VAL n 
1 50 ILE n 
1 51 GLU n 
1 52 LYS n 
1 53 ILE n 
1 54 TRP n 
1 55 ASP n 
1 56 GLU n 
1 57 ASP n 
1 58 GLY n 
1 59 ASN n 
1 60 GLU n 
1 61 LEU n 
1 62 ASP n 
1 63 ALA n 
1 64 ALA n 
1 65 ARG n 
1 66 HIS n 
1 67 PRO n 
1 68 LEU n 
1 69 GLN n 
1 70 ILE n 
1 71 VAL n 
1 72 LYS n 
1 73 PHE n 
1 74 LYS n 
1 75 VAL n 
1 76 LYS n 
1 77 ARG n 
1 78 PRO n 
1 79 LEU n 
1 80 PHE n 
1 81 PRO n 
1 82 TYR n 
1 83 ASN n 
1 84 MET n 
1 85 MET n 
1 86 ARG n 
1 87 LYS n 
1 88 GLU n 
1 89 ASN n 
# 
_entity_src_gen.entity_id                          1 
_entity_src_gen.pdbx_src_id                        1 
_entity_src_gen.pdbx_alt_source_flag               sample 
_entity_src_gen.pdbx_seq_type                      ? 
_entity_src_gen.pdbx_beg_seq_num                   ? 
_entity_src_gen.pdbx_end_seq_num                   ? 
_entity_src_gen.gene_src_common_name               ? 
_entity_src_gen.gene_src_genus                     ? 
_entity_src_gen.pdbx_gene_src_gene                 GTCCBUS3UF5_28720 
_entity_src_gen.gene_src_species                   ? 
_entity_src_gen.gene_src_strain                    CCB_US3_UF5 
_entity_src_gen.gene_src_tissue                    ? 
_entity_src_gen.gene_src_tissue_fraction           ? 
_entity_src_gen.gene_src_details                   ? 
_entity_src_gen.pdbx_gene_src_fragment             ? 
_entity_src_gen.pdbx_gene_src_scientific_name      'Geobacillus thermoleovorans' 
_entity_src_gen.pdbx_gene_src_ncbi_taxonomy_id     1111068 
_entity_src_gen.pdbx_gene_src_variant              ? 
_entity_src_gen.pdbx_gene_src_cell_line            ? 
_entity_src_gen.pdbx_gene_src_atcc                 ? 
_entity_src_gen.pdbx_gene_src_organ                ? 
_entity_src_gen.pdbx_gene_src_organelle            ? 
_entity_src_gen.pdbx_gene_src_cell                 ? 
_entity_src_gen.pdbx_gene_src_cellular_location    ? 
_entity_src_gen.host_org_common_name               ? 
_entity_src_gen.pdbx_host_org_scientific_name      'Escherichia coli' 
_entity_src_gen.pdbx_host_org_ncbi_taxonomy_id     469008 
_entity_src_gen.host_org_genus                     ? 
_entity_src_gen.pdbx_host_org_gene                 ? 
_entity_src_gen.pdbx_host_org_organ                ? 
_entity_src_gen.host_org_species                   ? 
_entity_src_gen.pdbx_host_org_tissue               ? 
_entity_src_gen.pdbx_host_org_tissue_fraction      ? 
_entity_src_gen.pdbx_host_org_strain               'BL21(DE3)' 
_entity_src_gen.pdbx_host_org_variant              ? 
_entity_src_gen.pdbx_host_org_cell_line            ? 
_entity_src_gen.pdbx_host_org_atcc                 ? 
_entity_src_gen.pdbx_host_org_culture_collection   ? 
_entity_src_gen.pdbx_host_org_cell                 ? 
_entity_src_gen.pdbx_host_org_organelle            ? 
_entity_src_gen.pdbx_host_org_cellular_location    ? 
_entity_src_gen.pdbx_host_org_vector_type          ? 
_entity_src_gen.pdbx_host_org_vector               ? 
_entity_src_gen.host_org_details                   ? 
_entity_src_gen.expression_system_id               ? 
_entity_src_gen.plasmid_name                       pET28 
_entity_src_gen.plasmid_details                    ? 
_entity_src_gen.pdbx_description                   ? 
# 
_struct_ref.id                         1 
_struct_ref.db_name                    UNP 
_struct_ref.db_code                    G8N3E1_GEOTH 
_struct_ref.pdbx_db_accession          G8N3E1 
_struct_ref.entity_id                  1 
_struct_ref.pdbx_seq_one_letter_code   
;SRKTTHEFAGLVLGYDPETGIATVQQRNHFRPGDEVEFFGPEIENFTQVIEKIWDEDGNELDAARHPLQIVKFKVKRPLF
PYNMMRKEN
;
_struct_ref.pdbx_align_begin           334 
_struct_ref.pdbx_db_isoform            ? 
# 
_struct_ref_seq.align_id                      1 
_struct_ref_seq.ref_id                        1 
_struct_ref_seq.pdbx_PDB_id_code              4HE6 
_struct_ref_seq.pdbx_strand_id                A 
_struct_ref_seq.seq_align_beg                 1 
_struct_ref_seq.pdbx_seq_align_beg_ins_code   ? 
_struct_ref_seq.seq_align_end                 89 
_struct_ref_seq.pdbx_seq_align_end_ins_code   ? 
_struct_ref_seq.pdbx_db_accession             G8N3E1 
_struct_ref_seq.db_align_beg                  334 
_struct_ref_seq.pdbx_db_align_beg_ins_code    ? 
_struct_ref_seq.db_align_end                  422 
_struct_ref_seq.pdbx_db_align_end_ins_code    ? 
_struct_ref_seq.pdbx_auth_seq_align_beg       334 
_struct_ref_seq.pdbx_auth_seq_align_end       422 
# 
loop_
_struct_ref_seq_dif.align_id 
_struct_ref_seq_dif.pdbx_pdb_id_code 
_struct_ref_seq_dif.mon_id 
_struct_ref_seq_dif.pdbx_pdb_strand_id 
_struct_ref_seq_dif.seq_num 
_struct_ref_seq_dif.pdbx_pdb_ins_code 
_struct_ref_seq_dif.pdbx_seq_db_name 
_struct_ref_seq_dif.pdbx_seq_db_accession_code 
_struct_ref_seq_dif.db_mon_id 
_struct_ref_seq_dif.pdbx_seq_db_seq_num 
_struct_ref_seq_dif.details 
_struct_ref_seq_dif.pdbx_auth_seq_num 
_struct_ref_seq_dif.pdbx_ordinal 
1 4HE6 LEU A 2 ? UNP G8N3E1 ARG 335 conflict 335 1 
1 4HE6 ARG A 6 ? UNP G8N3E1 HIS 339 conflict 339 2 
# 
loop_
_chem_comp.id 
_chem_comp.type 
_chem_comp.mon_nstd_flag 
_chem_comp.name 
_chem_comp.pdbx_synonyms 
_chem_comp.formula 
_chem_comp.formula_weight 
ACT non-polymer         . 'ACETATE ION'         ? 'C2 H3 O2 -1'    59.044  
ALA 'L-peptide linking' y ALANINE               ? 'C3 H7 N O2'     89.093  
ARG 'L-peptide linking' y ARGININE              ? 'C6 H15 N4 O2 1' 175.209 
ASN 'L-peptide linking' y ASPARAGINE            ? 'C4 H8 N2 O3'    132.118 
ASP 'L-peptide linking' y 'ASPARTIC ACID'       ? 'C4 H7 N O4'     133.103 
GLN 'L-peptide linking' y GLUTAMINE             ? 'C5 H10 N2 O3'   146.144 
GLU 'L-peptide linking' y 'GLUTAMIC ACID'       ? 'C5 H9 N O4'     147.129 
GLY 'peptide linking'   y GLYCINE               ? 'C2 H5 N O2'     75.067  
HIS 'L-peptide linking' y HISTIDINE             ? 'C6 H10 N3 O2 1' 156.162 
HOH non-polymer         . WATER                 ? 'H2 O'           18.015  
ILE 'L-peptide linking' y ISOLEUCINE            ? 'C6 H13 N O2'    131.173 
LEU 'L-peptide linking' y LEUCINE               ? 'C6 H13 N O2'    131.173 
LYS 'L-peptide linking' y LYSINE                ? 'C6 H15 N2 O2 1' 147.195 
MET 'L-peptide linking' y METHIONINE            ? 'C5 H11 N O2 S'  149.211 
PHE 'L-peptide linking' y PHENYLALANINE         ? 'C9 H11 N O2'    165.189 
PRO 'L-peptide linking' y PROLINE               ? 'C5 H9 N O2'     115.130 
SER 'L-peptide linking' y SERINE                ? 'C3 H7 N O3'     105.093 
THR 'L-peptide linking' y THREONINE             ? 'C4 H9 N O3'     119.119 
TRP 'L-peptide linking' y TRYPTOPHAN            ? 'C11 H12 N2 O2'  204.225 
TYR 'L-peptide linking' y TYROSINE              ? 'C9 H11 N O3'    181.189 
UNX non-polymer         . 'UNKNOWN ATOM OR ION' ? ?                ?       
VAL 'L-peptide linking' y VALINE                ? 'C5 H11 N O2'    117.146 
# 
_exptl.entry_id          4HE6 
_exptl.method            'X-RAY DIFFRACTION' 
_exptl.crystals_number   1 
# 
_exptl_crystal.id                    1 
_exptl_crystal.density_meas          ? 
_exptl_crystal.density_Matthews      1.63 
_exptl_crystal.density_percent_sol   24.36 
_exptl_crystal.description           ? 
_exptl_crystal.F_000                 ? 
_exptl_crystal.preparation           ? 
# 
_exptl_crystal_grow.crystal_id      1 
_exptl_crystal_grow.method          'VAPOR DIFFUSION, SITTING DROP' 
_exptl_crystal_grow.temp            293 
_exptl_crystal_grow.temp_details    ? 
_exptl_crystal_grow.pH              4.6 
_exptl_crystal_grow.pdbx_details    
'0.1 M sodium acetate, 0.2 M ammonium acetate, 30% (w/v) PEG 4000, pH 4.6, VAPOR DIFFUSION, SITTING DROP, temperature 293K' 
_exptl_crystal_grow.pdbx_pH_range   ? 
# 
_diffrn.id                     1 
_diffrn.ambient_temp           100 
_diffrn.ambient_temp_details   ? 
_diffrn.crystal_id             1 
# 
_diffrn_detector.diffrn_id              1 
_diffrn_detector.detector               PIXEL 
_diffrn_detector.type                   'PSI PILATUS 6M' 
_diffrn_detector.pdbx_collection_date   2011-12-02 
_diffrn_detector.details                ? 
# 
_diffrn_radiation.diffrn_id                        1 
_diffrn_radiation.wavelength_id                    1 
_diffrn_radiation.pdbx_monochromatic_or_laue_m_l   M 
_diffrn_radiation.monochromator                    'Si(311)' 
_diffrn_radiation.pdbx_diffrn_protocol             'SINGLE WAVELENGTH' 
_diffrn_radiation.pdbx_scattering_type             x-ray 
# 
_diffrn_radiation_wavelength.id           1 
_diffrn_radiation_wavelength.wavelength   0.9724 
_diffrn_radiation_wavelength.wt           1.0 
# 
_diffrn_source.diffrn_id                   1 
_diffrn_source.source                      SYNCHROTRON 
_diffrn_source.type                        'ESRF BEAMLINE ID29' 
_diffrn_source.pdbx_synchrotron_site       ESRF 
_diffrn_source.pdbx_synchrotron_beamline   ID29 
_diffrn_source.pdbx_wavelength             ? 
_diffrn_source.pdbx_wavelength_list        0.9724 
# 
_reflns.entry_id                     4HE6 
_reflns.observed_criterion_sigma_I   0 
_reflns.observed_criterion_sigma_F   0 
_reflns.d_resolution_low             32.8 
_reflns.d_resolution_high            1.10 
_reflns.number_obs                   27941 
_reflns.number_all                   27941 
_reflns.percent_possible_obs         98.8 
_reflns.pdbx_Rmerge_I_obs            0.116 
_reflns.pdbx_Rsym_value              ? 
_reflns.pdbx_netI_over_sigmaI        ? 
_reflns.B_iso_Wilson_estimate        ? 
_reflns.pdbx_redundancy              ? 
_reflns.R_free_details               ? 
_reflns.limit_h_max                  ? 
_reflns.limit_h_min                  ? 
_reflns.limit_k_max                  ? 
_reflns.limit_k_min                  ? 
_reflns.limit_l_max                  ? 
_reflns.limit_l_min                  ? 
_reflns.observed_criterion_F_max     ? 
_reflns.observed_criterion_F_min     ? 
_reflns.pdbx_chi_squared             ? 
_reflns.pdbx_scaling_rejects         ? 
_reflns.pdbx_ordinal                 1 
_reflns.pdbx_diffrn_id               1 
# 
_reflns_shell.d_res_high             1.10 
_reflns_shell.d_res_low              1.16 
_reflns_shell.percent_possible_all   ? 
_reflns_shell.Rmerge_I_obs           ? 
_reflns_shell.pdbx_Rsym_value        ? 
_reflns_shell.meanI_over_sigI_obs    ? 
_reflns_shell.pdbx_redundancy        ? 
_reflns_shell.percent_possible_obs   ? 
_reflns_shell.number_unique_all      ? 
_reflns_shell.number_measured_all    ? 
_reflns_shell.number_measured_obs    ? 
_reflns_shell.number_unique_obs      ? 
_reflns_shell.pdbx_chi_squared       ? 
_reflns_shell.pdbx_ordinal           1 
_reflns_shell.pdbx_diffrn_id         1 
# 
_refine.entry_id                                 4HE6 
_refine.ls_number_reflns_obs                     27158 
_refine.ls_number_reflns_all                     27158 
_refine.pdbx_ls_sigma_I                          ? 
_refine.pdbx_ls_sigma_F                          0.0 
_refine.pdbx_data_cutoff_high_absF               ? 
_refine.pdbx_data_cutoff_low_absF                ? 
_refine.pdbx_data_cutoff_high_rms_absF           ? 
_refine.ls_d_res_low                             32 
_refine.ls_d_res_high                            1.10 
_refine.ls_percent_reflns_obs                    ? 
_refine.ls_R_factor_obs                          0.123 
_refine.ls_R_factor_all                          0.123 
_refine.ls_R_factor_R_work                       0.123 
_refine.ls_R_factor_R_free                       0.163 
_refine.ls_R_factor_R_free_error                 ? 
_refine.ls_R_factor_R_free_error_details         ? 
_refine.ls_percent_reflns_R_free                 ? 
_refine.ls_number_reflns_R_free                  734 
_refine.ls_number_parameters                     ? 
_refine.ls_number_restraints                     ? 
_refine.occupancy_min                            ? 
_refine.occupancy_max                            ? 
_refine.correlation_coeff_Fo_to_Fc               ? 
_refine.correlation_coeff_Fo_to_Fc_free          ? 
_refine.B_iso_mean                               ? 
_refine.aniso_B[1][1]                            ? 
_refine.aniso_B[2][2]                            ? 
_refine.aniso_B[3][3]                            ? 
_refine.aniso_B[1][2]                            ? 
_refine.aniso_B[1][3]                            ? 
_refine.aniso_B[2][3]                            ? 
_refine.solvent_model_details                    ? 
_refine.solvent_model_param_ksol                 ? 
_refine.solvent_model_param_bsol                 ? 
_refine.pdbx_solvent_vdw_probe_radii             ? 
_refine.pdbx_solvent_ion_probe_radii             ? 
_refine.pdbx_solvent_shrinkage_radii             ? 
_refine.pdbx_ls_cross_valid_method               THROUGHOUT 
_refine.details                                  ? 
_refine.pdbx_starting_model                      'PDB ENTRY 4HE5' 
_refine.pdbx_method_to_determine_struct          'MOLECULAR REPLACEMENT' 
_refine.pdbx_isotropic_thermal_model             ? 
_refine.pdbx_stereochemistry_target_values       'Engh & Huber' 
_refine.pdbx_stereochem_target_val_spec_case     ? 
_refine.pdbx_R_Free_selection_details            random 
_refine.pdbx_overall_ESU_R                       ? 
_refine.pdbx_overall_ESU_R_Free                  ? 
_refine.overall_SU_ML                            ? 
_refine.pdbx_overall_phase_error                 ? 
_refine.overall_SU_B                             ? 
_refine.overall_SU_R_Cruickshank_DPI             ? 
_refine.ls_redundancy_reflns_obs                 ? 
_refine.B_iso_min                                ? 
_refine.B_iso_max                                ? 
_refine.overall_SU_R_free                        ? 
_refine.ls_wR_factor_R_free                      ? 
_refine.ls_wR_factor_R_work                      ? 
_refine.overall_FOM_free_R_set                   ? 
_refine.overall_FOM_work_R_set                   ? 
_refine.pdbx_diffrn_id                           1 
_refine.pdbx_refine_id                           'X-RAY DIFFRACTION' 
_refine.pdbx_TLS_residual_ADP_flag               ? 
_refine.pdbx_overall_SU_R_free_Cruickshank_DPI   ? 
_refine.pdbx_overall_SU_R_Blow_DPI               ? 
_refine.pdbx_overall_SU_R_free_Blow_DPI          ? 
# 
_refine_hist.pdbx_refine_id                   'X-RAY DIFFRACTION' 
_refine_hist.cycle_id                         LAST 
_refine_hist.pdbx_number_atoms_protein        735 
_refine_hist.pdbx_number_atoms_nucleic_acid   0 
_refine_hist.pdbx_number_atoms_ligand         5 
_refine_hist.number_atoms_solvent             104 
_refine_hist.number_atoms_total               844 
_refine_hist.d_res_high                       1.10 
_refine_hist.d_res_low                        32 
# 
loop_
_refine_ls_restr.type 
_refine_ls_restr.dev_ideal 
_refine_ls_restr.dev_ideal_target 
_refine_ls_restr.weight 
_refine_ls_restr.number 
_refine_ls_restr.pdbx_restraint_function 
_refine_ls_restr.pdbx_refine_id 
t_bond_d    0.015 ? ? ? ? 'X-RAY DIFFRACTION' 
t_angle_deg 2.33  ? ? ? ? 'X-RAY DIFFRACTION' 
# 
_refine_ls_shell.pdbx_total_number_of_bins_used   ? 
_refine_ls_shell.d_res_high                       1.10 
_refine_ls_shell.d_res_low                        1.16 
_refine_ls_shell.number_reflns_R_work             ? 
_refine_ls_shell.R_factor_R_work                  0.123 
_refine_ls_shell.percent_reflns_obs               98.8 
_refine_ls_shell.R_factor_R_free                  0.163 
_refine_ls_shell.R_factor_R_free_error            ? 
_refine_ls_shell.percent_reflns_R_free            ? 
_refine_ls_shell.number_reflns_R_free             734 
_refine_ls_shell.number_reflns_all                ? 
_refine_ls_shell.R_factor_all                     ? 
_refine_ls_shell.number_reflns_obs                27158 
_refine_ls_shell.redundancy_reflns_obs            ? 
_refine_ls_shell.pdbx_refine_id                   'X-RAY DIFFRACTION' 
# 
_struct.entry_id                  4HE6 
_struct.title                     
'Crystal structure of the C-terminal domain of Geobacillus thermoleovorans putative U32 peptidase' 
_struct.pdbx_model_details        ? 
_struct.pdbx_CASP_flag            ? 
_struct.pdbx_model_type_details   ? 
# 
_struct_keywords.entry_id        4HE6 
_struct_keywords.pdbx_keywords   'UNKNOWN FUNCTION' 
_struct_keywords.text            'Ultra-tight crystal packing, UNKNOWN FUNCTION' 
# 
loop_
_struct_asym.id 
_struct_asym.pdbx_blank_PDB_chainid_flag 
_struct_asym.pdbx_modified 
_struct_asym.entity_id 
_struct_asym.details 
A N N 1 ? 
B N N 2 ? 
C N N 3 ? 
D N N 4 ? 
# 
_struct_biol.id        1 
_struct_biol.details   ? 
# 
_struct_conf.conf_type_id            HELX_P 
_struct_conf.id                      HELX_P1 
_struct_conf.pdbx_PDB_helix_id       1 
_struct_conf.beg_label_comp_id       THR 
_struct_conf.beg_label_asym_id       A 
_struct_conf.beg_label_seq_id        4 
_struct_conf.pdbx_beg_PDB_ins_code   ? 
_struct_conf.end_label_comp_id       PHE 
_struct_conf.end_label_asym_id       A 
_struct_conf.end_label_seq_id        8 
_struct_conf.pdbx_end_PDB_ins_code   ? 
_struct_conf.beg_auth_comp_id        THR 
_struct_conf.beg_auth_asym_id        A 
_struct_conf.beg_auth_seq_id         337 
_struct_conf.end_auth_comp_id        PHE 
_struct_conf.end_auth_asym_id        A 
_struct_conf.end_auth_seq_id         341 
_struct_conf.pdbx_PDB_helix_class    5 
_struct_conf.details                 ? 
_struct_conf.pdbx_PDB_helix_length   5 
# 
_struct_conf_type.id          HELX_P 
_struct_conf_type.criteria    ? 
_struct_conf_type.reference   ? 
# 
_struct_sheet.id               A 
_struct_sheet.type             ? 
_struct_sheet.number_strands   8 
_struct_sheet.details          ? 
# 
loop_
_struct_sheet_order.sheet_id 
_struct_sheet_order.range_id_1 
_struct_sheet_order.range_id_2 
_struct_sheet_order.offset 
_struct_sheet_order.sense 
A 1 2 ? anti-parallel 
A 2 3 ? anti-parallel 
A 3 4 ? anti-parallel 
A 4 5 ? anti-parallel 
A 5 6 ? anti-parallel 
A 6 7 ? anti-parallel 
A 7 8 ? anti-parallel 
# 
loop_
_struct_sheet_range.sheet_id 
_struct_sheet_range.id 
_struct_sheet_range.beg_label_comp_id 
_struct_sheet_range.beg_label_asym_id 
_struct_sheet_range.beg_label_seq_id 
_struct_sheet_range.pdbx_beg_PDB_ins_code 
_struct_sheet_range.end_label_comp_id 
_struct_sheet_range.end_label_asym_id 
_struct_sheet_range.end_label_seq_id 
_struct_sheet_range.pdbx_end_PDB_ins_code 
_struct_sheet_range.beg_auth_comp_id 
_struct_sheet_range.beg_auth_asym_id 
_struct_sheet_range.beg_auth_seq_id 
_struct_sheet_range.end_auth_comp_id 
_struct_sheet_range.end_auth_asym_id 
_struct_sheet_range.end_auth_seq_id 
A 1 PHE A 46 ? VAL A 49 ? PHE A 379 VAL A 382 
A 2 GLU A 35 ? PHE A 39 ? GLU A 368 PHE A 372 
A 3 MET A 84 ? LYS A 87 ? MET A 417 LYS A 420 
A 4 GLY A 10 ? ASP A 16 ? GLY A 343 ASP A 349 
A 5 ILE A 21 ? GLN A 26 ? ILE A 354 GLN A 359 
A 6 ILE A 70 ? LYS A 74 ? ILE A 403 LYS A 407 
A 7 ILE A 53 ? ASP A 55 ? ILE A 386 ASP A 388 
A 8 GLU A 60 ? LEU A 61 ? GLU A 393 LEU A 394 
# 
loop_
_pdbx_struct_sheet_hbond.sheet_id 
_pdbx_struct_sheet_hbond.range_id_1 
_pdbx_struct_sheet_hbond.range_id_2 
_pdbx_struct_sheet_hbond.range_1_label_atom_id 
_pdbx_struct_sheet_hbond.range_1_label_comp_id 
_pdbx_struct_sheet_hbond.range_1_label_asym_id 
_pdbx_struct_sheet_hbond.range_1_label_seq_id 
_pdbx_struct_sheet_hbond.range_1_PDB_ins_code 
_pdbx_struct_sheet_hbond.range_1_auth_atom_id 
_pdbx_struct_sheet_hbond.range_1_auth_comp_id 
_pdbx_struct_sheet_hbond.range_1_auth_asym_id 
_pdbx_struct_sheet_hbond.range_1_auth_seq_id 
_pdbx_struct_sheet_hbond.range_2_label_atom_id 
_pdbx_struct_sheet_hbond.range_2_label_comp_id 
_pdbx_struct_sheet_hbond.range_2_label_asym_id 
_pdbx_struct_sheet_hbond.range_2_label_seq_id 
_pdbx_struct_sheet_hbond.range_2_PDB_ins_code 
_pdbx_struct_sheet_hbond.range_2_auth_atom_id 
_pdbx_struct_sheet_hbond.range_2_auth_comp_id 
_pdbx_struct_sheet_hbond.range_2_auth_asym_id 
_pdbx_struct_sheet_hbond.range_2_auth_seq_id 
A 1 2 O PHE A 46 ? O PHE A 379 N PHE A 38 ? N PHE A 371 
A 2 3 N GLU A 37 ? N GLU A 370 O ARG A 86 ? O ARG A 419 
A 3 4 O MET A 85 ? O MET A 418 N GLY A 10 ? N GLY A 343 
A 4 5 N LEU A 13 ? N LEU A 346 O THR A 23 ? O THR A 356 
A 5 6 N VAL A 24 ? N VAL A 357 O VAL A 71 ? O VAL A 404 
A 6 7 O LYS A 72 ? O LYS A 405 N TRP A 54 ? N TRP A 387 
A 7 8 N ILE A 53 ? N ILE A 386 O LEU A 61 ? O LEU A 394 
# 
_struct_site.id                   AC1 
_struct_site.pdbx_evidence_code   Software 
_struct_site.pdbx_auth_asym_id    A 
_struct_site.pdbx_auth_comp_id    ACT 
_struct_site.pdbx_auth_seq_id     502 
_struct_site.pdbx_auth_ins_code   ? 
_struct_site.pdbx_num_residues    6 
_struct_site.details              'BINDING SITE FOR RESIDUE ACT A 502' 
# 
loop_
_struct_site_gen.id 
_struct_site_gen.site_id 
_struct_site_gen.pdbx_num_res 
_struct_site_gen.label_comp_id 
_struct_site_gen.label_asym_id 
_struct_site_gen.label_seq_id 
_struct_site_gen.pdbx_auth_ins_code 
_struct_site_gen.auth_comp_id 
_struct_site_gen.auth_asym_id 
_struct_site_gen.auth_seq_id 
_struct_site_gen.label_atom_id 
_struct_site_gen.label_alt_id 
_struct_site_gen.symmetry 
_struct_site_gen.details 
1 AC1 6 GLN A 25 ? GLN A 358 . ? 4_445 ? 
2 AC1 6 ARG A 27 ? ARG A 360 . ? 4_445 ? 
3 AC1 6 HIS A 29 ? HIS A 362 . ? 1_555 ? 
4 AC1 6 ARG A 65 ? ARG A 398 . ? 1_555 ? 
5 AC1 6 HOH D .  ? HOH A 621 . ? 4_445 ? 
6 AC1 6 HOH D .  ? HOH A 634 . ? 1_555 ? 
# 
_atom_sites.entry_id                    4HE6 
_atom_sites.fract_transf_matrix[1][1]   0.03281791 
_atom_sites.fract_transf_matrix[1][2]   0.01207750 
_atom_sites.fract_transf_matrix[1][3]   0.00411500 
_atom_sites.fract_transf_matrix[2][1]   -0.00746980 
_atom_sites.fract_transf_matrix[2][2]   0.02408002 
_atom_sites.fract_transf_matrix[2][3]   -0.01110167 
_atom_sites.fract_transf_matrix[3][1]   -0.00366055 
_atom_sites.fract_transf_matrix[3][2]   0.00523714 
_atom_sites.fract_transf_matrix[3][3]   0.01382262 
_atom_sites.fract_transf_vector[1]      0.399593 
_atom_sites.fract_transf_vector[2]      -0.000134 
_atom_sites.fract_transf_vector[3]      0.105650 
# 
loop_
_atom_type.symbol 
C 
N 
O 
S 
X 
# 
loop_
_atom_site.group_PDB 
_atom_site.id 
_atom_site.type_symbol 
_atom_site.label_atom_id 
_atom_site.label_alt_id 
_atom_site.label_comp_id 
_atom_site.label_asym_id 
_atom_site.label_entity_id 
_atom_site.label_seq_id 
_atom_site.pdbx_PDB_ins_code 
_atom_site.Cartn_x 
_atom_site.Cartn_y 
_atom_site.Cartn_z 
_atom_site.occupancy 
_atom_site.B_iso_or_equiv 
_atom_site.pdbx_formal_charge 
_atom_site.auth_seq_id 
_atom_site.auth_comp_id 
_atom_site.auth_asym_id 
_atom_site.auth_atom_id 
_atom_site.pdbx_PDB_model_num 
ATOM   1   N N   . SER A 1 1  ? -8.385  -9.590  15.839  0.61 16.65 ? 334 SER A N   1 
ATOM   2   C CA  . SER A 1 1  ? -6.997  -9.152  15.957  0.61 11.13 ? 334 SER A CA  1 
ATOM   3   C C   . SER A 1 1  ? -6.130  -9.865  14.918  0.61 14.83 ? 334 SER A C   1 
ATOM   4   O O   . SER A 1 1  ? -6.596  -10.800 14.250  0.61 23.23 ? 334 SER A O   1 
ATOM   5   C CB  . SER A 1 1  ? -6.540  -9.336  17.400  0.61 17.96 ? 334 SER A CB  1 
ATOM   6   O OG  . SER A 1 1  ? -6.983  -8.259  18.219  0.61 24.35 ? 334 SER A OG  1 
ATOM   7   N N   . LEU A 1 2  ? -4.880  -9.481  14.743  0.61 9.30  ? 335 LEU A N   1 
ATOM   8   C CA  . LEU A 1 2  ? -4.051  -9.877  13.617  0.61 9.36  ? 335 LEU A CA  1 
ATOM   9   C C   . LEU A 1 2  ? -3.421  -11.238 13.895  0.61 8.40  ? 335 LEU A C   1 
ATOM   10  O O   . LEU A 1 2  ? -2.700  -11.371 14.897  0.61 11.90 ? 335 LEU A O   1 
ATOM   11  C CB  . LEU A 1 2  ? -2.913  -8.873  13.430  0.61 8.65  ? 335 LEU A CB  1 
ATOM   12  C CG  . LEU A 1 2  ? -1.980  -9.127  12.248  0.61 8.64  ? 335 LEU A CG  1 
ATOM   13  C CD1 . LEU A 1 2  ? -2.706  -9.067  10.935  0.61 10.71 ? 335 LEU A CD1 1 
ATOM   14  C CD2 . LEU A 1 2  ? -0.817  -8.130  12.312  0.61 11.14 ? 335 LEU A CD2 1 
ATOM   15  N N   . LYS A 1 3  ? -3.701  -12.241 13.061  0.61 8.74  ? 336 LYS A N   1 
ATOM   16  C CA  . LYS A 1 3  ? -3.148  -13.584 13.280  0.61 10.12 ? 336 LYS A CA  1 
ATOM   17  C C   . LYS A 1 3  ? -2.149  -13.978 12.202  0.61 10.11 ? 336 LYS A C   1 
ATOM   18  O O   . LYS A 1 3  ? -1.181  -14.693 12.537  0.61 11.36 ? 336 LYS A O   1 
ATOM   19  C CB  . LYS A 1 3  ? -4.291  -14.593 13.390  0.61 12.76 ? 336 LYS A CB  1 
ATOM   20  C CG  . LYS A 1 3  ? -5.008  -14.434 14.747  0.61 15.84 ? 336 LYS A CG  1 
ATOM   21  C CD  . LYS A 1 3  ? -6.129  -15.426 14.862  0.61 19.50 ? 336 LYS A CD  1 
ATOM   22  C CE  . LYS A 1 3  ? -7.063  -15.145 16.014  0.61 22.83 ? 336 LYS A CE  1 
ATOM   23  N NZ  . LYS A 1 3  ? -8.226  -14.289 15.677  0.61 39.90 ? 336 LYS A NZ  1 
ATOM   24  N N   . THR A 1 4  ? -2.425  -13.610 10.956  0.61 9.46  ? 337 THR A N   1 
ATOM   25  C CA  . THR A 1 4  ? -1.594  -14.062 9.852   0.61 8.64  ? 337 THR A CA  1 
ATOM   26  C C   . THR A 1 4  ? -1.440  -13.007 8.765   0.61 8.51  ? 337 THR A C   1 
ATOM   27  O O   . THR A 1 4  ? -2.144  -12.018 8.713   0.61 9.37  ? 337 THR A O   1 
ATOM   28  C CB  . THR A 1 4  ? -2.204  -15.315 9.184   0.61 11.15 ? 337 THR A CB  1 
ATOM   29  O OG1 . THR A 1 4  ? -3.522  -14.908 8.783   0.61 20.84 ? 337 THR A OG1 1 
ATOM   30  C CG2 . THR A 1 4  ? -2.470  -16.470 10.102  0.61 11.91 ? 337 THR A CG2 1 
ATOM   31  N N   . THR A 1 5  ? -0.539  -13.291 7.857   0.61 8.51  ? 338 THR A N   1 
ATOM   32  C CA  . THR A 1 5  ? -0.291  -12.508 6.668   0.61 7.91  ? 338 THR A CA  1 
ATOM   33  C C   . THR A 1 5  ? -1.394  -12.576 5.626   0.61 7.86  ? 338 THR A C   1 
ATOM   34  O O   . THR A 1 5  ? -1.355  -11.885 4.612   0.61 10.23 ? 338 THR A O   1 
ATOM   35  C CB  . THR A 1 5  ? 1.048   -12.940 6.019   0.61 10.33 ? 338 THR A CB  1 
ATOM   36  O OG1 . THR A 1 5  ? 0.992   -14.378 6.008   0.61 8.97  ? 338 THR A OG1 1 
ATOM   37  C CG2 . THR A 1 5  ? 2.198   -12.497 6.862   0.61 10.78 ? 338 THR A CG2 1 
ATOM   38  N N   . ARG A 1 6  ? -2.438  -13.366 5.851   0.61 8.54  ? 339 ARG A N   1 
ATOM   39  C CA  . ARG A 1 6  ? -3.574  -13.374 4.923   0.61 8.09  ? 339 ARG A CA  1 
ATOM   40  C C   . ARG A 1 6  ? -4.396  -12.078 5.073   0.61 8.21  ? 339 ARG A C   1 
ATOM   41  O O   . ARG A 1 6  ? -5.195  -11.766 4.196   0.61 8.76  ? 339 ARG A O   1 
ATOM   42  C CB  . ARG A 1 6  ? -4.576  -14.475 5.176   0.61 10.57 ? 339 ARG A CB  1 
ATOM   43  C CG  . ARG A 1 6  ? -4.169  -15.908 5.221   0.61 15.14 ? 339 ARG A CG  1 
ATOM   44  C CD  . ARG A 1 6  ? -2.992  -16.559 4.535   0.61 19.89 ? 339 ARG A CD  1 
ATOM   45  N NE  . ARG A 1 6  ? -1.859  -15.853 3.858   0.61 9.96  ? 339 ARG A NE  1 
ATOM   46  C CZ  . ARG A 1 6  ? -1.170  -15.222 2.948   0.61 11.18 ? 339 ARG A CZ  1 
ATOM   47  N NH1 . ARG A 1 6  ? -1.728  -14.908 1.833   0.61 9.50  ? 339 ARG A NH1 1 
ATOM   48  N NH2 . ARG A 1 6  ? 0.127   -14.808 2.968   0.61 15.59 ? 339 ARG A NH2 1 
ATOM   49  N N   . GLU A 1 7  ? -4.261  -11.372 6.175   1.00 12.95 ? 340 GLU A N   1 
ATOM   50  C CA  . GLU A 1 7  ? -5.150  -10.300 6.592   1.00 13.48 ? 340 GLU A CA  1 
ATOM   51  C C   . GLU A 1 7  ? -4.779  -8.939  6.056   1.00 13.35 ? 340 GLU A C   1 
ATOM   52  O O   . GLU A 1 7  ? -5.384  -7.899  6.368   1.00 17.41 ? 340 GLU A O   1 
ATOM   53  C CB  . GLU A 1 7  ? -5.149  -10.254 8.160   1.00 13.71 ? 340 GLU A CB  1 
ATOM   54  C CG  . GLU A 1 7  ? -5.804  -11.518 8.725   1.00 13.62 ? 340 GLU A CG  1 
ATOM   55  C CD  . GLU A 1 7  ? -5.783  -11.504 10.233  1.00 17.68 ? 340 GLU A CD  1 
ATOM   56  O OE1 . GLU A 1 7  ? -5.325  -12.506 10.816  1.00 21.46 ? 340 GLU A OE1 1 
ATOM   57  O OE2 . GLU A 1 7  ? -6.202  -10.477 10.858  1.00 22.84 ? 340 GLU A OE2 1 
ATOM   58  N N   . PHE A 1 8  ? -3.709  -8.928  5.247   1.00 12.32 ? 341 PHE A N   1 
ATOM   59  C CA  . PHE A 1 8  ? -3.402  -7.616  4.705   1.00 11.18 ? 341 PHE A CA  1 
ATOM   60  C C   . PHE A 1 8  ? -2.624  -7.809  3.399   1.00 8.69  ? 341 PHE A C   1 
ATOM   61  O O   . PHE A 1 8  ? -2.091  -8.885  3.146   1.00 11.21 ? 341 PHE A O   1 
ATOM   62  C CB  . PHE A 1 8  ? -2.710  -6.686  5.697   1.00 15.13 ? 341 PHE A CB  1 
ATOM   63  C CG  . PHE A 1 8  ? -1.394  -7.185  6.206   1.00 14.28 ? 341 PHE A CG  1 
ATOM   64  C CD1 . PHE A 1 8  ? -1.256  -8.215  7.111   1.00 12.45 ? 341 PHE A CD1 1 
ATOM   65  C CD2 . PHE A 1 8  ? -0.212  -6.601  5.740   1.00 19.22 ? 341 PHE A CD2 1 
ATOM   66  C CE1 . PHE A 1 8  ? -0.021  -8.647  7.579   1.00 13.88 ? 341 PHE A CE1 1 
ATOM   67  C CE2 . PHE A 1 8  ? 1.007   -7.014  6.239   1.00 22.63 ? 341 PHE A CE2 1 
ATOM   68  C CZ  . PHE A 1 8  ? 1.127   -8.044  7.142   1.00 20.31 ? 341 PHE A CZ  1 
ATOM   69  N N   . ALA A 1 9  ? -2.568  -6.745  2.617   1.00 8.00  ? 342 ALA A N   1 
ATOM   70  C CA  . ALA A 1 9  ? -1.906  -6.755  1.343   1.00 7.98  ? 342 ALA A CA  1 
ATOM   71  C C   . ALA A 1 9  ? -0.621  -5.982  1.286   1.00 7.18  ? 342 ALA A C   1 
ATOM   72  O O   . ALA A 1 9  ? 0.171   -6.193  0.370   1.00 8.25  ? 342 ALA A O   1 
ATOM   73  C CB  . ALA A 1 9  ? -2.867  -6.204  0.295   1.00 14.01 ? 342 ALA A CB  1 
ATOM   74  N N   . GLY A 1 10 ? -0.392  -5.073  2.244   1.00 6.90  ? 343 GLY A N   1 
ATOM   75  C CA  . GLY A 1 10 ? 0.843   -4.334  2.229   1.00 7.25  ? 343 GLY A CA  1 
ATOM   76  C C   . GLY A 1 10 ? 1.113   -3.736  3.598   1.00 5.99  ? 343 GLY A C   1 
ATOM   77  O O   . GLY A 1 10 ? 0.195   -3.468  4.380   1.00 6.92  ? 343 GLY A O   1 
ATOM   78  N N   . LEU A 1 11 ? 2.369   -3.478  3.833   1.00 6.42  ? 344 LEU A N   1 
ATOM   79  C CA  . LEU A 1 11 ? 2.843   -2.804  5.042   1.00 6.82  ? 344 LEU A CA  1 
ATOM   80  C C   . LEU A 1 11 ? 3.520   -1.508  4.616   1.00 5.60  ? 344 LEU A C   1 
ATOM   81  O O   . LEU A 1 11 ? 4.408   -1.535  3.755   1.00 6.90  ? 344 LEU A O   1 
ATOM   82  C CB  . LEU A 1 11 ? 3.834   -3.702  5.775   1.00 7.54  ? 344 LEU A CB  1 
ATOM   83  C CG  . LEU A 1 11 ? 4.422   -3.206  7.089   1.00 7.56  ? 344 LEU A CG  1 
ATOM   84  C CD1 . LEU A 1 11 ? 3.319   -3.095  8.113   1.00 8.22  ? 344 LEU A CD1 1 
ATOM   85  C CD2 . LEU A 1 11 ? 5.495   -4.155  7.608   1.00 10.73 ? 344 LEU A CD2 1 
ATOM   86  N N   . VAL A 1 12 ? 3.094   -0.384  5.156   1.00 6.08  ? 345 VAL A N   1 
ATOM   87  C CA  . VAL A 1 12 ? 3.717   0.893   4.760   1.00 6.09  ? 345 VAL A CA  1 
ATOM   88  C C   . VAL A 1 12 ? 5.120   0.976   5.351   1.00 6.11  ? 345 VAL A C   1 
ATOM   89  O O   . VAL A 1 12 ? 5.269   0.808   6.548   1.00 7.73  ? 345 VAL A O   1 
ATOM   90  C CB  . VAL A 1 12 ? 2.850   2.075   5.243   1.00 6.98  ? 345 VAL A CB  1 
ATOM   91  C CG1 . VAL A 1 12 ? 3.501   3.394   4.864   1.00 7.36  ? 345 VAL A CG1 1 
ATOM   92  C CG2 . VAL A 1 12 ? 1.455   1.982   4.664   1.00 7.74  ? 345 VAL A CG2 1 
ATOM   93  N N   . LEU A 1 13 ? 6.118   1.211   4.511   1.00 5.90  ? 346 LEU A N   1 
ATOM   94  C CA  . LEU A 1 13 ? 7.481   1.412   4.955   1.00 6.88  ? 346 LEU A CA  1 
ATOM   95  C C   . LEU A 1 13 ? 7.816   2.901   5.083   1.00 6.84  ? 346 LEU A C   1 
ATOM   96  O O   . LEU A 1 13 ? 8.730   3.263   5.799   1.00 9.44  ? 346 LEU A O   1 
ATOM   97  C CB  . LEU A 1 13 ? 8.493   0.718   4.097   1.00 8.21  ? 346 LEU A CB  1 
ATOM   98  C CG  . LEU A 1 13 ? 8.346   -0.785  3.931   1.00 8.70  ? 346 LEU A CG  1 
ATOM   99  C CD1 . LEU A 1 13 ? 9.479   -1.282  3.056   1.00 13.24 ? 346 LEU A CD1 1 
ATOM   100 C CD2 . LEU A 1 13 ? 8.318   -1.475  5.275   1.00 11.45 ? 346 LEU A CD2 1 
ATOM   101 N N   . GLY A 1 14 ? 7.148   3.736   4.268   1.00 6.88  ? 347 GLY A N   1 
ATOM   102 C CA  . GLY A 1 14 ? 7.487   5.153   4.252   1.00 8.71  ? 347 GLY A CA  1 
ATOM   103 C C   . GLY A 1 14 ? 6.428   5.901   3.494   1.00 7.40  ? 347 GLY A C   1 
ATOM   104 O O   . GLY A 1 14 ? 5.620   5.358   2.744   1.00 7.16  ? 347 GLY A O   1 
ATOM   105 N N   . TYR A 1 15 ? 6.449   7.208   3.719   1.00 8.30  ? 348 TYR A N   1 
ATOM   106 C CA  . TYR A 1 15 ? 5.503   8.114   3.091   1.00 7.54  ? 348 TYR A CA  1 
ATOM   107 C C   . TYR A 1 15 ? 6.147   9.492   2.934   1.00 7.51  ? 348 TYR A C   1 
ATOM   108 O O   . TYR A 1 15 ? 6.654   10.008  3.900   1.00 10.30 ? 348 TYR A O   1 
ATOM   109 C CB  . TYR A 1 15 ? 4.211   8.240   3.955   1.00 8.89  ? 348 TYR A CB  1 
ATOM   110 C CG  . TYR A 1 15 ? 3.292   9.293   3.408   1.00 8.19  ? 348 TYR A CG  1 
ATOM   111 C CD1 . TYR A 1 15 ? 2.582   9.133   2.235   1.00 8.03  ? 348 TYR A CD1 1 
ATOM   112 C CD2 . TYR A 1 15 ? 3.106   10.498  4.094   1.00 8.04  ? 348 TYR A CD2 1 
ATOM   113 C CE1 . TYR A 1 15 ? 1.732   10.090  1.725   1.00 7.96  ? 348 TYR A CE1 1 
ATOM   114 C CE2 . TYR A 1 15 ? 2.267   11.498  3.584   1.00 7.44  ? 348 TYR A CE2 1 
ATOM   115 C CZ  . TYR A 1 15 ? 1.580   11.291  2.394   1.00 7.91  ? 348 TYR A CZ  1 
ATOM   116 O OH  . TYR A 1 15 ? 0.745   12.267  1.873   1.00 9.40  ? 348 TYR A OH  1 
ATOM   117 N N   . ASP A 1 16 ? 6.128   10.014  1.730   1.00 7.12  ? 349 ASP A N   1 
ATOM   118 C CA  . ASP A 1 16 ? 6.692   11.336  1.428   1.00 7.84  ? 349 ASP A CA  1 
ATOM   119 C C   . ASP A 1 16 ? 5.577   12.349  1.505   1.00 7.19  ? 349 ASP A C   1 
ATOM   120 O O   . ASP A 1 16 ? 4.729   12.382  0.613   1.00 7.08  ? 349 ASP A O   1 
ATOM   121 C CB  . ASP A 1 16 ? 7.356   11.349  0.052   1.00 9.10  ? 349 ASP A CB  1 
ATOM   122 C CG  . ASP A 1 16 ? 8.019   12.669  -0.267  1.00 10.07 ? 349 ASP A CG  1 
ATOM   123 O OD1 . ASP A 1 16 ? 7.641   13.724  0.254   1.00 12.29 ? 349 ASP A OD1 1 
ATOM   124 O OD2 . ASP A 1 16 ? 8.968   12.593  -1.093  1.00 12.58 ? 349 ASP A OD2 1 
ATOM   125 N N   . PRO A 1 17 ? 5.508   13.175  2.528   1.00 8.09  ? 350 PRO A N   1 
ATOM   126 C CA  . PRO A 1 17 ? 4.320   13.998  2.684   1.00 8.47  ? 350 PRO A CA  1 
ATOM   127 C C   . PRO A 1 17 ? 4.318   15.201  1.759   1.00 7.91  ? 350 PRO A C   1 
ATOM   128 O O   . PRO A 1 17 ? 3.274   15.861  1.629   1.00 9.62  ? 350 PRO A O   1 
ATOM   129 C CB  . PRO A 1 17 ? 4.435   14.515  4.148   1.00 11.97 ? 350 PRO A CB  1 
ATOM   130 C CG  . PRO A 1 17 ? 5.906   14.567  4.326   1.00 13.23 ? 350 PRO A CG  1 
ATOM   131 C CD  . PRO A 1 17 ? 6.470   13.359  3.628   1.00 10.29 ? 350 PRO A CD  1 
ATOM   132 N N   . GLU A 1 18 ? 5.395   15.481  1.062   1.00 6.77  ? 351 GLU A N   1 
ATOM   133 C CA  . GLU A 1 18 ? 5.412   16.524  0.070   1.00 6.96  ? 351 GLU A CA  1 
ATOM   134 C C   . GLU A 1 18 ? 4.757   16.062  -1.243  1.00 6.93  ? 351 GLU A C   1 
ATOM   135 O O   . GLU A 1 18 ? 4.093   16.859  -1.917  1.00 7.59  ? 351 GLU A O   1 
ATOM   136 C CB  . GLU A 1 18 ? 6.810   17.032  -0.184  1.00 8.19  ? 351 GLU A CB  1 
ATOM   137 C CG  . GLU A 1 18 ? 7.437   17.703  1.012   1.00 8.06  ? 351 GLU A CG  1 
ATOM   138 C CD  . GLU A 1 18 ? 6.898   19.054  1.395   1.00 11.03 ? 351 GLU A CD  1 
ATOM   139 O OE1 . GLU A 1 18 ? 6.220   19.690  0.582   1.00 12.71 ? 351 GLU A OE1 1 
ATOM   140 O OE2 . GLU A 1 18 ? 7.207   19.455  2.549   1.00 18.42 ? 351 GLU A OE2 1 
ATOM   141 N N   . THR A 1 19 ? 4.966   14.816  -1.622  1.00 6.89  ? 352 THR A N   1 
ATOM   142 C CA  . THR A 1 19 ? 4.540   14.281  -2.914  1.00 6.73  ? 352 THR A CA  1 
ATOM   143 C C   . THR A 1 19 ? 3.352   13.354  -2.809  1.00 6.22  ? 352 THR A C   1 
ATOM   144 O O   . THR A 1 19 ? 2.701   13.029  -3.820  1.00 7.44  ? 352 THR A O   1 
ATOM   145 C CB  . THR A 1 19 ? 5.663   13.582  -3.664  1.00 7.74  ? 352 THR A CB  1 
ATOM   146 O OG1 . THR A 1 19 ? 6.030   12.500  -2.870  1.00 8.58  ? 352 THR A OG1 1 
ATOM   147 C CG2 . THR A 1 19 ? 6.894   14.457  -3.846  1.00 10.69 ? 352 THR A CG2 1 
ATOM   148 N N   . GLY A 1 20 ? 3.044   12.880  -1.622  1.00 6.45  ? 353 GLY A N   1 
ATOM   149 C CA  . GLY A 1 20 ? 1.973   11.923  -1.511  1.00 6.91  ? 353 GLY A CA  1 
ATOM   150 C C   . GLY A 1 20 ? 2.339   10.490  -1.853  1.00 6.32  ? 353 GLY A C   1 
ATOM   151 O O   . GLY A 1 20 ? 1.472   9.620   -1.911  1.00 7.82  ? 353 GLY A O   1 
ATOM   152 N N   . ILE A 1 21 ? 3.571   10.182  -2.109  1.00 6.37  ? 354 ILE A N   1 
ATOM   153 C CA  . ILE A 1 21 ? 4.020   8.867   -2.545  1.00 5.92  ? 354 ILE A CA  1 
ATOM   154 C C   . ILE A 1 21 ? 4.352   8.008   -1.346  1.00 5.70  ? 354 ILE A C   1 
ATOM   155 O O   . ILE A 1 21 ? 5.193   8.356   -0.497  1.00 7.03  ? 354 ILE A O   1 
ATOM   156 C CB  A ILE A 1 21 ? 5.169   8.936   -3.560  0.76 6.81  ? 354 ILE A CB  1 
ATOM   157 C CB  B ILE A 1 21 ? 5.197   8.910   -3.537  0.24 6.58  ? 354 ILE A CB  1 
ATOM   158 C CG1 A ILE A 1 21 ? 4.645   9.603   -4.836  0.76 8.03  ? 354 ILE A CG1 1 
ATOM   159 C CG1 B ILE A 1 21 ? 5.018   9.872   -4.713  0.24 3.55  ? 354 ILE A CG1 1 
ATOM   160 C CG2 A ILE A 1 21 ? 5.750   7.545   -3.768  0.76 8.45  ? 354 ILE A CG2 1 
ATOM   161 C CG2 B ILE A 1 21 ? 5.459   7.507   -4.077  0.24 4.17  ? 354 ILE A CG2 1 
ATOM   162 C CD1 A ILE A 1 21 ? 5.796   10.104  -5.670  0.76 12.54 ? 354 ILE A CD1 1 
ATOM   163 C CD1 B ILE A 1 21 ? 3.766   9.627   -5.500  0.24 3.67  ? 354 ILE A CD1 1 
ATOM   164 N N   . ALA A 1 22 ? 3.661   6.861   -1.273  1.00 5.70  ? 355 ALA A N   1 
ATOM   165 C CA  . ALA A 1 22 ? 3.911   5.861   -0.269  1.00 6.06  ? 355 ALA A CA  1 
ATOM   166 C C   . ALA A 1 22 ? 4.843   4.758   -0.784  1.00 5.38  ? 355 ALA A C   1 
ATOM   167 O O   . ALA A 1 22 ? 4.784   4.435   -1.989  1.00 6.55  ? 355 ALA A O   1 
ATOM   168 C CB  . ALA A 1 22 ? 2.619   5.207   0.195   1.00 7.49  ? 355 ALA A CB  1 
ATOM   169 N N   . THR A 1 23 ? 5.639   4.219   0.116   1.00 6.46  ? 356 THR A N   1 
ATOM   170 C CA  . THR A 1 23 ? 6.466   3.068   -0.117  1.00 6.17  ? 356 THR A CA  1 
ATOM   171 C C   . THR A 1 23 ? 5.878   1.911   0.659   1.00 6.44  ? 356 THR A C   1 
ATOM   172 O O   . THR A 1 23 ? 5.685   2.018   1.909   1.00 7.21  ? 356 THR A O   1 
ATOM   173 C CB  . THR A 1 23 ? 7.916   3.334   0.333   1.00 7.28  ? 356 THR A CB  1 
ATOM   174 O OG1 . THR A 1 23 ? 8.405   4.459   -0.385  1.00 9.08  ? 356 THR A OG1 1 
ATOM   175 C CG2 . THR A 1 23 ? 8.800   2.123   0.073   1.00 8.74  ? 356 THR A CG2 1 
ATOM   176 N N   . VAL A 1 24 ? 5.509   0.831   -0.015  1.00 6.09  ? 357 VAL A N   1 
ATOM   177 C CA  . VAL A 1 24 ? 4.760   -0.266  0.576   1.00 6.05  ? 357 VAL A CA  1 
ATOM   178 C C   . VAL A 1 24 ? 5.445   -1.600  0.277   1.00 5.90  ? 357 VAL A C   1 
ATOM   179 O O   . VAL A 1 24 ? 5.813   -1.877  -0.850  1.00 7.69  ? 357 VAL A O   1 
ATOM   180 C CB  . VAL A 1 24 ? 3.313   -0.236  0.016   1.00 6.55  ? 357 VAL A CB  1 
ATOM   181 C CG1 . VAL A 1 24 ? 2.558   -1.480  0.477   1.00 8.60  ? 357 VAL A CG1 1 
ATOM   182 C CG2 . VAL A 1 24 ? 2.637   1.057   0.399   1.00 7.94  ? 357 VAL A CG2 1 
ATOM   183 N N   . GLN A 1 25 ? 5.570   -2.408  1.325   1.00 6.62  ? 358 GLN A N   1 
ATOM   184 C CA  . GLN A 1 25 ? 6.068   -3.772  1.183   1.00 6.68  ? 358 GLN A CA  1 
ATOM   185 C C   . GLN A 1 25 ? 4.867   -4.667  0.934   1.00 6.83  ? 358 GLN A C   1 
ATOM   186 O O   . GLN A 1 25 ? 3.975   -4.795  1.765   1.00 8.23  ? 358 GLN A O   1 
ATOM   187 C CB  . GLN A 1 25 ? 6.827   -4.163  2.427   1.00 7.89  ? 358 GLN A CB  1 
ATOM   188 C CG  . GLN A 1 25 ? 7.433   -5.575  2.402   1.00 10.86 ? 358 GLN A CG  1 
ATOM   189 C CD  . GLN A 1 25 ? 8.107   -5.899  3.718   1.00 15.62 ? 358 GLN A CD  1 
ATOM   190 O OE1 . GLN A 1 25 ? 7.404   -5.896  4.746   1.00 19.31 ? 358 GLN A OE1 1 
ATOM   191 N NE2 . GLN A 1 25 ? 9.416   -6.156  3.791   1.00 15.34 ? 358 GLN A NE2 1 
ATOM   192 N N   . GLN A 1 26 ? 4.830   -5.272  -0.238  1.00 7.26  ? 359 GLN A N   1 
ATOM   193 C CA  . GLN A 1 26 ? 3.712   -6.140  -0.612  1.00 7.14  ? 359 GLN A CA  1 
ATOM   194 C C   . GLN A 1 26 ? 3.673   -7.368  0.274   1.00 7.65  ? 359 GLN A C   1 
ATOM   195 O O   . GLN A 1 26 ? 4.710   -7.937  0.610   1.00 8.50  ? 359 GLN A O   1 
ATOM   196 C CB  . GLN A 1 26 ? 3.863   -6.538  -2.073  1.00 8.84  ? 359 GLN A CB  1 
ATOM   197 C CG  . GLN A 1 26 ? 2.667   -7.269  -2.700  1.00 8.15  ? 359 GLN A CG  1 
ATOM   198 C CD  . GLN A 1 26 ? 2.759   -8.763  -2.637  1.00 10.39 ? 359 GLN A CD  1 
ATOM   199 O OE1 . GLN A 1 26 ? 3.281   -9.353  -1.704  1.00 12.92 ? 359 GLN A OE1 1 
ATOM   200 N NE2 . GLN A 1 26 ? 2.209   -9.422  -3.669  1.00 9.06  ? 359 GLN A NE2 1 
ATOM   201 N N   . ARG A 1 27 ? 2.465   -7.762  0.629   1.00 7.27  ? 360 ARG A N   1 
ATOM   202 C CA  . ARG A 1 27 ? 2.260   -9.063  1.244   1.00 8.14  ? 360 ARG A CA  1 
ATOM   203 C C   . ARG A 1 27 ? 1.344   -9.969  0.436   1.00 8.08  ? 360 ARG A C   1 
ATOM   204 O O   . ARG A 1 27 ? 1.516   -11.175 0.518   1.00 9.24  ? 360 ARG A O   1 
ATOM   205 C CB  A ARG A 1 27 ? 1.805   -8.867  2.713   0.54 8.12  ? 360 ARG A CB  1 
ATOM   206 C CB  B ARG A 1 27 ? 1.456   -8.902  2.559   0.46 9.72  ? 360 ARG A CB  1 
ATOM   207 C CG  A ARG A 1 27 ? 2.390   -9.893  3.667   0.54 8.29  ? 360 ARG A CG  1 
ATOM   208 C CG  B ARG A 1 27 ? 2.323   -8.030  3.437   0.46 11.77 ? 360 ARG A CG  1 
ATOM   209 C CD  A ARG A 1 27 ? 3.904   -9.930  3.708   0.54 10.07 ? 360 ARG A CD  1 
ATOM   210 C CD  B ARG A 1 27 ? 3.581   -8.816  3.696   0.46 12.95 ? 360 ARG A CD  1 
ATOM   211 N NE  A ARG A 1 27 ? 4.477   -10.582 4.857   0.54 10.46 ? 360 ARG A NE  1 
ATOM   212 N NE  B ARG A 1 27 ? 4.398   -8.152  4.653   0.46 14.68 ? 360 ARG A NE  1 
ATOM   213 C CZ  A ARG A 1 27 ? 4.924   -10.079 5.995   0.54 9.34  ? 360 ARG A CZ  1 
ATOM   214 C CZ  B ARG A 1 27 ? 4.571   -8.403  5.941   0.46 17.24 ? 360 ARG A CZ  1 
ATOM   215 N NH1 A ARG A 1 27 ? 4.925   -8.762  6.239   0.54 9.41  ? 360 ARG A NH1 1 
ATOM   216 N NH1 B ARG A 1 27 ? 3.926   -9.387  6.553   0.46 22.27 ? 360 ARG A NH1 1 
ATOM   217 N NH2 A ARG A 1 27 ? 5.421   -10.869 6.913   0.54 8.91  ? 360 ARG A NH2 1 
ATOM   218 N NH2 B ARG A 1 27 ? 5.423   -7.579  6.540   0.46 16.11 ? 360 ARG A NH2 1 
ATOM   219 N N   . ASN A 1 28 ? 0.392   -9.396  -0.271  1.00 7.74  ? 361 ASN A N   1 
ATOM   220 C CA  . ASN A 1 28 ? -0.482  -10.189 -1.168  1.00 7.63  ? 361 ASN A CA  1 
ATOM   221 C C   . ASN A 1 28 ? -0.792  -9.345  -2.404  1.00 7.69  ? 361 ASN A C   1 
ATOM   222 O O   . ASN A 1 28 ? -0.692  -8.121  -2.363  1.00 7.92  ? 361 ASN A O   1 
ATOM   223 C CB  . ASN A 1 28 ? -1.750  -10.644 -0.462  1.00 8.07  ? 361 ASN A CB  1 
ATOM   224 C CG  . ASN A 1 28 ? -1.497  -11.684 0.585   1.00 8.55  ? 361 ASN A CG  1 
ATOM   225 O OD1 . ASN A 1 28 ? -1.257  -12.865 0.267   1.00 9.12  ? 361 ASN A OD1 1 
ATOM   226 N ND2 . ASN A 1 28 ? -1.476  -11.295 1.834   1.00 9.27  ? 361 ASN A ND2 1 
ATOM   227 N N   . HIS A 1 29 ? -1.210  -10.005 -3.462  1.00 8.42  ? 362 HIS A N   1 
ATOM   228 C CA  . HIS A 1 29 ? -1.374  -9.356  -4.754  1.00 8.82  ? 362 HIS A CA  1 
ATOM   229 C C   . HIS A 1 29 ? -2.313  -8.142  -4.696  1.00 7.41  ? 362 HIS A C   1 
ATOM   230 O O   . HIS A 1 29 ? -3.412  -8.202  -4.172  1.00 9.54  ? 362 HIS A O   1 
ATOM   231 C CB  . HIS A 1 29 ? -2.044  -10.375 -5.698  1.00 11.68 ? 362 HIS A CB  1 
ATOM   232 C CG  . HIS A 1 29 ? -2.138  -10.022 -7.116  1.00 9.69  ? 362 HIS A CG  1 
ATOM   233 N ND1 . HIS A 1 29 ? -2.966  -9.064  -7.651  1.00 10.60 ? 362 HIS A ND1 1 
ATOM   234 C CD2 . HIS A 1 29 ? -1.441  -10.555 -8.158  1.00 10.99 ? 362 HIS A CD2 1 
ATOM   235 C CE1 . HIS A 1 29 ? -2.785  -9.027  -8.955  1.00 11.09 ? 362 HIS A CE1 1 
ATOM   236 N NE2 . HIS A 1 29 ? -1.876  -9.902  -9.281  1.00 10.90 ? 362 HIS A NE2 1 
ATOM   237 N N   . PHE A 1 30 ? -1.897  -7.061  -5.357  1.00 6.46  ? 363 PHE A N   1 
ATOM   238 C CA  . PHE A 1 30 ? -2.774  -5.962  -5.622  1.00 6.76  ? 363 PHE A CA  1 
ATOM   239 C C   . PHE A 1 30 ? -2.296  -5.288  -6.925  1.00 6.75  ? 363 PHE A C   1 
ATOM   240 O O   . PHE A 1 30 ? -1.158  -5.492  -7.364  1.00 7.97  ? 363 PHE A O   1 
ATOM   241 C CB  . PHE A 1 30 ? -2.839  -4.944  -4.476  1.00 6.94  ? 363 PHE A CB  1 
ATOM   242 C CG  . PHE A 1 30 ? -1.540  -4.303  -4.071  1.00 6.79  ? 363 PHE A CG  1 
ATOM   243 C CD1 . PHE A 1 30 ? -1.158  -3.097  -4.661  1.00 7.86  ? 363 PHE A CD1 1 
ATOM   244 C CD2 . PHE A 1 30 ? -0.733  -4.853  -3.130  1.00 7.33  ? 363 PHE A CD2 1 
ATOM   245 C CE1 . PHE A 1 30 ? -0.006  -2.459  -4.239  1.00 9.21  ? 363 PHE A CE1 1 
ATOM   246 C CE2 . PHE A 1 30 ? 0.428   -4.245  -2.704  1.00 8.04  ? 363 PHE A CE2 1 
ATOM   247 C CZ  . PHE A 1 30 ? 0.804   -3.050  -3.288  1.00 8.55  ? 363 PHE A CZ  1 
ATOM   248 N N   . ARG A 1 31 ? -3.203  -4.529  -7.551  1.00 7.09  ? 364 ARG A N   1 
ATOM   249 C CA  . ARG A 1 31 ? -2.869  -3.986  -8.884  1.00 7.80  ? 364 ARG A CA  1 
ATOM   250 C C   . ARG A 1 31 ? -3.640  -2.704  -9.072  1.00 7.03  ? 364 ARG A C   1 
ATOM   251 O O   . ARG A 1 31 ? -4.622  -2.396  -8.380  1.00 7.47  ? 364 ARG A O   1 
ATOM   252 C CB  . ARG A 1 31 ? -3.229  -4.991  -9.944  1.00 8.35  ? 364 ARG A CB  1 
ATOM   253 C CG  . ARG A 1 31 ? -4.711  -5.190  -10.159 1.00 9.77  ? 364 ARG A CG  1 
ATOM   254 C CD  . ARG A 1 31 ? -5.025  -6.220  -11.241 1.00 14.17 ? 364 ARG A CD  1 
ATOM   255 N NE  . ARG A 1 31 ? -6.480  -6.362  -11.335 1.00 18.46 ? 364 ARG A NE  1 
ATOM   256 C CZ  . ARG A 1 31 ? -7.118  -7.450  -11.706 1.00 23.97 ? 364 ARG A CZ  1 
ATOM   257 N NH1 . ARG A 1 31 ? -6.484  -8.577  -12.045 1.00 32.27 ? 364 ARG A NH1 1 
ATOM   258 N NH2 . ARG A 1 31 ? -8.459  -7.461  -11.752 1.00 33.15 ? 364 ARG A NH2 1 
ATOM   259 N N   . PRO A 1 32 ? -3.216  -1.931  -10.076 1.00 7.54  ? 365 PRO A N   1 
ATOM   260 C CA  . PRO A 1 32 ? -3.972  -0.692  -10.407 1.00 7.90  ? 365 PRO A CA  1 
ATOM   261 C C   . PRO A 1 32 ? -5.431  -0.990  -10.687 1.00 7.34  ? 365 PRO A C   1 
ATOM   262 O O   . PRO A 1 32 ? -5.780  -1.976  -11.347 1.00 8.06  ? 365 PRO A O   1 
ATOM   263 C CB  . PRO A 1 32 ? -3.194  -0.103  -11.598 1.00 8.58  ? 365 PRO A CB  1 
ATOM   264 C CG  . PRO A 1 32 ? -1.812  -0.617  -11.403 1.00 8.95  ? 365 PRO A CG  1 
ATOM   265 C CD  . PRO A 1 32 ? -2.015  -2.062  -10.908 1.00 9.17  ? 365 PRO A CD  1 
ATOM   266 N N   . GLY A 1 33 ? -6.284  -0.111  -10.176 1.00 7.58  ? 366 GLY A N   1 
ATOM   267 C CA  . GLY A 1 33 ? -7.708  -0.258  -10.248 1.00 8.68  ? 366 GLY A CA  1 
ATOM   268 C C   . GLY A 1 33 ? -8.329  -0.906  -9.052  1.00 8.02  ? 366 GLY A C   1 
ATOM   269 O O   . GLY A 1 33 ? -9.552  -0.806  -8.860  1.00 9.24  ? 366 GLY A O   1 
ATOM   270 N N   . ASP A 1 34 ? -7.524  -1.581  -8.220  1.00 7.43  ? 367 ASP A N   1 
ATOM   271 C CA  . ASP A 1 34 ? -8.049  -2.193  -7.024  1.00 6.84  ? 367 ASP A CA  1 
ATOM   272 C C   . ASP A 1 34 ? -8.388  -1.110  -6.000  1.00 6.83  ? 367 ASP A C   1 
ATOM   273 O O   . ASP A 1 34 ? -7.722  -0.074  -5.905  1.00 7.71  ? 367 ASP A O   1 
ATOM   274 C CB  . ASP A 1 34 ? -7.018  -3.139  -6.396  1.00 7.91  ? 367 ASP A CB  1 
ATOM   275 C CG  . ASP A 1 34 ? -6.789  -4.443  -7.075  1.00 8.37  ? 367 ASP A CG  1 
ATOM   276 O OD1 . ASP A 1 34 ? -7.591  -4.762  -7.983  1.00 11.41 ? 367 ASP A OD1 1 
ATOM   277 O OD2 . ASP A 1 34 ? -5.841  -5.157  -6.689  1.00 8.87  ? 367 ASP A OD2 1 
ATOM   278 N N   . GLU A 1 35 ? -9.391  -1.429  -5.178  1.00 7.21  ? 368 GLU A N   1 
ATOM   279 C CA  . GLU A 1 35 ? -9.681  -0.625  -4.007  1.00 7.30  ? 368 GLU A CA  1 
ATOM   280 C C   . GLU A 1 35 ? -8.978  -1.211  -2.786  1.00 6.64  ? 368 GLU A C   1 
ATOM   281 O O   . GLU A 1 35 ? -9.058  -2.430  -2.537  1.00 7.77  ? 368 GLU A O   1 
ATOM   282 C CB  . GLU A 1 35 ? -11.170 -0.577  -3.722  1.00 8.00  ? 368 GLU A CB  1 
ATOM   283 C CG  . GLU A 1 35 ? -11.569 0.597   -2.848  1.00 8.45  ? 368 GLU A CG  1 
ATOM   284 C CD  . GLU A 1 35 ? -11.532 1.920   -3.539  1.00 9.35  ? 368 GLU A CD  1 
ATOM   285 O OE1 . GLU A 1 35 ? -11.687 2.948   -2.819  1.00 11.11 ? 368 GLU A OE1 1 
ATOM   286 O OE2 . GLU A 1 35 ? -11.345 1.957   -4.767  1.00 10.09 ? 368 GLU A OE2 1 
ATOM   287 N N   . VAL A 1 36 ? -8.349  -0.332  -2.009  1.00 6.21  ? 369 VAL A N   1 
ATOM   288 C CA  . VAL A 1 36 ? -7.648  -0.701  -0.801  1.00 6.20  ? 369 VAL A CA  1 
ATOM   289 C C   . VAL A 1 36 ? -8.101  0.164   0.345   1.00 5.99  ? 369 VAL A C   1 
ATOM   290 O O   . VAL A 1 36 ? -8.637  1.240   0.165   1.00 7.53  ? 369 VAL A O   1 
ATOM   291 C CB  . VAL A 1 36 ? -6.102  -0.649  -0.981  1.00 7.12  ? 369 VAL A CB  1 
ATOM   292 C CG1 . VAL A 1 36 ? -5.659  -1.592  -2.076  1.00 8.36  ? 369 VAL A CG1 1 
ATOM   293 C CG2 . VAL A 1 36 ? -5.658  0.760   -1.249  1.00 7.75  ? 369 VAL A CG2 1 
ATOM   294 N N   . GLU A 1 37 ? -7.837  -0.295  1.541   1.00 7.13  ? 370 GLU A N   1 
ATOM   295 C CA  . GLU A 1 37 ? -8.029  0.458   2.770   1.00 6.50  ? 370 GLU A CA  1 
ATOM   296 C C   . GLU A 1 37 ? -6.740  0.503   3.527   1.00 5.82  ? 370 GLU A C   1 
ATOM   297 O O   . GLU A 1 37 ? -6.101  -0.537  3.750   1.00 6.96  ? 370 GLU A O   1 
ATOM   298 C CB  . GLU A 1 37 ? -9.127  -0.196  3.642   1.00 7.87  ? 370 GLU A CB  1 
ATOM   299 C CG  . GLU A 1 37 ? -9.512  0.698   4.822   1.00 10.25 ? 370 GLU A CG  1 
ATOM   300 C CD  . GLU A 1 37 ? -10.507 0.078   5.754   1.00 13.01 ? 370 GLU A CD  1 
ATOM   301 O OE1 . GLU A 1 37 ? -11.415 0.810   6.211   1.00 18.12 ? 370 GLU A OE1 1 
ATOM   302 O OE2 . GLU A 1 37 ? -10.439 -1.114  6.072   1.00 17.20 ? 370 GLU A OE2 1 
ATOM   303 N N   . PHE A 1 38 ? -6.350  1.693   3.955   1.00 5.95  ? 371 PHE A N   1 
ATOM   304 C CA  . PHE A 1 38 ? -5.260  1.875   4.879   1.00 5.48  ? 371 PHE A CA  1 
ATOM   305 C C   . PHE A 1 38 ? -5.822  1.987   6.280   1.00 5.59  ? 371 PHE A C   1 
ATOM   306 O O   . PHE A 1 38 ? -6.862  2.598   6.514   1.00 6.67  ? 371 PHE A O   1 
ATOM   307 C CB  . PHE A 1 38 ? -4.446  3.134   4.529   1.00 5.91  ? 371 PHE A CB  1 
ATOM   308 C CG  . PHE A 1 38 ? -3.634  2.952   3.272   1.00 5.92  ? 371 PHE A CG  1 
ATOM   309 C CD1 . PHE A 1 38 ? -4.093  3.432   2.025   1.00 7.68  ? 371 PHE A CD1 1 
ATOM   310 C CD2 . PHE A 1 38 ? -2.431  2.271   3.343   1.00 6.54  ? 371 PHE A CD2 1 
ATOM   311 C CE1 . PHE A 1 38 ? -3.275  3.221   0.922   1.00 7.38  ? 371 PHE A CE1 1 
ATOM   312 C CE2 . PHE A 1 38 ? -1.651  2.106   2.203   1.00 6.51  ? 371 PHE A CE2 1 
ATOM   313 C CZ  . PHE A 1 38 ? -2.064  2.584   0.984   1.00 7.30  ? 371 PHE A CZ  1 
ATOM   314 N N   . PHE A 1 39 ? -5.091  1.354   7.231   1.00 5.97  ? 372 PHE A N   1 
ATOM   315 C CA  . PHE A 1 39 ? -5.590  1.289   8.611   1.00 6.68  ? 372 PHE A CA  1 
ATOM   316 C C   . PHE A 1 39 ? -4.436  1.207   9.576   1.00 6.20  ? 372 PHE A C   1 
ATOM   317 O O   . PHE A 1 39 ? -3.262  1.048   9.201   1.00 7.08  ? 372 PHE A O   1 
ATOM   318 C CB  . PHE A 1 39 ? -6.547  0.108   8.746   1.00 7.84  ? 372 PHE A CB  1 
ATOM   319 C CG  . PHE A 1 39 ? -5.963  -1.267  8.573   1.00 7.57  ? 372 PHE A CG  1 
ATOM   320 C CD1 . PHE A 1 39 ? -5.675  -2.072  9.674   1.00 9.05  ? 372 PHE A CD1 1 
ATOM   321 C CD2 . PHE A 1 39 ? -5.705  -1.776  7.310   1.00 7.26  ? 372 PHE A CD2 1 
ATOM   322 C CE1 . PHE A 1 39 ? -5.179  -3.340  9.501   1.00 9.47  ? 372 PHE A CE1 1 
ATOM   323 C CE2 . PHE A 1 39 ? -5.202  -3.062  7.144   1.00 7.97  ? 372 PHE A CE2 1 
ATOM   324 C CZ  . PHE A 1 39 ? -4.933  -3.859  8.227   1.00 9.32  ? 372 PHE A CZ  1 
ATOM   325 N N   . GLY A 1 40 ? -4.796  1.344   10.825  1.00 7.01  ? 373 GLY A N   1 
ATOM   326 C CA  . GLY A 1 40 ? -3.878  1.296   11.948  1.00 8.04  ? 373 GLY A CA  1 
ATOM   327 C C   . GLY A 1 40 ? -4.042  2.518   12.836  1.00 7.09  ? 373 GLY A C   1 
ATOM   328 O O   . GLY A 1 40 ? -4.713  3.476   12.529  1.00 7.43  ? 373 GLY A O   1 
ATOM   329 N N   . PRO A 1 41 ? -3.380  2.455   13.998  1.00 7.72  ? 374 PRO A N   1 
ATOM   330 C CA  . PRO A 1 41 ? -3.514  3.532   14.917  1.00 10.83 ? 374 PRO A CA  1 
ATOM   331 C C   . PRO A 1 41 ? -2.847  4.795   14.272  1.00 10.88 ? 374 PRO A C   1 
ATOM   332 O O   . PRO A 1 41 ? -1.908  4.686   13.473  1.00 12.88 ? 374 PRO A O   1 
ATOM   333 C CB  . PRO A 1 41 ? -2.811  3.074   16.192  1.00 14.42 ? 374 PRO A CB  1 
ATOM   334 C CG  . PRO A 1 41 ? -1.967  1.952   15.753  1.00 13.77 ? 374 PRO A CG  1 
ATOM   335 C CD  . PRO A 1 41 ? -2.556  1.369   14.508  1.00 9.60  ? 374 PRO A CD  1 
ATOM   336 N N   . GLU A 1 42 ? -3.386  5.865   14.739  1.00 12.15 ? 375 GLU A N   1 
ATOM   337 C CA  . GLU A 1 42 ? -2.859  7.216   14.480  1.00 11.82 ? 375 GLU A CA  1 
ATOM   338 C C   . GLU A 1 42 ? -3.374  7.787   13.164  1.00 10.08 ? 375 GLU A C   1 
ATOM   339 O O   . GLU A 1 42 ? -3.108  8.944   12.905  1.00 11.12 ? 375 GLU A O   1 
ATOM   340 C CB  . GLU A 1 42 ? -1.320  7.394   14.567  1.00 16.38 ? 375 GLU A CB  1 
ATOM   341 C CG  . GLU A 1 42 ? -0.690  6.758   15.809  1.00 20.07 ? 375 GLU A CG  1 
ATOM   342 C CD  . GLU A 1 42 ? 0.735   7.116   16.070  1.00 22.95 ? 375 GLU A CD  1 
ATOM   343 O OE1 . GLU A 1 42 ? 0.982   8.336   16.275  1.00 33.73 ? 375 GLU A OE1 1 
ATOM   344 O OE2 . GLU A 1 42 ? 1.640   6.261   16.122  1.00 35.11 ? 375 GLU A OE2 1 
ATOM   345 N N   . ILE A 1 43 ? -4.112  6.990   12.375  1.00 9.15  ? 376 ILE A N   1 
ATOM   346 C CA  . ILE A 1 43 ? -4.854  7.500   11.236  1.00 7.78  ? 376 ILE A CA  1 
ATOM   347 C C   . ILE A 1 43 ? -6.326  7.115   11.331  1.00 7.33  ? 376 ILE A C   1 
ATOM   348 O O   . ILE A 1 43 ? -6.654  6.019   11.834  1.00 7.59  ? 376 ILE A O   1 
ATOM   349 C CB  . ILE A 1 43 ? -4.314  7.049   9.851   1.00 8.12  ? 376 ILE A CB  1 
ATOM   350 C CG1 . ILE A 1 43 ? -4.395  5.521   9.634   1.00 8.88  ? 376 ILE A CG1 1 
ATOM   351 C CG2 . ILE A 1 43 ? -2.915  7.562   9.603   1.00 10.35 ? 376 ILE A CG2 1 
ATOM   352 C CD1 . ILE A 1 43 ? -4.102  5.122   8.207   1.00 10.00 ? 376 ILE A CD1 1 
ATOM   353 N N   . GLU A 1 44 ? -7.196  7.977   10.803  1.00 6.92  ? 377 GLU A N   1 
ATOM   354 C CA  . GLU A 1 44 ? -8.517  7.510   10.428  1.00 6.98  ? 377 GLU A CA  1 
ATOM   355 C C   . GLU A 1 44 ? -8.355  6.577   9.228   1.00 6.66  ? 377 GLU A C   1 
ATOM   356 O O   . GLU A 1 44 ? -7.721  6.969   8.237   1.00 7.75  ? 377 GLU A O   1 
ATOM   357 C CB  . GLU A 1 44 ? -9.480  8.661   10.117  1.00 7.64  ? 377 GLU A CB  1 
ATOM   358 C CG  . GLU A 1 44 ? -10.873 8.142   9.724   1.00 8.17  ? 377 GLU A CG  1 
ATOM   359 C CD  . GLU A 1 44 ? -11.819 9.233   9.323   1.00 10.14 ? 377 GLU A CD  1 
ATOM   360 O OE1 . GLU A 1 44 ? -11.419 10.110  8.555   1.00 14.18 ? 377 GLU A OE1 1 
ATOM   361 O OE2 . GLU A 1 44 ? -12.988 9.150   9.790   1.00 15.21 ? 377 GLU A OE2 1 
ATOM   362 N N   . ASN A 1 45 ? -8.903  5.395   9.288   1.00 6.64  ? 378 ASN A N   1 
ATOM   363 C CA  . ASN A 1 45 ? -8.812  4.488   8.148   1.00 6.66  ? 378 ASN A CA  1 
ATOM   364 C C   . ASN A 1 45 ? -9.484  5.102   6.951   1.00 7.17  ? 378 ASN A C   1 
ATOM   365 O O   . ASN A 1 45 ? -10.495 5.817   7.075   1.00 8.63  ? 378 ASN A O   1 
ATOM   366 C CB  . ASN A 1 45 ? -9.516  3.176   8.503   1.00 7.41  ? 378 ASN A CB  1 
ATOM   367 C CG  . ASN A 1 45 ? -8.936  2.428   9.662   1.00 7.18  ? 378 ASN A CG  1 
ATOM   368 O OD1 . ASN A 1 45 ? -7.894  2.800   10.233  1.00 7.88  ? 378 ASN A OD1 1 
ATOM   369 N ND2 . ASN A 1 45 ? -9.605  1.367   10.056  1.00 8.99  ? 378 ASN A ND2 1 
ATOM   370 N N   . PHE A 1 46 ? -8.951  4.820   5.758   1.00 6.71  ? 379 PHE A N   1 
ATOM   371 C CA  . PHE A 1 46 ? -9.523  5.393   4.550   1.00 7.48  ? 379 PHE A CA  1 
ATOM   372 C C   . PHE A 1 46 ? -9.289  4.456   3.377   1.00 6.76  ? 379 PHE A C   1 
ATOM   373 O O   . PHE A 1 46 ? -8.376  3.615   3.373   1.00 6.86  ? 379 PHE A O   1 
ATOM   374 C CB  . PHE A 1 46 ? -8.951  6.790   4.252   1.00 8.09  ? 379 PHE A CB  1 
ATOM   375 C CG  . PHE A 1 46 ? -7.509  6.794   3.831   1.00 7.54  ? 379 PHE A CG  1 
ATOM   376 C CD1 . PHE A 1 46 ? -7.111  6.759   2.499   1.00 8.40  ? 379 PHE A CD1 1 
ATOM   377 C CD2 . PHE A 1 46 ? -6.508  6.851   4.804   1.00 7.53  ? 379 PHE A CD2 1 
ATOM   378 C CE1 . PHE A 1 46 ? -5.759  6.751   2.143   1.00 9.08  ? 379 PHE A CE1 1 
ATOM   379 C CE2 . PHE A 1 46 ? -5.165  6.876   4.449   1.00 7.53  ? 379 PHE A CE2 1 
ATOM   380 C CZ  . PHE A 1 46 ? -4.794  6.855   3.143   1.00 8.48  ? 379 PHE A CZ  1 
ATOM   381 N N   . THR A 1 47 ? -10.154 4.594   2.390   1.00 7.69  ? 380 THR A N   1 
ATOM   382 C CA  . THR A 1 47 ? -10.073 3.791   1.185   1.00 7.21  ? 380 THR A CA  1 
ATOM   383 C C   . THR A 1 47 ? -9.638  4.626   -0.002  1.00 6.16  ? 380 THR A C   1 
ATOM   384 O O   . THR A 1 47 ? -9.854  5.848   -0.018  1.00 8.23  ? 380 THR A O   1 
ATOM   385 C CB  . THR A 1 47 ? -11.416 3.101   0.849   1.00 8.85  ? 380 THR A CB  1 
ATOM   386 O OG1 . THR A 1 47 ? -12.421 4.110   0.708   1.00 12.09 ? 380 THR A OG1 1 
ATOM   387 C CG2 . THR A 1 47 ? -11.802 2.127   1.932   1.00 13.34 ? 380 THR A CG2 1 
ATOM   388 N N   . GLN A 1 48 ? -9.061  3.975   -0.979  1.00 6.13  ? 381 GLN A N   1 
ATOM   389 C CA  . GLN A 1 48 ? -8.714  4.631   -2.240  1.00 6.61  ? 381 GLN A CA  1 
ATOM   390 C C   . GLN A 1 48 ? -8.560  3.572   -3.316  1.00 5.92  ? 381 GLN A C   1 
ATOM   391 O O   . GLN A 1 48 ? -8.383  2.376   -3.057  1.00 6.42  ? 381 GLN A O   1 
ATOM   392 C CB  . GLN A 1 48 ? -7.422  5.433   -2.144  1.00 6.77  ? 381 GLN A CB  1 
ATOM   393 C CG  . GLN A 1 48 ? -6.183  4.574   -2.017  1.00 6.88  ? 381 GLN A CG  1 
ATOM   394 C CD  . GLN A 1 48 ? -4.938  5.403   -2.149  1.00 6.38  ? 381 GLN A CD  1 
ATOM   395 O OE1 . GLN A 1 48 ? -4.594  6.140   -1.237  1.00 7.72  ? 381 GLN A OE1 1 
ATOM   396 N NE2 . GLN A 1 48 ? -4.256  5.251   -3.284  1.00 7.56  ? 381 GLN A NE2 1 
ATOM   397 N N   . VAL A 1 49 ? -8.545  4.072   -4.564  1.00 6.31  ? 382 VAL A N   1 
ATOM   398 C CA  . VAL A 1 49 ? -8.123  3.264   -5.709  1.00 5.76  ? 382 VAL A CA  1 
ATOM   399 C C   . VAL A 1 49 ? -6.633  3.389   -5.850  1.00 5.49  ? 382 VAL A C   1 
ATOM   400 O O   . VAL A 1 49 ? -6.020  4.441   -5.629  1.00 7.04  ? 382 VAL A O   1 
ATOM   401 C CB  . VAL A 1 49 ? -8.855  3.704   -7.015  1.00 6.65  ? 382 VAL A CB  1 
ATOM   402 C CG1 . VAL A 1 49 ? -8.509  5.125   -7.447  1.00 8.21  ? 382 VAL A CG1 1 
ATOM   403 C CG2 . VAL A 1 49 ? -8.576  2.695   -8.109  1.00 7.67  ? 382 VAL A CG2 1 
ATOM   404 N N   . ILE A 1 50 ? -5.982  2.308   -6.235  1.00 6.67  ? 383 ILE A N   1 
ATOM   405 C CA  . ILE A 1 50 ? -4.581  2.304   -6.633  1.00 6.86  ? 383 ILE A CA  1 
ATOM   406 C C   . ILE A 1 50 ? -4.487  2.725   -8.076  1.00 6.10  ? 383 ILE A C   1 
ATOM   407 O O   . ILE A 1 50 ? -5.056  2.074   -8.958  1.00 7.33  ? 383 ILE A O   1 
ATOM   408 C CB  . ILE A 1 50 ? -3.946  0.913   -6.472  1.00 9.60  ? 383 ILE A CB  1 
ATOM   409 C CG1 . ILE A 1 50 ? -4.142  0.311   -5.049  1.00 14.54 ? 383 ILE A CG1 1 
ATOM   410 C CG2 . ILE A 1 50 ? -2.507  0.950   -6.993  1.00 13.62 ? 383 ILE A CG2 1 
ATOM   411 C CD1 . ILE A 1 50 ? -3.118  0.705   -4.108  1.00 22.69 ? 383 ILE A CD1 1 
ATOM   412 N N   . GLU A 1 51 ? -3.844  3.848   -8.373  1.00 6.89  ? 384 GLU A N   1 
ATOM   413 C CA  . GLU A 1 51 ? -3.849  4.389   -9.717  1.00 8.36  ? 384 GLU A CA  1 
ATOM   414 C C   . GLU A 1 51 ? -2.847  3.748   -10.648 1.00 7.82  ? 384 GLU A C   1 
ATOM   415 O O   . GLU A 1 51 ? -3.078  3.618   -11.843 1.00 9.75  ? 384 GLU A O   1 
ATOM   416 C CB  A GLU A 1 51 ? -3.527  5.880   -9.732  0.51 8.28  ? 384 GLU A CB  1 
ATOM   417 C CB  B GLU A 1 51 ? -3.552  5.891   -9.668  0.49 10.02 ? 384 GLU A CB  1 
ATOM   418 C CG  A GLU A 1 51 ? -4.768  6.700   -9.466  0.51 13.63 ? 384 GLU A CG  1 
ATOM   419 C CG  B GLU A 1 51 ? -4.516  6.760   -8.887  0.49 9.22  ? 384 GLU A CG  1 
ATOM   420 C CD  A GLU A 1 51 ? -4.601  8.169   -9.780  0.51 17.50 ? 384 GLU A CD  1 
ATOM   421 C CD  B GLU A 1 51 ? -3.872  8.051   -8.370  0.49 14.07 ? 384 GLU A CD  1 
ATOM   422 O OE1 A GLU A 1 51 ? -4.183  8.838   -8.817  0.51 13.91 ? 384 GLU A OE1 1 
ATOM   423 O OE1 B GLU A 1 51 ? -3.521  8.082   -7.155  0.49 18.92 ? 384 GLU A OE1 1 
ATOM   424 O OE2 A GLU A 1 51 ? -4.907  8.632   -10.910 0.51 20.75 ? 384 GLU A OE2 1 
ATOM   425 O OE2 B GLU A 1 51 ? -3.680  9.001   -9.133  0.49 19.17 ? 384 GLU A OE2 1 
ATOM   426 N N   . LYS A 1 52 ? -1.693  3.460   -10.124 1.00 8.02  ? 385 LYS A N   1 
ATOM   427 C CA  . LYS A 1 52 ? -0.449  3.204   -10.869 1.00 8.25  ? 385 LYS A CA  1 
ATOM   428 C C   . LYS A 1 52 ? 0.606   2.789   -9.835  1.00 6.91  ? 385 LYS A C   1 
ATOM   429 O O   . LYS A 1 52 ? 0.610   3.375   -8.760  1.00 8.07  ? 385 LYS A O   1 
ATOM   430 C CB  A LYS A 1 52 ? 0.022   4.474   -11.572 0.63 10.95 ? 385 LYS A CB  1 
ATOM   431 C CB  B LYS A 1 52 ? -0.031  4.438   -11.659 0.37 9.83  ? 385 LYS A CB  1 
ATOM   432 C CG  A LYS A 1 52 ? 1.134   4.198   -12.551 0.63 9.32  ? 385 LYS A CG  1 
ATOM   433 C CG  B LYS A 1 52 ? 1.428   4.488   -11.994 0.37 10.86 ? 385 LYS A CG  1 
ATOM   434 C CD  A LYS A 1 52 ? 1.322   5.366   -13.551 0.63 9.12  ? 385 LYS A CD  1 
ATOM   435 C CD  B LYS A 1 52 ? 1.986   5.653   -12.777 0.37 9.64  ? 385 LYS A CD  1 
ATOM   436 C CE  A LYS A 1 52 ? 1.815   6.580   -12.842 0.63 9.83  ? 385 LYS A CE  1 
ATOM   437 C CE  B LYS A 1 52 ? 1.061   6.422   -13.656 0.37 10.72 ? 385 LYS A CE  1 
ATOM   438 N NZ  A LYS A 1 52 ? 1.815   7.779   -13.719 0.63 10.08 ? 385 LYS A NZ  1 
ATOM   439 N NZ  B LYS A 1 52 ? 1.237   6.158   -15.102 0.37 28.29 ? 385 LYS A NZ  1 
ATOM   440 N N   . ILE A 1 53 ? 1.454   1.828   -10.145 1.00 6.24  ? 386 ILE A N   1 
ATOM   441 C CA  . ILE A 1 53 ? 2.439   1.338   -9.179  1.00 6.29  ? 386 ILE A CA  1 
ATOM   442 C C   . ILE A 1 53 ? 3.789   1.267   -9.864  1.00 6.04  ? 386 ILE A C   1 
ATOM   443 O O   . ILE A 1 53 ? 3.903   0.906   -11.051 1.00 7.06  ? 386 ILE A O   1 
ATOM   444 C CB  . ILE A 1 53 ? 2.083   -0.114  -8.694  1.00 8.32  ? 386 ILE A CB  1 
ATOM   445 C CG1 . ILE A 1 53 ? 0.693   -0.193  -8.123  1.00 10.08 ? 386 ILE A CG1 1 
ATOM   446 C CG2 . ILE A 1 53 ? 3.177   -0.692  -7.818  1.00 9.96  ? 386 ILE A CG2 1 
ATOM   447 C CD1 . ILE A 1 53 ? 0.178   -1.663  -7.990  1.00 11.61 ? 386 ILE A CD1 1 
ATOM   448 N N   . TRP A 1 54 ? 4.854   1.555   -9.137  1.00 6.05  ? 387 TRP A N   1 
ATOM   449 C CA  . TRP A 1 54 ? 6.211   1.443   -9.662  1.00 6.36  ? 387 TRP A CA  1 
ATOM   450 C C   . TRP A 1 54 ? 7.101   0.827   -8.590  1.00 6.47  ? 387 TRP A C   1 
ATOM   451 O O   . TRP A 1 54 ? 6.804   0.820   -7.404  1.00 7.47  ? 387 TRP A O   1 
ATOM   452 C CB  . TRP A 1 54 ? 6.763   2.737   -10.185 1.00 6.73  ? 387 TRP A CB  1 
ATOM   453 C CG  . TRP A 1 54 ? 6.706   3.950   -9.324  1.00 7.13  ? 387 TRP A CG  1 
ATOM   454 C CD1 . TRP A 1 54 ? 7.725   4.502   -8.584  1.00 7.88  ? 387 TRP A CD1 1 
ATOM   455 C CD2 . TRP A 1 54 ? 5.571   4.815   -9.129  1.00 7.19  ? 387 TRP A CD2 1 
ATOM   456 N NE1 . TRP A 1 54 ? 7.295   5.615   -7.946  1.00 8.37  ? 387 TRP A NE1 1 
ATOM   457 C CE2 . TRP A 1 54 ? 5.964   5.827   -8.266  1.00 8.39  ? 387 TRP A CE2 1 
ATOM   458 C CE3 . TRP A 1 54 ? 4.246   4.795   -9.585  1.00 7.59  ? 387 TRP A CE3 1 
ATOM   459 C CZ2 . TRP A 1 54 ? 5.121   6.870   -7.827  1.00 9.33  ? 387 TRP A CZ2 1 
ATOM   460 C CZ3 . TRP A 1 54 ? 3.405   5.815   -9.172  1.00 8.56  ? 387 TRP A CZ3 1 
ATOM   461 C CH2 . TRP A 1 54 ? 3.843   6.821   -8.317  1.00 8.99  ? 387 TRP A CH2 1 
ATOM   462 N N   . ASP A 1 55 ? 8.209   0.250   -9.060  1.00 7.70  ? 388 ASP A N   1 
ATOM   463 C CA  . ASP A 1 55 ? 9.209   -0.303  -8.147  1.00 8.29  ? 388 ASP A CA  1 
ATOM   464 C C   . ASP A 1 55 ? 10.231  0.800   -7.775  1.00 9.18  ? 388 ASP A C   1 
ATOM   465 O O   . ASP A 1 55 ? 10.142  1.938   -8.222  1.00 9.78  ? 388 ASP A O   1 
ATOM   466 C CB  . ASP A 1 55 ? 9.810   -1.567  -8.764  1.00 9.15  ? 388 ASP A CB  1 
ATOM   467 C CG  . ASP A 1 55 ? 10.679  -1.319  -9.948  1.00 8.18  ? 388 ASP A CG  1 
ATOM   468 O OD1 . ASP A 1 55 ? 11.066  -0.175  -10.237 1.00 9.26  ? 388 ASP A OD1 1 
ATOM   469 O OD2 . ASP A 1 55 ? 10.975  -2.317  -10.625 1.00 9.91  ? 388 ASP A OD2 1 
ATOM   470 N N   . GLU A 1 56 ? 11.182  0.422   -6.931  1.00 10.48 ? 389 GLU A N   1 
ATOM   471 C CA  . GLU A 1 56 ? 12.150  1.395   -6.469  1.00 11.43 ? 389 GLU A CA  1 
ATOM   472 C C   . GLU A 1 56 ? 13.123  1.816   -7.545  1.00 13.23 ? 389 GLU A C   1 
ATOM   473 O O   . GLU A 1 56 ? 13.899  2.752   -7.352  1.00 13.89 ? 389 GLU A O   1 
ATOM   474 C CB  . GLU A 1 56 ? 12.871  0.880   -5.225  1.00 14.39 ? 389 GLU A CB  1 
ATOM   475 C CG  . GLU A 1 56 ? 11.851  0.741   -4.067  1.00 21.29 ? 389 GLU A CG  1 
ATOM   476 C CD  . GLU A 1 56 ? 12.484  0.598   -2.713  1.00 20.79 ? 389 GLU A CD  1 
ATOM   477 O OE1 . GLU A 1 56 ? 13.270  -0.320  -2.459  1.00 21.63 ? 389 GLU A OE1 1 
ATOM   478 O OE2 . GLU A 1 56 ? 12.122  1.487   -1.899  1.00 28.66 ? 389 GLU A OE2 1 
ATOM   479 N N   . ASP A 1 57 ? 13.131  1.160   -8.709  1.00 10.54 ? 390 ASP A N   1 
ATOM   480 C CA  . ASP A 1 57 ? 13.910  1.501   -9.883  1.00 10.81 ? 390 ASP A CA  1 
ATOM   481 C C   . ASP A 1 57 ? 13.093  2.262   -10.925 1.00 11.04 ? 390 ASP A C   1 
ATOM   482 O O   . ASP A 1 57 ? 13.653  2.565   -11.987 1.00 13.80 ? 390 ASP A O   1 
ATOM   483 C CB  . ASP A 1 57 ? 14.520  0.244   -10.487 1.00 12.11 ? 390 ASP A CB  1 
ATOM   484 C CG  . ASP A 1 57 ? 15.480  -0.342  -9.456  1.00 13.24 ? 390 ASP A CG  1 
ATOM   485 O OD1 . ASP A 1 57 ? 16.251  0.390   -8.805  1.00 17.83 ? 390 ASP A OD1 1 
ATOM   486 O OD2 . ASP A 1 57 ? 15.430  -1.551  -9.250  1.00 14.84 ? 390 ASP A OD2 1 
ATOM   487 N N   . GLY A 1 58 ? 11.870  2.645   -10.599 1.00 9.25  ? 391 GLY A N   1 
ATOM   488 C CA  . GLY A 1 58 ? 11.015  3.440   -11.456 1.00 9.37  ? 391 GLY A CA  1 
ATOM   489 C C   . GLY A 1 58 ? 10.339  2.689   -12.586 1.00 7.93  ? 391 GLY A C   1 
ATOM   490 O O   . GLY A 1 58 ? 9.768   3.311   -13.488 1.00 9.30  ? 391 GLY A O   1 
ATOM   491 N N   . ASN A 1 59 ? 10.377  1.354   -12.547 1.00 7.43  ? 392 ASN A N   1 
ATOM   492 C CA  . ASN A 1 59 ? 9.616   0.587   -13.521 1.00 7.71  ? 392 ASN A CA  1 
ATOM   493 C C   . ASN A 1 59 ? 8.152   0.540   -13.112 1.00 7.41  ? 392 ASN A C   1 
ATOM   494 O O   . ASN A 1 59 ? 7.889   0.211   -11.952 1.00 8.30  ? 392 ASN A O   1 
ATOM   495 C CB  . ASN A 1 59 ? 10.097  -0.863  -13.602 1.00 8.46  ? 392 ASN A CB  1 
ATOM   496 C CG  . ASN A 1 59 ? 11.553  -0.953  -13.912 1.00 9.82  ? 392 ASN A CG  1 
ATOM   497 O OD1 . ASN A 1 59 ? 12.027  -0.478  -14.959 1.00 10.88 ? 392 ASN A OD1 1 
ATOM   498 N ND2 . ASN A 1 59 ? 12.334  -1.494  -12.996 1.00 11.57 ? 392 ASN A ND2 1 
ATOM   499 N N   . GLU A 1 60 ? 7.221   0.841   -14.008 1.00 7.55  ? 393 GLU A N   1 
ATOM   500 C CA  . GLU A 1 60 ? 5.821   0.647   -13.716 1.00 7.87  ? 393 GLU A CA  1 
ATOM   501 C C   . GLU A 1 60 ? 5.493   -0.850  -13.750 1.00 8.17  ? 393 GLU A C   1 
ATOM   502 O O   . GLU A 1 60 ? 6.043   -1.569  -14.593 1.00 11.36 ? 393 GLU A O   1 
ATOM   503 C CB  . GLU A 1 60 ? 4.918   1.362   -14.699 1.00 10.07 ? 393 GLU A CB  1 
ATOM   504 C CG  . GLU A 1 60 ? 4.927   2.861   -14.377 1.00 12.89 ? 393 GLU A CG  1 
ATOM   505 C CD  . GLU A 1 60 ? 4.387   3.640   -15.535 1.00 12.29 ? 393 GLU A CD  1 
ATOM   506 O OE1 . GLU A 1 60 ? 5.238   4.272   -16.226 1.00 16.94 ? 393 GLU A OE1 1 
ATOM   507 O OE2 . GLU A 1 60 ? 3.144   3.547   -15.788 1.00 12.50 ? 393 GLU A OE2 1 
ATOM   508 N N   . LEU A 1 61 ? 4.606   -1.227  -12.876 1.00 8.29  ? 394 LEU A N   1 
ATOM   509 C CA  . LEU A 1 61 ? 4.195   -2.604  -12.710 1.00 8.45  ? 394 LEU A CA  1 
ATOM   510 C C   . LEU A 1 61 ? 2.721   -2.775  -13.041 1.00 7.98  ? 394 LEU A C   1 
ATOM   511 O O   . LEU A 1 61 ? 1.864   -2.017  -12.611 1.00 8.91  ? 394 LEU A O   1 
ATOM   512 C CB  . LEU A 1 61 ? 4.461   -3.067  -11.282 1.00 9.25  ? 394 LEU A CB  1 
ATOM   513 C CG  . LEU A 1 61 ? 5.829   -2.758  -10.708 1.00 9.77  ? 394 LEU A CG  1 
ATOM   514 C CD1 . LEU A 1 61 ? 5.924   -3.230  -9.247  1.00 11.74 ? 394 LEU A CD1 1 
ATOM   515 C CD2 . LEU A 1 61 ? 6.929   -3.371  -11.586 1.00 12.30 ? 394 LEU A CD2 1 
ATOM   516 N N   . ASP A 1 62 ? 2.423   -3.864  -13.768 1.00 7.63  ? 395 ASP A N   1 
ATOM   517 C CA  . ASP A 1 62 ? 1.009   -4.167  -13.967 1.00 7.29  ? 395 ASP A CA  1 
ATOM   518 C C   . ASP A 1 62 ? 0.327   -4.666  -12.725 1.00 7.33  ? 395 ASP A C   1 
ATOM   519 O O   . ASP A 1 62 ? -0.897  -4.494  -12.567 1.00 8.73  ? 395 ASP A O   1 
ATOM   520 C CB  . ASP A 1 62 ? 0.796   -5.166  -15.126 1.00 8.78  ? 395 ASP A CB  1 
ATOM   521 C CG  . ASP A 1 62 ? 1.290   -6.548  -14.869 1.00 10.77 ? 395 ASP A CG  1 
ATOM   522 O OD1 . ASP A 1 62 ? 2.399   -6.663  -14.316 1.00 13.70 ? 395 ASP A OD1 1 
ATOM   523 O OD2 . ASP A 1 62 ? 0.535   -7.498  -15.239 1.00 14.14 ? 395 ASP A OD2 1 
ATOM   524 N N   . ALA A 1 63 ? 1.091   -5.224  -11.811 1.00 7.18  ? 396 ALA A N   1 
ATOM   525 C CA  . ALA A 1 63 ? 0.573   -5.708  -10.535 1.00 6.95  ? 396 ALA A CA  1 
ATOM   526 C C   . ALA A 1 63 ? 1.753   -5.796  -9.569  1.00 7.34  ? 396 ALA A C   1 
ATOM   527 O O   . ALA A 1 63 ? 2.885   -6.025  -9.996  1.00 8.67  ? 396 ALA A O   1 
ATOM   528 C CB  . ALA A 1 63 ? -0.090  -7.073  -10.648 1.00 8.45  ? 396 ALA A CB  1 
ATOM   529 N N   . ALA A 1 64 ? 1.479   -5.722  -8.282  1.00 6.78  ? 397 ALA A N   1 
ATOM   530 C CA  . ALA A 1 64 ? 2.410   -6.054  -7.207  1.00 7.33  ? 397 ALA A CA  1 
ATOM   531 C C   . ALA A 1 64 ? 2.120   -7.498  -6.831  1.00 7.01  ? 397 ALA A C   1 
ATOM   532 O O   . ALA A 1 64 ? 1.268   -7.793  -5.991  1.00 8.01  ? 397 ALA A O   1 
ATOM   533 C CB  . ALA A 1 64 ? 2.221   -5.105  -6.025  1.00 8.05  ? 397 ALA A CB  1 
ATOM   534 N N   . ARG A 1 65 ? 2.733   -8.435  -7.562  1.00 7.85  ? 398 ARG A N   1 
ATOM   535 C CA  . ARG A 1 65 ? 2.401   -9.854  -7.491  1.00 8.21  ? 398 ARG A CA  1 
ATOM   536 C C   . ARG A 1 65 ? 3.474   -10.686 -6.822  1.00 7.77  ? 398 ARG A C   1 
ATOM   537 O O   . ARG A 1 65 ? 3.349   -11.917 -6.741  1.00 10.81 ? 398 ARG A O   1 
ATOM   538 C CB  . ARG A 1 65 ? 2.105   -10.440 -8.876  1.00 8.95  ? 398 ARG A CB  1 
ATOM   539 C CG  . ARG A 1 65 ? 3.286   -10.442 -9.785  1.00 10.06 ? 398 ARG A CG  1 
ATOM   540 C CD  . ARG A 1 65 ? 3.073   -11.275 -11.024 1.00 11.00 ? 398 ARG A CD  1 
ATOM   541 N NE  . ARG A 1 65 ? 1.913   -10.859 -11.768 1.00 10.37 ? 398 ARG A NE  1 
ATOM   542 C CZ  . ARG A 1 65 ? 1.820   -9.843  -12.611 1.00 9.48  ? 398 ARG A CZ  1 
ATOM   543 N NH1 . ARG A 1 65 ? 2.893   -9.117  -12.843 1.00 10.83 ? 398 ARG A NH1 1 
ATOM   544 N NH2 . ARG A 1 65 ? 0.689   -9.527  -13.229 1.00 10.35 ? 398 ARG A NH2 1 
ATOM   545 N N   . HIS A 1 66 ? 4.574   -10.094 -6.337  1.00 8.49  ? 399 HIS A N   1 
ATOM   546 C CA  . HIS A 1 66 ? 5.692   -10.817 -5.771  1.00 9.20  ? 399 HIS A CA  1 
ATOM   547 C C   . HIS A 1 66 ? 5.800   -10.542 -4.279  1.00 8.75  ? 399 HIS A C   1 
ATOM   548 O O   . HIS A 1 66 ? 6.021   -9.389  -3.897  1.00 8.66  ? 399 HIS A O   1 
ATOM   549 C CB  . HIS A 1 66 ? 6.969   -10.391 -6.443  1.00 10.10 ? 399 HIS A CB  1 
ATOM   550 C CG  . HIS A 1 66 ? 7.030   -10.709 -7.884  1.00 12.55 ? 399 HIS A CG  1 
ATOM   551 N ND1 . HIS A 1 66 ? 6.881   -11.983 -8.388  1.00 16.28 ? 399 HIS A ND1 1 
ATOM   552 C CD2 . HIS A 1 66 ? 7.202   -9.883  -8.911  1.00 16.26 ? 399 HIS A CD2 1 
ATOM   553 C CE1 . HIS A 1 66 ? 6.990   -11.889 -9.706  1.00 19.91 ? 399 HIS A CE1 1 
ATOM   554 N NE2 . HIS A 1 66 ? 7.182   -10.643 -10.048 1.00 17.63 ? 399 HIS A NE2 1 
ATOM   555 N N   . PRO A 1 67 ? 5.576   -11.556 -3.456  1.00 9.03  ? 400 PRO A N   1 
ATOM   556 C CA  . PRO A 1 67 ? 5.583   -11.347 -1.989  1.00 9.41  ? 400 PRO A CA  1 
ATOM   557 C C   . PRO A 1 67 ? 6.850   -10.611 -1.528  1.00 7.77  ? 400 PRO A C   1 
ATOM   558 O O   . PRO A 1 67 ? 7.970   -10.950 -1.849  1.00 9.26  ? 400 PRO A O   1 
ATOM   559 C CB  . PRO A 1 67 ? 5.483   -12.761 -1.437  1.00 11.94 ? 400 PRO A CB  1 
ATOM   560 C CG  . PRO A 1 67 ? 4.657   -13.439 -2.477  1.00 14.38 ? 400 PRO A CG  1 
ATOM   561 C CD  . PRO A 1 67 ? 5.216   -12.945 -3.792  1.00 11.36 ? 400 PRO A CD  1 
ATOM   562 N N   . LEU A 1 68 ? 6.614   -9.579  -0.733  1.00 7.67  ? 401 LEU A N   1 
ATOM   563 C CA  . LEU A 1 68 ? 7.607   -8.791  -0.001  1.00 7.89  ? 401 LEU A CA  1 
ATOM   564 C C   . LEU A 1 68 ? 8.444   -7.857  -0.868  1.00 6.98  ? 401 LEU A C   1 
ATOM   565 O O   . LEU A 1 68 ? 9.363   -7.227  -0.367  1.00 7.65  ? 401 LEU A O   1 
ATOM   566 C CB  . LEU A 1 68 ? 8.461   -9.703  0.905   1.00 9.97  ? 401 LEU A CB  1 
ATOM   567 C CG  . LEU A 1 68 ? 7.673   -10.357 2.021   1.00 10.62 ? 401 LEU A CG  1 
ATOM   568 C CD1 . LEU A 1 68 ? 8.446   -11.467 2.732   1.00 14.94 ? 401 LEU A CD1 1 
ATOM   569 C CD2 . LEU A 1 68 ? 7.231   -9.333  3.047   1.00 19.15 ? 401 LEU A CD2 1 
ATOM   570 N N   . GLN A 1 69 ? 8.083   -7.767  -2.178  1.00 7.75  ? 402 GLN A N   1 
ATOM   571 C CA  . GLN A 1 69 ? 8.708   -6.720  -2.974  1.00 7.42  ? 402 GLN A CA  1 
ATOM   572 C C   . GLN A 1 69 ? 8.217   -5.345  -2.509  1.00 6.30  ? 402 GLN A C   1 
ATOM   573 O O   . GLN A 1 69 ? 7.094   -5.201  -2.037  1.00 8.36  ? 402 GLN A O   1 
ATOM   574 C CB  . GLN A 1 69 ? 8.483   -7.024  -4.453  1.00 10.44 ? 402 GLN A CB  1 
ATOM   575 C CG  . GLN A 1 69 ? 9.411   -8.269  -4.864  1.00 11.44 ? 402 GLN A CG  1 
ATOM   576 C CD  . GLN A 1 69 ? 9.603   -8.491  -6.320  1.00 12.09 ? 402 GLN A CD  1 
ATOM   577 O OE1 . GLN A 1 69 ? 8.930   -7.797  -7.163  1.00 14.55 ? 402 GLN A OE1 1 
ATOM   578 N NE2 . GLN A 1 69 ? 10.393  -9.454  -6.778  1.00 15.13 ? 402 GLN A NE2 1 
ATOM   579 N N   . ILE A 1 70 ? 9.071   -4.362  -2.651  1.00 7.10  ? 403 ILE A N   1 
ATOM   580 C CA  . ILE A 1 70 ? 8.783   -2.977  -2.270  1.00 7.38  ? 403 ILE A CA  1 
ATOM   581 C C   . ILE A 1 70 ? 8.251   -2.226  -3.489  1.00 7.24  ? 403 ILE A C   1 
ATOM   582 O O   . ILE A 1 70 ? 8.861   -2.268  -4.575  1.00 8.59  ? 403 ILE A O   1 
ATOM   583 C CB  . ILE A 1 70 ? 10.018  -2.299  -1.686  1.00 9.36  ? 403 ILE A CB  1 
ATOM   584 C CG1 . ILE A 1 70 ? 10.526  -3.009  -0.430  1.00 11.27 ? 403 ILE A CG1 1 
ATOM   585 C CG2 . ILE A 1 70 ? 9.687   -0.846  -1.400  1.00 10.17 ? 403 ILE A CG2 1 
ATOM   586 C CD1 . ILE A 1 70 ? 11.888  -2.581  0.039   1.00 14.22 ? 403 ILE A CD1 1 
ATOM   587 N N   . VAL A 1 71 ? 7.111   -1.580  -3.353  1.00 6.83  ? 404 VAL A N   1 
ATOM   588 C CA  . VAL A 1 71 ? 6.509   -0.846  -4.455  1.00 6.96  ? 404 VAL A CA  1 
ATOM   589 C C   . VAL A 1 71 ? 6.140   0.579   -3.940  1.00 6.17  ? 404 VAL A C   1 
ATOM   590 O O   . VAL A 1 71 ? 6.115   0.834   -2.727  1.00 7.41  ? 404 VAL A O   1 
ATOM   591 C CB  . VAL A 1 71 ? 5.305   -1.557  -5.065  1.00 8.11  ? 404 VAL A CB  1 
ATOM   592 C CG1 . VAL A 1 71 ? 5.726   -2.938  -5.542  1.00 10.08 ? 404 VAL A CG1 1 
ATOM   593 C CG2 . VAL A 1 71 ? 4.146   -1.629  -4.097  1.00 8.84  ? 404 VAL A CG2 1 
ATOM   594 N N   . LYS A 1 72 ? 5.858   1.451   -4.880  1.00 6.46  ? 405 LYS A N   1 
ATOM   595 C CA  . LYS A 1 72 ? 5.493   2.835   -4.610  1.00 6.20  ? 405 LYS A CA  1 
ATOM   596 C C   . LYS A 1 72 ? 4.257   3.217   -5.400  1.00 5.60  ? 405 LYS A C   1 
ATOM   597 O O   . LYS A 1 72 ? 4.050   2.754   -6.523  1.00 6.53  ? 405 LYS A O   1 
ATOM   598 C CB  . LYS A 1 72 ? 6.656   3.737   -4.972  1.00 7.97  ? 405 LYS A CB  1 
ATOM   599 C CG  . LYS A 1 72 ? 7.900   3.480   -4.133  1.00 11.13 ? 405 LYS A CG  1 
ATOM   600 C CD  . LYS A 1 72 ? 9.055   4.386   -4.475  1.00 19.15 ? 405 LYS A CD  1 
ATOM   601 C CE  . LYS A 1 72 ? 10.173  4.302   -3.435  1.00 25.87 ? 405 LYS A CE  1 
ATOM   602 N NZ  . LYS A 1 72 ? 10.817  5.647   -3.303  1.00 37.43 ? 405 LYS A NZ  1 
ATOM   603 N N   . PHE A 1 73 ? 3.454   4.097   -4.823  1.00 5.23  ? 406 PHE A N   1 
ATOM   604 C CA  . PHE A 1 73 ? 2.291   4.635   -5.471  1.00 5.47  ? 406 PHE A CA  1 
ATOM   605 C C   . PHE A 1 73 ? 1.777   5.834   -4.680  1.00 5.44  ? 406 PHE A C   1 
ATOM   606 O O   . PHE A 1 73 ? 2.080   5.986   -3.481  1.00 6.22  ? 406 PHE A O   1 
ATOM   607 C CB  . PHE A 1 73 ? 1.177   3.600   -5.675  1.00 5.70  ? 406 PHE A CB  1 
ATOM   608 C CG  . PHE A 1 73 ? 0.780   2.801   -4.488  1.00 5.71  ? 406 PHE A CG  1 
ATOM   609 C CD1 . PHE A 1 73 ? 1.442   1.643   -4.115  1.00 6.35  ? 406 PHE A CD1 1 
ATOM   610 C CD2 . PHE A 1 73 ? -0.316  3.231   -3.713  1.00 7.27  ? 406 PHE A CD2 1 
ATOM   611 C CE1 . PHE A 1 73 ? 1.048   0.919   -3.024  1.00 7.95  ? 406 PHE A CE1 1 
ATOM   612 C CE2 . PHE A 1 73 ? -0.696  2.488   -2.627  1.00 8.14  ? 406 PHE A CE2 1 
ATOM   613 C CZ  . PHE A 1 73 ? -0.030  1.318   -2.287  1.00 8.77  ? 406 PHE A CZ  1 
ATOM   614 N N   . LYS A 1 74 ? 1.013   6.667   -5.332  1.00 5.72  ? 407 LYS A N   1 
ATOM   615 C CA  . LYS A 1 74 ? 0.372   7.803   -4.707  1.00 5.63  ? 407 LYS A CA  1 
ATOM   616 C C   . LYS A 1 74 ? -0.740  7.365   -3.771  1.00 5.76  ? 407 LYS A C   1 
ATOM   617 O O   . LYS A 1 74 ? -1.533  6.486   -4.123  1.00 6.88  ? 407 LYS A O   1 
ATOM   618 C CB  . LYS A 1 74 ? -0.184  8.759   -5.766  1.00 7.87  ? 407 LYS A CB  1 
ATOM   619 C CG  . LYS A 1 74 ? -0.618  10.078  -5.255  1.00 16.90 ? 407 LYS A CG  1 
ATOM   620 C CD  . LYS A 1 74 ? 0.445   11.169  -5.484  1.00 36.66 ? 407 LYS A CD  1 
ATOM   621 C CE  . LYS A 1 74 ? -0.224  12.393  -6.079  1.00 39.35 ? 407 LYS A CE  1 
ATOM   622 N NZ  . LYS A 1 74 ? -1.160  12.009  -7.202  1.00 54.52 ? 407 LYS A NZ  1 
ATOM   623 N N   . VAL A 1 75 ? -0.826  8.028   -2.610  1.00 6.07  ? 408 VAL A N   1 
ATOM   624 C CA  . VAL A 1 75 ? -1.940  7.796   -1.705  1.00 6.16  ? 408 VAL A CA  1 
ATOM   625 C C   . VAL A 1 75 ? -2.658  9.088   -1.428  1.00 6.30  ? 408 VAL A C   1 
ATOM   626 O O   . VAL A 1 75 ? -2.118  10.205  -1.505  1.00 7.65  ? 408 VAL A O   1 
ATOM   627 C CB  . VAL A 1 75 ? -1.483  7.078   -0.408  1.00 6.28  ? 408 VAL A CB  1 
ATOM   628 C CG1 . VAL A 1 75 ? -0.933  5.657   -0.762  1.00 6.71  ? 408 VAL A CG1 1 
ATOM   629 C CG2 . VAL A 1 75 ? -0.468  7.893   0.371   1.00 7.13  ? 408 VAL A CG2 1 
ATOM   630 N N   . LYS A 1 76 ? -3.924  8.948   -1.018  1.00 7.15  ? 409 LYS A N   1 
ATOM   631 C CA  . LYS A 1 76 ? -4.830  10.068  -0.913  1.00 8.23  ? 409 LYS A CA  1 
ATOM   632 C C   . LYS A 1 76 ? -4.832  10.832  0.394   1.00 7.45  ? 409 LYS A C   1 
ATOM   633 O O   . LYS A 1 76 ? -5.362  11.950  0.458   1.00 8.82  ? 409 LYS A O   1 
ATOM   634 C CB  . LYS A 1 76 ? -6.269  9.538   -1.223  1.00 11.55 ? 409 LYS A CB  1 
ATOM   635 C CG  . LYS A 1 76 ? -6.441  9.269   -2.694  1.00 15.02 ? 409 LYS A CG  1 
ATOM   636 C CD  . LYS A 1 76 ? -6.209  10.421  -3.620  1.00 18.57 ? 409 LYS A CD  1 
ATOM   637 C CE  . LYS A 1 76 ? -6.996  11.682  -3.345  1.00 25.18 ? 409 LYS A CE  1 
ATOM   638 N NZ  . LYS A 1 76 ? -6.679  12.867  -4.207  1.00 22.89 ? 409 LYS A NZ  1 
ATOM   639 N N   . ARG A 1 77 ? -4.245  10.242  1.421   1.00 6.83  ? 410 ARG A N   1 
ATOM   640 C CA  . ARG A 1 77 ? -4.061  10.918  2.720   1.00 6.80  ? 410 ARG A CA  1 
ATOM   641 C C   . ARG A 1 77 ? -2.720  10.504  3.275   1.00 6.74  ? 410 ARG A C   1 
ATOM   642 O O   . ARG A 1 77 ? -2.183  9.472   2.843   1.00 7.53  ? 410 ARG A O   1 
ATOM   643 C CB  . ARG A 1 77 ? -5.123  10.518  3.726   1.00 6.86  ? 410 ARG A CB  1 
ATOM   644 C CG  . ARG A 1 77 ? -6.565  10.700  3.289   1.00 6.88  ? 410 ARG A CG  1 
ATOM   645 C CD  . ARG A 1 77 ? -7.481  10.399  4.436   1.00 7.18  ? 410 ARG A CD  1 
ATOM   646 N NE  . ARG A 1 77 ? -8.878  10.449  4.133   1.00 8.55  ? 410 ARG A NE  1 
ATOM   647 C CZ  . ARG A 1 77 ? -9.849  10.310  5.014   1.00 8.82  ? 410 ARG A CZ  1 
ATOM   648 N NH1 . ARG A 1 77 ? -9.556  10.029  6.262   1.00 9.98  ? 410 ARG A NH1 1 
ATOM   649 N NH2 . ARG A 1 77 ? -11.097 10.406  4.605   1.00 12.99 ? 410 ARG A NH2 1 
ATOM   650 N N   . PRO A 1 78 ? -2.191  11.266  4.220   1.00 6.92  ? 411 PRO A N   1 
ATOM   651 C CA  . PRO A 1 78 ? -0.932  10.879  4.862   1.00 7.35  ? 411 PRO A CA  1 
ATOM   652 C C   . PRO A 1 78 ? -1.018  9.546   5.551   1.00 6.41  ? 411 PRO A C   1 
ATOM   653 O O   . PRO A 1 78 ? -2.074  9.110   6.059   1.00 8.87  ? 411 PRO A O   1 
ATOM   654 C CB  . PRO A 1 78 ? -0.671  12.013  5.857   1.00 8.34  ? 411 PRO A CB  1 
ATOM   655 C CG  . PRO A 1 78 ? -1.363  13.231  5.224   1.00 8.61  ? 411 PRO A CG  1 
ATOM   656 C CD  . PRO A 1 78 ? -2.646  12.617  4.666   1.00 7.18  ? 411 PRO A CD  1 
ATOM   657 N N   . LEU A 1 79 ? 0.136   8.873   5.588   1.00 6.90  ? 412 LEU A N   1 
ATOM   658 C CA  . LEU A 1 79 ? 0.377   7.593   6.223   1.00 6.72  ? 412 LEU A CA  1 
ATOM   659 C C   . LEU A 1 79 ? 1.613   7.672   7.089   1.00 7.19  ? 412 LEU A C   1 
ATOM   660 O O   . LEU A 1 79 ? 2.515   8.469   6.811   1.00 8.44  ? 412 LEU A O   1 
ATOM   661 C CB  . LEU A 1 79 ? 0.591   6.494   5.177   1.00 7.15  ? 412 LEU A CB  1 
ATOM   662 C CG  . LEU A 1 79 ? -0.640  6.228   4.326   1.00 6.78  ? 412 LEU A CG  1 
ATOM   663 C CD1 . LEU A 1 79 ? -0.261  5.299   3.155   1.00 6.97  ? 412 LEU A CD1 1 
ATOM   664 C CD2 . LEU A 1 79 ? -1.786  5.623   5.112   1.00 8.55  ? 412 LEU A CD2 1 
ATOM   665 N N   . PHE A 1 80 ? 1.632   6.828   8.114   1.00 7.85  ? 413 PHE A N   1 
ATOM   666 C CA  . PHE A 1 80 ? 2.848   6.663   8.887   1.00 8.22  ? 413 PHE A CA  1 
ATOM   667 C C   . PHE A 1 80 ? 3.489   5.329   8.606   1.00 7.21  ? 413 PHE A C   1 
ATOM   668 O O   . PHE A 1 80 ? 2.809   4.375   8.238   1.00 7.48  ? 413 PHE A O   1 
ATOM   669 C CB  . PHE A 1 80 ? 2.524   6.741   10.367  1.00 9.91  ? 413 PHE A CB  1 
ATOM   670 C CG  . PHE A 1 80 ? 1.999   8.037   10.822  1.00 10.90 ? 413 PHE A CG  1 
ATOM   671 C CD1 . PHE A 1 80 ? 0.659   8.274   11.004  1.00 15.89 ? 413 PHE A CD1 1 
ATOM   672 C CD2 . PHE A 1 80 ? 2.914   9.078   11.070  1.00 13.19 ? 413 PHE A CD2 1 
ATOM   673 C CE1 . PHE A 1 80 ? 0.170   9.494   11.410  1.00 17.54 ? 413 PHE A CE1 1 
ATOM   674 C CE2 . PHE A 1 80 ? 2.443   10.303  11.474  1.00 13.66 ? 413 PHE A CE2 1 
ATOM   675 C CZ  . PHE A 1 80 ? 1.093   10.518  11.653  1.00 15.40 ? 413 PHE A CZ  1 
ATOM   676 N N   . PRO A 1 81 ? 4.795   5.211   8.778   1.00 8.52  ? 414 PRO A N   1 
ATOM   677 C CA  . PRO A 1 81 ? 5.448   3.904   8.663   1.00 7.83  ? 414 PRO A CA  1 
ATOM   678 C C   . PRO A 1 81 ? 4.738   2.916   9.567   1.00 6.69  ? 414 PRO A C   1 
ATOM   679 O O   . PRO A 1 81 ? 4.417   3.165   10.705  1.00 7.93  ? 414 PRO A O   1 
ATOM   680 C CB  . PRO A 1 81 ? 6.853   4.209   9.136   1.00 10.12 ? 414 PRO A CB  1 
ATOM   681 C CG  . PRO A 1 81 ? 7.079   5.659   8.763   1.00 11.22 ? 414 PRO A CG  1 
ATOM   682 C CD  . PRO A 1 81 ? 5.755   6.288   9.092   1.00 10.38 ? 414 PRO A CD  1 
ATOM   683 N N   . TYR A 1 82 ? 4.483   1.736   8.972   1.00 6.23  ? 415 TYR A N   1 
ATOM   684 C CA  . TYR A 1 82 ? 3.924   0.563   9.631   1.00 6.33  ? 415 TYR A CA  1 
ATOM   685 C C   . TYR A 1 82 ? 2.433   0.615   9.848   1.00 6.40  ? 415 TYR A C   1 
ATOM   686 O O   . TYR A 1 82 ? 1.864   -0.313  10.420  1.00 7.67  ? 415 TYR A O   1 
ATOM   687 C CB  . TYR A 1 82 ? 4.746   0.123   10.884  1.00 6.99  ? 415 TYR A CB  1 
ATOM   688 C CG  . TYR A 1 82 ? 6.166   -0.080  10.401  1.00 8.39  ? 415 TYR A CG  1 
ATOM   689 C CD1 . TYR A 1 82 ? 7.128   0.867   10.530  1.00 9.00  ? 415 TYR A CD1 1 
ATOM   690 C CD2 . TYR A 1 82 ? 6.508   -1.213  9.661   1.00 9.70  ? 415 TYR A CD2 1 
ATOM   691 C CE1 . TYR A 1 82 ? 8.425   0.746   10.045  1.00 9.82  ? 415 TYR A CE1 1 
ATOM   692 C CE2 . TYR A 1 82 ? 7.769   -1.364  9.161   1.00 9.98  ? 415 TYR A CE2 1 
ATOM   693 C CZ  . TYR A 1 82 ? 8.721   -0.403  9.341   1.00 9.99  ? 415 TYR A CZ  1 
ATOM   694 O OH  . TYR A 1 82 ? 9.994   -0.538  8.825   1.00 13.24 ? 415 TYR A OH  1 
ATOM   695 N N   . ASN A 1 83 ? 1.751   1.656   9.281   1.00 6.47  ? 416 ASN A N   1 
ATOM   696 C CA  . ASN A 1 83 ? 0.368   1.458   8.943   1.00 6.05  ? 416 ASN A CA  1 
ATOM   697 C C   . ASN A 1 83 ? 0.250   0.307   7.942   1.00 5.23  ? 416 ASN A C   1 
ATOM   698 O O   . ASN A 1 83 ? 1.206   -0.077  7.316   1.00 6.45  ? 416 ASN A O   1 
ATOM   699 C CB  . ASN A 1 83 ? -0.250  2.753   8.421   1.00 7.10  ? 416 ASN A CB  1 
ATOM   700 C CG  . ASN A 1 83 ? -0.472  3.834   9.511   1.00 9.55  ? 416 ASN A CG  1 
ATOM   701 O OD1 . ASN A 1 83 ? -0.398  5.008   9.239   1.00 12.09 ? 416 ASN A OD1 1 
ATOM   702 N ND2 . ASN A 1 83 ? -0.703  3.498   10.779  1.00 15.60 ? 416 ASN A ND2 1 
ATOM   703 N N   . MET A 1 84 ? -0.951  -0.220  7.848   1.00 6.06  ? 417 MET A N   1 
ATOM   704 C CA  . MET A 1 84 ? -1.210  -1.394  7.046   1.00 6.79  ? 417 MET A CA  1 
ATOM   705 C C   . MET A 1 84 ? -2.206  -1.089  5.944   1.00 6.21  ? 417 MET A C   1 
ATOM   706 O O   . MET A 1 84 ? -2.948  -0.106  5.973   1.00 6.08  ? 417 MET A O   1 
ATOM   707 C CB  A MET A 1 84 ? -1.693  -2.606  7.834   0.43 8.73  ? 417 MET A CB  1 
ATOM   708 C CB  B MET A 1 84 ? -1.749  -2.477  7.995   0.57 9.56  ? 417 MET A CB  1 
ATOM   709 C CG  A MET A 1 84 ? -0.402  -3.342  8.234   0.43 9.39  ? 417 MET A CG  1 
ATOM   710 C CG  B MET A 1 84 ? -0.866  -2.839  9.193   0.57 8.21  ? 417 MET A CG  1 
ATOM   711 S SD  A MET A 1 84 ? -0.678  -4.741  9.292   0.43 11.62 ? 417 MET A SD  1 
ATOM   712 S SD  B MET A 1 84 ? -1.417  -4.163  10.286  0.57 8.66  ? 417 MET A SD  1 
ATOM   713 C CE  A MET A 1 84 ? -1.379  -4.024  10.775  0.43 22.76 ? 417 MET A CE  1 
ATOM   714 C CE  B MET A 1 84 ? -1.377  -5.625  9.276   0.57 13.80 ? 417 MET A CE  1 
ATOM   715 N N   . MET A 1 85 ? -2.223  -1.951  4.934   1.00 6.20  ? 418 MET A N   1 
ATOM   716 C CA  . MET A 1 85 ? -3.096  -1.829  3.795   1.00 6.06  ? 418 MET A CA  1 
ATOM   717 C C   . MET A 1 85 ? -3.767  -3.163  3.517   1.00 6.28  ? 418 MET A C   1 
ATOM   718 O O   . MET A 1 85 ? -3.102  -4.196  3.539   1.00 8.05  ? 418 MET A O   1 
ATOM   719 C CB  . MET A 1 85 ? -2.284  -1.448  2.531   1.00 6.42  ? 418 MET A CB  1 
ATOM   720 C CG  . MET A 1 85 ? -3.158  -1.066  1.361   1.00 6.55  ? 418 MET A CG  1 
ATOM   721 S SD  . MET A 1 85 ? -2.224  -0.800  -0.175  1.00 7.70  ? 418 MET A SD  1 
ATOM   722 C CE  . MET A 1 85 ? -2.031  -2.501  -0.683  1.00 10.23 ? 418 MET A CE  1 
ATOM   723 N N   . ARG A 1 86 ? -5.068  -3.170  3.263   1.00 6.71  ? 419 ARG A N   1 
ATOM   724 C CA  . ARG A 1 86 ? -5.796  -4.394  2.920   1.00 7.94  ? 419 ARG A CA  1 
ATOM   725 C C   . ARG A 1 86 ? -6.658  -4.114  1.708   1.00 7.66  ? 419 ARG A C   1 
ATOM   726 O O   . ARG A 1 86 ? -7.047  -2.999  1.425   1.00 7.57  ? 419 ARG A O   1 
ATOM   727 C CB  . ARG A 1 86 ? -6.637  -4.933  4.076   1.00 8.92  ? 419 ARG A CB  1 
ATOM   728 C CG  . ARG A 1 86 ? -7.612  -3.950  4.657   1.00 9.94  ? 419 ARG A CG  1 
ATOM   729 C CD  . ARG A 1 86 ? -8.386  -4.477  5.875   1.00 16.07 ? 419 ARG A CD  1 
ATOM   730 N NE  . ARG A 1 86 ? -8.970  -3.369  6.666   1.00 12.17 ? 419 ARG A NE  1 
ATOM   731 C CZ  . ARG A 1 86 ? -8.975  -3.258  7.973   1.00 13.25 ? 419 ARG A CZ  1 
ATOM   732 N NH1 . ARG A 1 86 ? -8.455  -4.159  8.797   1.00 15.15 ? 419 ARG A NH1 1 
ATOM   733 N NH2 . ARG A 1 86 ? -9.540  -2.182  8.557   1.00 14.34 ? 419 ARG A NH2 1 
ATOM   734 N N   . LYS A 1 87 ? -6.960  -5.162  0.958   1.00 11.06 ? 420 LYS A N   1 
ATOM   735 C CA  . LYS A 1 87 ? -7.995  -4.965  -0.057  1.00 14.34 ? 420 LYS A CA  1 
ATOM   736 C C   . LYS A 1 87 ? -9.366  -4.601  0.494   1.00 17.29 ? 420 LYS A C   1 
ATOM   737 O O   . LYS A 1 87 ? -9.722  -5.208  1.503   1.00 28.51 ? 420 LYS A O   1 
ATOM   738 C CB  . LYS A 1 87 ? -8.044  -6.271  -0.859  1.00 23.93 ? 420 LYS A CB  1 
ATOM   739 C CG  . LYS A 1 87 ? -6.694  -6.435  -1.558  1.00 35.46 ? 420 LYS A CG  1 
ATOM   740 C CD  . LYS A 1 87 ? -6.661  -5.821  -2.914  1.00 41.06 ? 420 LYS A CD  1 
ATOM   741 C CE  . LYS A 1 87 ? -7.031  -6.731  -4.067  1.00 33.81 ? 420 LYS A CE  1 
ATOM   742 N NZ  . LYS A 1 87 ? -6.427  -8.069  -3.993  1.00 39.71 ? 420 LYS A NZ  1 
ATOM   743 N N   . GLU A 1 88 ? -10.129 -3.722  -0.161  1.00 17.29 ? 421 GLU A N   1 
ATOM   744 C CA  . GLU A 1 88 ? -11.461 -3.227  0.290   1.00 22.19 ? 421 GLU A CA  1 
ATOM   745 C C   . GLU A 1 88 ? -12.492 -3.859  -0.615  1.00 21.03 ? 421 GLU A C   1 
ATOM   746 O O   . GLU A 1 88 ? -12.485 -3.546  -1.806  1.00 21.59 ? 421 GLU A O   1 
ATOM   747 C CB  . GLU A 1 88 ? -11.635 -1.703  0.168   1.00 19.93 ? 421 GLU A CB  1 
ATOM   748 C CG  . GLU A 1 88 ? -12.955 -1.097  0.589   1.00 21.41 ? 421 GLU A CG  1 
ATOM   749 C CD  . GLU A 1 88 ? -13.210 -1.016  2.081   1.00 23.22 ? 421 GLU A CD  1 
ATOM   750 O OE1 . GLU A 1 88 ? -12.344 -1.477  2.854   1.00 25.62 ? 421 GLU A OE1 1 
ATOM   751 O OE2 . GLU A 1 88 ? -14.232 -0.507  2.596   1.00 33.87 ? 421 GLU A OE2 1 
ATOM   752 N N   . ASN A 1 89 ? -13.330 -4.691  0.022   0.50 17.42 ? 422 ASN A N   1 
ATOM   753 C CA  . ASN A 1 89 ? -14.348 -5.468  -0.666  0.50 15.29 ? 422 ASN A CA  1 
ATOM   754 C C   . ASN A 1 89 ? -15.426 -4.554  -1.241  0.50 17.85 ? 422 ASN A C   1 
ATOM   755 O O   . ASN A 1 89 ? -15.851 -3.606  -0.561  0.50 18.44 ? 422 ASN A O   1 
ATOM   756 C CB  . ASN A 1 89 ? -14.960 -6.509  0.273   0.50 17.81 ? 422 ASN A CB  1 
ATOM   757 C CG  . ASN A 1 89 ? -14.060 -7.684  0.552   0.50 19.11 ? 422 ASN A CG  1 
ATOM   758 O OD1 . ASN A 1 89 ? -14.116 -8.390  1.563   0.50 19.17 ? 422 ASN A OD1 1 
ATOM   759 N ND2 . ASN A 1 89 ? -13.141 -7.878  -0.378  0.50 18.98 ? 422 ASN A ND2 1 
ATOM   760 O OXT . ASN A 1 89 ? -15.797 -4.806  -2.402  0.50 23.39 ? 422 ASN A OXT 1 
HETATM 761 X UNK . UNX B 2 .  ? -7.050  3.806   12.186  0.86 6.69  ? 501 UNX A UNK 1 
HETATM 762 C C   . ACT C 3 .  ? -1.414  -12.072 -11.939 0.75 11.76 ? 502 ACT A C   1 
HETATM 763 O O   . ACT C 3 .  ? -0.365  -12.621 -11.572 0.75 12.08 ? 502 ACT A O   1 
HETATM 764 O OXT . ACT C 3 .  ? -1.530  -10.829 -12.013 0.75 11.82 ? 502 ACT A OXT 1 
HETATM 765 C CH3 . ACT C 3 .  ? -2.601  -12.925 -12.290 0.75 14.73 ? 502 ACT A CH3 1 
HETATM 766 O O   . HOH D 4 .  ? 8.210   7.754   5.911   1.00 17.57 ? 601 HOH A O   1 
HETATM 767 O O   . HOH D 4 .  ? 7.637   7.128   -0.252  1.00 13.97 ? 602 HOH A O   1 
HETATM 768 O O   . HOH D 4 .  ? -1.515  12.143  0.466   1.00 16.03 ? 603 HOH A O   1 
HETATM 769 O O   . HOH D 4 .  ? 0.953   14.830  2.694   1.00 10.56 ? 604 HOH A O   1 
HETATM 770 O O   . HOH D 4 .  ? -17.023 -1.762  -1.865  1.00 32.35 ? 605 HOH A O   1 
HETATM 771 O O   . HOH D 4 .  ? 4.785   -7.304  -5.421  1.00 8.51  ? 606 HOH A O   1 
HETATM 772 O O   . HOH D 4 .  ? -5.489  -7.862  -7.048  1.00 13.60 ? 607 HOH A O   1 
HETATM 773 O O   . HOH D 4 .  ? -2.995  -4.781  -14.234 1.00 14.18 ? 608 HOH A O   1 
HETATM 774 O O   . HOH D 4 .  ? 5.109   -7.320  -9.101  1.00 12.64 ? 609 HOH A O   1 
HETATM 775 O O   . HOH D 4 .  ? 10.108  5.322   6.950   1.00 21.37 ? 610 HOH A O   1 
HETATM 776 O O   . HOH D 4 .  ? -6.220  5.473   15.854  1.00 15.07 ? 611 HOH A O   1 
HETATM 777 O O   . HOH D 4 .  ? -4.191  10.417  7.092   1.00 12.38 ? 612 HOH A O   1 
HETATM 778 O O   . HOH D 4 .  ? -9.550  6.912   -4.404  1.00 9.40  ? 613 HOH A O   1 
HETATM 779 O O   . HOH D 4 .  ? -2.323  5.554   -6.608  1.00 9.14  ? 614 HOH A O   1 
HETATM 780 O O   . HOH D 4 .  ? 0.040   6.012   -8.050  1.00 7.00  ? 615 HOH A O   1 
HETATM 781 O O   . HOH D 4 .  ? 0.289   8.009   -10.001 1.00 19.13 ? 616 HOH A O   1 
HETATM 782 O O   . HOH D 4 .  ? 11.305  -2.234  -5.727  1.00 10.97 ? 617 HOH A O   1 
HETATM 783 O O   . HOH D 4 .  ? 11.887  -4.938  -3.258  1.00 9.01  ? 618 HOH A O   1 
HETATM 784 O O   . HOH D 4 .  ? -7.204  -6.905  8.136   1.00 25.03 ? 619 HOH A O   1 
HETATM 785 O O   . HOH D 4 .  ? 10.704  -2.941  7.661   1.00 16.06 ? 620 HOH A O   1 
HETATM 786 O O   . HOH D 4 .  ? 9.180   -5.009  7.108   1.00 15.13 ? 621 HOH A O   1 
HETATM 787 O O   . HOH D 4 .  ? 10.204  14.500  -2.696  1.00 14.32 ? 622 HOH A O   1 
HETATM 788 O O   . HOH D 4 .  ? 11.725  12.036  -0.316  1.00 16.99 ? 623 HOH A O   1 
HETATM 789 O O   . HOH D 4 .  ? 3.896   19.423  -0.823  1.00 7.43  ? 624 HOH A O   1 
HETATM 790 O O   . HOH D 4 .  ? -0.307  0.163   12.068  1.00 11.26 ? 625 HOH A O   1 
HETATM 791 O O   . HOH D 4 .  ? -2.728  14.454  0.421   1.00 21.06 ? 626 HOH A O   1 
HETATM 792 O O   . HOH D 4 .  ? 2.609   14.112  -6.306  1.00 13.62 ? 627 HOH A O   1 
HETATM 793 O O   . HOH D 4 .  ? 8.624   7.625   -6.201  1.00 12.92 ? 628 HOH A O   1 
HETATM 794 O O   . HOH D 4 .  ? 10.033  15.117  -5.518  1.00 8.48  ? 629 HOH A O   1 
HETATM 795 O O   . HOH D 4 .  ? 11.902  -6.628  -1.125  1.00 10.07 ? 630 HOH A O   1 
HETATM 796 O O   . HOH D 4 .  ? 2.308   -13.443 1.727   1.00 23.89 ? 631 HOH A O   1 
HETATM 797 O O   . HOH D 4 .  ? 5.088   -5.786  -13.841 1.00 30.22 ? 632 HOH A O   1 
HETATM 798 O O   . HOH D 4 .  ? -5.138  -9.678  -0.132  1.00 25.39 ? 633 HOH A O   1 
HETATM 799 O O   . HOH D 4 .  ? -3.443  -9.057  -12.405 1.00 18.08 ? 634 HOH A O   1 
HETATM 800 O O   . HOH D 4 .  ? -7.836  -3.783  -10.786 1.00 15.67 ? 635 HOH A O   1 
HETATM 801 O O   . HOH D 4 .  ? -11.007 -3.756  -5.751  1.00 30.45 ? 636 HOH A O   1 
HETATM 802 O O   . HOH D 4 .  ? -12.116 0.490   8.754   1.00 19.67 ? 637 HOH A O   1 
HETATM 803 O O   . HOH D 4 .  ? -10.703 4.466   11.329  1.00 11.79 ? 638 HOH A O   1 
HETATM 804 O O   . HOH D 4 .  ? -1.322  9.887   17.041  1.00 21.17 ? 639 HOH A O   1 
HETATM 805 O O   . HOH D 4 .  ? -6.283  10.663  10.053  1.00 10.95 ? 640 HOH A O   1 
HETATM 806 O O   . HOH D 4 .  ? -3.693  11.159  11.240  1.00 15.43 ? 641 HOH A O   1 
HETATM 807 O O   . HOH D 4 .  ? -12.381 7.292   5.725   1.00 18.48 ? 642 HOH A O   1 
HETATM 808 O O   . HOH D 4 .  ? -12.149 3.271   5.430   1.00 21.52 ? 643 HOH A O   1 
HETATM 809 O O   . HOH D 4 .  ? -6.896  9.519   7.581   1.00 9.22  ? 644 HOH A O   1 
HETATM 810 O O   . HOH D 4 .  ? -6.291  7.131   -5.357  1.00 11.48 ? 645 HOH A O   1 
HETATM 811 O O   . HOH D 4 .  ? 14.770  4.763   -9.210  1.00 21.59 ? 646 HOH A O   1 
HETATM 812 O O   . HOH D 4 .  ? 8.030   0.752   -16.821 1.00 17.74 ? 647 HOH A O   1 
HETATM 813 O O   . HOH D 4 .  ? 10.776  -0.365  -17.134 1.00 25.99 ? 648 HOH A O   1 
HETATM 814 O O   . HOH D 4 .  ? 8.803   -13.079 -3.393  1.00 35.49 ? 649 HOH A O   1 
HETATM 815 O O   . HOH D 4 .  ? 13.346  -2.645  -3.942  1.00 11.47 ? 650 HOH A O   1 
HETATM 816 O O   . HOH D 4 .  ? -11.363 -3.951  3.990   1.00 39.04 ? 651 HOH A O   1 
HETATM 817 O O   . HOH D 4 .  ? -5.821  -7.674  1.815   1.00 19.04 ? 652 HOH A O   1 
HETATM 818 O O   . HOH D 4 .  ? 1.526   -15.712 12.035  1.00 27.49 ? 653 HOH A O   1 
HETATM 819 O O   . HOH D 4 .  ? 1.685   -15.190 9.179   1.00 16.87 ? 654 HOH A O   1 
HETATM 820 O O   . HOH D 4 .  ? -1.392  -16.639 14.436  1.00 34.15 ? 655 HOH A O   1 
HETATM 821 O O   . HOH D 4 .  ? -7.085  -9.700  3.327   1.00 28.50 ? 656 HOH A O   1 
HETATM 822 O O   . HOH D 4 .  ? -2.530  11.513  9.015   1.00 24.01 ? 657 HOH A O   1 
HETATM 823 O O   . HOH D 4 .  ? 9.146   8.228   -2.588  1.00 30.64 ? 658 HOH A O   1 
HETATM 824 O O   . HOH D 4 .  ? 13.171  8.014   -3.356  1.00 26.83 ? 659 HOH A O   1 
HETATM 825 O O   . HOH D 4 .  ? 9.815   14.993  1.435   1.00 33.66 ? 660 HOH A O   1 
HETATM 826 O O   . HOH D 4 .  ? 9.714   18.647  -1.379  1.00 35.81 ? 661 HOH A O   1 
HETATM 827 O O   . HOH D 4 .  ? -12.657 5.684   -1.603  1.00 31.44 ? 662 HOH A O   1 
HETATM 828 O O   . HOH D 4 .  ? -1.447  11.958  -3.342  1.00 37.91 ? 663 HOH A O   1 
HETATM 829 O O   . HOH D 4 .  ? 4.343   -13.184 3.549   1.00 23.47 ? 664 HOH A O   1 
HETATM 830 O O   . HOH D 4 .  ? -10.706 -3.126  -10.966 1.00 32.35 ? 665 HOH A O   1 
HETATM 831 O O   . HOH D 4 .  ? -12.280 6.647   2.996   1.00 17.73 ? 666 HOH A O   1 
HETATM 832 O O   . HOH D 4 .  ? -9.697  11.165  1.454   1.00 29.45 ? 667 HOH A O   1 
HETATM 833 O O   . HOH D 4 .  ? -13.076 11.130  6.821   1.00 34.47 ? 668 HOH A O   1 
HETATM 834 O O   . HOH D 4 .  ? -14.333 11.458  9.194   1.00 46.06 ? 669 HOH A O   1 
HETATM 835 O O   . HOH D 4 .  ? -9.897  8.242   -1.561  1.00 33.51 ? 670 HOH A O   1 
HETATM 836 O O   . HOH D 4 .  ? -8.119  12.705  0.134   1.00 29.79 ? 671 HOH A O   1 
HETATM 837 O O   . HOH D 4 .  ? 1.521   -16.355 14.415  1.00 24.85 ? 672 HOH A O   1 
HETATM 838 O O   . HOH D 4 .  ? 6.040   -8.104  -11.594 1.00 30.73 ? 673 HOH A O   1 
HETATM 839 O O   . HOH D 4 .  ? -13.042 4.958   8.070   1.00 32.65 ? 674 HOH A O   1 
HETATM 840 O O   . HOH D 4 .  ? -14.311 3.797   3.146   1.00 36.95 ? 675 HOH A O   1 
HETATM 841 O O   . HOH D 4 .  ? -10.889 -3.633  -8.578  1.00 47.35 ? 676 HOH A O   1 
HETATM 842 O O   . HOH D 4 .  ? 2.704   -14.345 -7.918  1.00 33.29 ? 677 HOH A O   1 
HETATM 843 O O   . HOH D 4 .  ? 5.804   -10.033 -12.795 1.00 28.72 ? 678 HOH A O   1 
HETATM 844 O O   . HOH D 4 .  ? 2.734   3.589   12.886  1.00 37.41 ? 679 HOH A O   1 
HETATM 845 O O   . HOH D 4 .  ? -5.528  -15.050 9.890   1.00 35.68 ? 680 HOH A O   1 
HETATM 846 O O   . HOH D 4 .  ? 11.763  9.151   -1.395  1.00 28.89 ? 681 HOH A O   1 
HETATM 847 O O   . HOH D 4 .  ? 1.844   -12.181 -4.529  1.00 25.26 ? 682 HOH A O   1 
HETATM 848 O O   . HOH D 4 .  ? -3.903  8.576   -4.822  1.00 24.02 ? 683 HOH A O   1 
HETATM 849 O O   . HOH D 4 .  ? -3.928  10.145  -12.727 1.00 37.05 ? 684 HOH A O   1 
HETATM 850 O O   . HOH D 4 .  ? 16.081  2.212   -6.873  1.00 48.97 ? 685 HOH A O   1 
HETATM 851 O O   . HOH D 4 .  ? 7.949   -3.246  -15.332 1.00 28.03 ? 686 HOH A O   1 
HETATM 852 O O   . HOH D 4 .  ? -13.547 -4.956  2.836   1.00 35.26 ? 687 HOH A O   1 
HETATM 853 O O   . HOH D 4 .  ? -14.187 -2.339  -3.324  1.00 35.53 ? 688 HOH A O   1 
HETATM 854 O O   . HOH D 4 .  ? -13.886 -8.075  -2.743  1.00 36.63 ? 689 HOH A O   1 
HETATM 855 O O   . HOH D 4 .  ? -15.743 -7.860  3.690   1.00 25.03 ? 690 HOH A O   1 
HETATM 856 O O   . HOH D 4 .  ? 11.354  16.686  0.548   1.00 41.91 ? 691 HOH A O   1 
HETATM 857 O O   . HOH D 4 .  ? 6.698   -6.317  -7.075  1.00 10.47 ? 692 HOH A O   1 
HETATM 858 O O   . HOH D 4 .  ? 8.740   -5.707  -7.734  1.00 33.13 ? 693 HOH A O   1 
HETATM 859 O O   . HOH D 4 .  ? 9.447   19.294  3.456   1.00 43.58 ? 694 HOH A O   1 
HETATM 860 O O   . HOH D 4 .  ? -3.438  13.687  -3.266  1.00 48.50 ? 695 HOH A O   1 
HETATM 861 O O   . HOH D 4 .  ? -5.350  13.521  -2.011  1.00 33.81 ? 696 HOH A O   1 
HETATM 862 O O   . HOH D 4 .  ? -10.100 -8.248  17.561  1.00 28.39 ? 697 HOH A O   1 
HETATM 863 O O   A HOH D 4 .  ? 0.475   -12.986 -6.703  0.50 12.29 ? 698 HOH A O   1 
HETATM 864 O O   B HOH D 4 .  ? -0.366  -13.626 -6.861  0.50 19.97 ? 698 HOH A O   1 
HETATM 865 O O   A HOH D 4 .  ? 4.926   -6.599  4.234   0.50 9.10  ? 699 HOH A O   1 
HETATM 866 O O   A HOH D 4 .  ? 9.926   10.399  -2.380  0.33 21.39 ? 700 HOH A O   1 
HETATM 867 O O   B HOH D 4 .  ? 8.288   11.055  -2.965  0.33 13.11 ? 700 HOH A O   1 
HETATM 868 O O   C HOH D 4 .  ? 8.271   11.528  -4.507  0.33 15.33 ? 700 HOH A O   1 
HETATM 869 O O   . HOH D 4 .  ? 6.295   -14.142 -7.146  0.50 23.17 ? 701 HOH A O   1 
HETATM 870 O O   . HOH D 4 .  ? 4.614   -15.671 -6.431  0.50 26.54 ? 702 HOH A O   1 
HETATM 871 O O   . HOH D 4 .  ? 8.382   -3.868  -6.557  0.50 13.42 ? 703 HOH A O   1 
HETATM 872 O O   A HOH D 4 .  ? -4.283  -10.707 -2.913  0.50 8.82  ? 704 HOH A O   1 
HETATM 873 O O   B HOH D 4 .  ? -4.943  -9.333  -2.379  0.50 19.71 ? 704 HOH A O   1 
# 
loop_
_atom_site_anisotrop.id 
_atom_site_anisotrop.type_symbol 
_atom_site_anisotrop.pdbx_label_atom_id 
_atom_site_anisotrop.pdbx_label_alt_id 
_atom_site_anisotrop.pdbx_label_comp_id 
_atom_site_anisotrop.pdbx_label_asym_id 
_atom_site_anisotrop.pdbx_label_seq_id 
_atom_site_anisotrop.pdbx_PDB_ins_code 
_atom_site_anisotrop.U[1][1] 
_atom_site_anisotrop.U[2][2] 
_atom_site_anisotrop.U[3][3] 
_atom_site_anisotrop.U[1][2] 
_atom_site_anisotrop.U[1][3] 
_atom_site_anisotrop.U[2][3] 
_atom_site_anisotrop.pdbx_auth_seq_id 
_atom_site_anisotrop.pdbx_auth_comp_id 
_atom_site_anisotrop.pdbx_auth_asym_id 
_atom_site_anisotrop.pdbx_auth_atom_id 
1   N N   . SER A 1  ? 0.1470 0.2357 0.2498  0.0075  0.0563  -0.0621 334 SER A N   
2   C CA  . SER A 1  ? 0.1439 0.1196 0.1595  0.0233  0.0286  0.0367  334 SER A CA  
3   C C   . SER A 1  ? 0.1375 0.2481 0.1780  -0.0291 0.0311  -0.0514 334 SER A C   
4   O O   . SER A 1  ? 0.1591 0.4791 0.2444  -0.1176 0.0884  -0.2042 334 SER A O   
5   C CB  . SER A 1  ? 0.2712 0.2678 0.1434  -0.0288 0.0202  0.0188  334 SER A CB  
6   O OG  . SER A 1  ? 0.3014 0.4293 0.1945  0.0898  -0.0273 -0.0608 334 SER A OG  
7   N N   . LEU A 2  ? 0.1222 0.1221 0.1092  0.0222  -0.0014 -0.0030 335 LEU A N   
8   C CA  . LEU A 2  ? 0.1481 0.0989 0.1087  0.0170  0.0084  0.0047  335 LEU A CA  
9   C C   . LEU A 2  ? 0.1447 0.1112 0.0631  0.0243  -0.0019 0.0038  335 LEU A C   
10  O O   . LEU A 2  ? 0.1714 0.1627 0.1181  0.0228  -0.0493 0.0027  335 LEU A O   
11  C CB  . LEU A 2  ? 0.1296 0.1270 0.0720  0.0156  -0.0144 0.0220  335 LEU A CB  
12  C CG  . LEU A 2  ? 0.1636 0.0820 0.0829  0.0251  0.0026  0.0051  335 LEU A CG  
13  C CD1 . LEU A 2  ? 0.1831 0.1445 0.0795  -0.0099 -0.0020 -0.0078 335 LEU A CD1 
14  C CD2 . LEU A 2  ? 0.1208 0.1615 0.1408  0.0154  -0.0015 0.0051  335 LEU A CD2 
15  N N   . LYS A 3  ? 0.1719 0.0960 0.0643  0.0165  0.0078  0.0124  336 LYS A N   
16  C CA  . LYS A 3  ? 0.2020 0.1031 0.0796  0.0292  0.0228  0.0190  336 LYS A CA  
17  C C   . LYS A 3  ? 0.1661 0.1395 0.0787  0.0408  0.0041  0.0186  336 LYS A C   
18  O O   . LYS A 3  ? 0.2159 0.1206 0.0952  0.0658  -0.0006 0.0121  336 LYS A O   
19  C CB  . LYS A 3  ? 0.1914 0.0800 0.2134  0.0509  0.0622  0.0091  336 LYS A CB  
20  C CG  . LYS A 3  ? 0.2314 0.1841 0.1864  -0.0191 0.0565  0.0319  336 LYS A CG  
21  C CD  . LYS A 3  ? 0.2828 0.2655 0.1925  -0.0814 0.0308  0.0672  336 LYS A CD  
22  C CE  . LYS A 3  ? 0.1823 0.4042 0.2809  -0.1274 0.0266  -0.0440 336 LYS A CE  
23  N NZ  . LYS A 3  ? 0.3347 0.4261 0.7553  0.0159  0.1827  0.1589  336 LYS A NZ  
24  N N   . THR A 4  ? 0.1413 0.1516 0.0665  0.0261  -0.0044 -0.0055 337 THR A N   
25  C CA  . THR A 4  ? 0.1431 0.1056 0.0796  0.0147  0.0148  0.0158  337 THR A CA  
26  C C   . THR A 4  ? 0.1338 0.1052 0.0844  0.0257  -0.0020 0.0193  337 THR A C   
27  O O   . THR A 4  ? 0.1580 0.0871 0.1111  0.0258  0.0076  -0.0009 337 THR A O   
28  C CB  . THR A 4  ? 0.2010 0.0924 0.1304  0.0144  0.0614  -0.0118 337 THR A CB  
29  O OG1 . THR A 4  ? 0.2828 0.1029 0.4060  -0.0242 -0.1591 -0.0149 337 THR A OG1 
30  C CG2 . THR A 4  ? 0.2274 0.1143 0.1107  -0.0175 0.0476  -0.0114 337 THR A CG2 
31  N N   . THR A 5  ? 0.1435 0.1098 0.0701  0.0181  -0.0002 0.0028  338 THR A N   
32  C CA  . THR A 5  ? 0.1355 0.0823 0.0829  0.0043  -0.0028 0.0054  338 THR A CA  
33  C C   . THR A 5  ? 0.1404 0.0831 0.0752  0.0111  -0.0041 0.0062  338 THR A C   
34  O O   . THR A 5  ? 0.1711 0.1522 0.0654  0.0280  0.0102  0.0254  338 THR A O   
35  C CB  . THR A 5  ? 0.1290 0.1219 0.1417  -0.0103 0.0191  -0.0123 338 THR A CB  
36  O OG1 . THR A 5  ? 0.1445 0.1190 0.0772  0.0354  -0.0009 -0.0074 338 THR A OG1 
37  C CG2 . THR A 5  ? 0.1352 0.1317 0.1427  0.0134  -0.0001 -0.0023 338 THR A CG2 
38  N N   . ARG A 6  ? 0.1437 0.0829 0.0980  0.0084  -0.0033 -0.0073 339 ARG A N   
39  C CA  . ARG A 6  ? 0.1211 0.0872 0.0991  0.0168  0.0094  0.0037  339 ARG A CA  
40  C C   . ARG A 6  ? 0.1632 0.0746 0.0743  0.0147  0.0094  0.0174  339 ARG A C   
41  O O   . ARG A 6  ? 0.1298 0.0948 0.1084  0.0376  0.0053  -0.0120 339 ARG A O   
42  C CB  . ARG A 6  ? 0.1730 0.0881 0.1406  -0.0171 -0.0149 0.0200  339 ARG A CB  
43  C CG  . ARG A 6  ? 0.3716 0.0811 0.1224  0.0050  0.1269  -0.0008 339 ARG A CG  
44  C CD  . ARG A 6  ? 0.2716 0.1357 0.3485  -0.0201 0.1205  -0.0546 339 ARG A CD  
45  N NE  . ARG A 6  ? 0.1740 0.1153 0.0890  0.0071  -0.0494 -0.0087 339 ARG A NE  
46  C CZ  . ARG A 6  ? 0.2026 0.0410 0.1812  0.0158  -0.0214 0.0019  339 ARG A CZ  
47  N NH1 . ARG A 6  ? 0.2313 0.0469 0.0826  -0.0206 0.0528  -0.0122 339 ARG A NH1 
48  N NH2 . ARG A 6  ? 0.2380 0.1621 0.1923  -0.0548 0.0091  -0.0700 339 ARG A NH2 
49  N N   . GLU A 7  ? 0.2574 0.1242 0.1106  0.0282  -0.0004 -0.0268 340 GLU A N   
50  C CA  . GLU A 7  ? 0.2306 0.1415 0.1400  0.0178  0.0542  -0.0203 340 GLU A CA  
51  C C   . GLU A 7  ? 0.2327 0.1365 0.1381  0.0320  0.0517  0.0025  340 GLU A C   
52  O O   . GLU A 7  ? 0.3245 0.1632 0.1737  0.0778  0.0559  0.0057  340 GLU A O   
53  C CB  . GLU A 7  ? 0.2250 0.1562 0.1398  0.0521  0.0635  0.0029  340 GLU A CB  
54  C CG  . GLU A 7  ? 0.1790 0.1781 0.1605  0.0236  0.0202  0.0069  340 GLU A CG  
55  C CD  . GLU A 7  ? 0.2741 0.2367 0.1608  0.0069  0.0633  0.0214  340 GLU A CD  
56  O OE1 . GLU A 7  ? 0.3295 0.3137 0.1721  0.0511  -0.0376 0.0181  340 GLU A OE1 
57  O OE2 . GLU A 7  ? 0.4169 0.2682 0.1829  0.0095  0.0131  -0.0556 340 GLU A OE2 
58  N N   . PHE A 8  ? 0.1802 0.1731 0.1148  0.0270  0.0064  0.0466  341 PHE A N   
59  C CA  . PHE A 8  ? 0.1510 0.1559 0.1178  0.0504  0.0227  0.0329  341 PHE A CA  
60  C C   . PHE A 8  ? 0.1754 0.0782 0.0768  0.0245  -0.0096 0.0005  341 PHE A C   
61  O O   . PHE A 8  ? 0.2307 0.0756 0.1198  0.0343  0.0166  -0.0082 341 PHE A O   
62  C CB  . PHE A 8  ? 0.3701 0.1251 0.0795  0.0809  0.0261  -0.0161 341 PHE A CB  
63  C CG  . PHE A 8  ? 0.3244 0.1278 0.0903  -0.0576 -0.0439 0.0171  341 PHE A CG  
64  C CD1 . PHE A 8  ? 0.2523 0.1174 0.1034  -0.0241 -0.0160 0.0164  341 PHE A CD1 
65  C CD2 . PHE A 8  ? 0.3921 0.2544 0.0836  -0.1744 -0.0837 0.0512  341 PHE A CD2 
66  C CE1 . PHE A 8  ? 0.2264 0.2104 0.0905  -0.0286 -0.0123 0.0017  341 PHE A CE1 
67  C CE2 . PHE A 8  ? 0.3426 0.3396 0.1776  -0.1664 -0.0490 0.0688  341 PHE A CE2 
68  C CZ  . PHE A 8  ? 0.2710 0.3913 0.1095  -0.1260 -0.0514 0.0635  341 PHE A CZ  
69  N N   . ALA A 9  ? 0.1612 0.0658 0.0770  0.0217  -0.0075 -0.0024 342 ALA A N   
70  C CA  . ALA A 9  ? 0.1620 0.0814 0.0597  0.0010  -0.0112 -0.0199 342 ALA A CA  
71  C C   . ALA A 9  ? 0.1324 0.0668 0.0736  0.0332  -0.0202 -0.0082 342 ALA A C   
72  O O   . ALA A 9  ? 0.1427 0.1033 0.0675  0.0322  -0.0102 -0.0189 342 ALA A O   
73  C CB  . ALA A 9  ? 0.1627 0.2626 0.1072  -0.0634 -0.0574 0.0541  342 ALA A CB  
74  N N   . GLY A 10 ? 0.1360 0.0585 0.0676  0.0073  -0.0015 -0.0026 343 GLY A N   
75  C CA  . GLY A 10 ? 0.1219 0.0717 0.0818  0.0220  -0.0063 -0.0115 343 GLY A CA  
76  C C   . GLY A 10 ? 0.1077 0.0637 0.0562  0.0279  0.0009  0.0050  343 GLY A C   
77  O O   . GLY A 10 ? 0.1100 0.0708 0.0819  0.0211  0.0115  -0.0106 343 GLY A O   
78  N N   . LEU A 11 ? 0.1095 0.0653 0.0692  0.0173  0.0098  -0.0037 344 LEU A N   
79  C CA  . LEU A 11 ? 0.1237 0.0803 0.0550  0.0104  0.0015  0.0108  344 LEU A CA  
80  C C   . LEU A 11 ? 0.1004 0.0717 0.0407  0.0253  -0.0019 0.0070  344 LEU A C   
81  O O   . LEU A 11 ? 0.1159 0.0900 0.0562  0.0253  0.0136  0.0020  344 LEU A O   
82  C CB  . LEU A 11 ? 0.1262 0.0901 0.0701  0.0248  0.0139  0.0215  344 LEU A CB  
83  C CG  . LEU A 11 ? 0.1195 0.0739 0.0938  0.0156  -0.0028 0.0178  344 LEU A CG  
84  C CD1 . LEU A 11 ? 0.1418 0.1052 0.0655  0.0158  0.0032  0.0277  344 LEU A CD1 
85  C CD2 . LEU A 11 ? 0.1562 0.1202 0.1314  0.0485  -0.0363 0.0047  344 LEU A CD2 
86  N N   . VAL A 12 ? 0.1017 0.0724 0.0569  0.0283  0.0068  0.0103  345 VAL A N   
87  C CA  . VAL A 12 ? 0.1097 0.0719 0.0498  0.0279  0.0079  0.0029  345 VAL A CA  
88  C C   . VAL A 12 ? 0.1175 0.0674 0.0473  0.0266  -0.0018 -0.0023 345 VAL A C   
89  O O   . VAL A 12 ? 0.1209 0.1194 0.0533  0.0392  0.0082  0.0208  345 VAL A O   
90  C CB  . VAL A 12 ? 0.1245 0.0758 0.0649  0.0437  0.0070  0.0037  345 VAL A CB  
91  C CG1 . VAL A 12 ? 0.1456 0.0734 0.0608  0.0418  0.0055  0.0023  345 VAL A CG1 
92  C CG2 . VAL A 12 ? 0.1239 0.0981 0.0720  0.0558  0.0061  0.0081  345 VAL A CG2 
93  N N   . LEU A 13 ? 0.1094 0.0677 0.0473  0.0188  0.0009  -0.0004 346 LEU A N   
94  C CA  . LEU A 13 ? 0.1145 0.0731 0.0738  0.0178  0.0007  -0.0043 346 LEU A CA  
95  C C   . LEU A 13 ? 0.1072 0.0801 0.0725  0.0109  -0.0069 0.0128  346 LEU A C   
96  O O   . LEU A 13 ? 0.1544 0.1036 0.1007  -0.0138 -0.0375 0.0141  346 LEU A O   
97  C CB  . LEU A 13 ? 0.1182 0.1109 0.0828  0.0165  0.0146  -0.0172 346 LEU A CB  
98  C CG  . LEU A 13 ? 0.1304 0.0952 0.1048  0.0537  -0.0219 -0.0128 346 LEU A CG  
99  C CD1 . LEU A 13 ? 0.1844 0.1428 0.1757  0.0471  0.0222  -0.0533 346 LEU A CD1 
100 C CD2 . LEU A 13 ? 0.1950 0.1212 0.1190  0.0539  -0.0340 0.0035  346 LEU A CD2 
101 N N   . GLY A 14 ? 0.1225 0.0626 0.0764  0.0199  -0.0024 -0.0045 347 GLY A N   
102 C CA  . GLY A 14 ? 0.1601 0.0709 0.0999  0.0066  -0.0201 0.0084  347 GLY A CA  
103 C C   . GLY A 14 ? 0.1198 0.0681 0.0931  0.0123  0.0042  0.0022  347 GLY A C   
104 O O   . GLY A 14 ? 0.1330 0.0681 0.0710  0.0078  0.0048  -0.0064 347 GLY A O   
105 N N   . TYR A 15 ? 0.1527 0.0729 0.0896  0.0028  -0.0231 0.0073  348 TYR A N   
106 C CA  . TYR A 15 ? 0.1441 0.0664 0.0759  0.0089  -0.0164 -0.0003 348 TYR A CA  
107 C C   . TYR A 15 ? 0.1372 0.0699 0.0781  0.0089  -0.0240 -0.0008 348 TYR A C   
108 O O   . TYR A 15 ? 0.2270 0.0675 0.0968  -0.0115 -0.0418 -0.0064 348 TYR A O   
109 C CB  . TYR A 15 ? 0.1634 0.0788 0.0956  0.0162  0.0034  0.0068  348 TYR A CB  
110 C CG  . TYR A 15 ? 0.1617 0.0660 0.0836  0.0234  0.0129  -0.0005 348 TYR A CG  
111 C CD1 . TYR A 15 ? 0.1350 0.0659 0.1043  0.0064  0.0073  -0.0042 348 TYR A CD1 
112 C CD2 . TYR A 15 ? 0.1383 0.0697 0.0974  0.0044  0.0084  -0.0071 348 TYR A CD2 
113 C CE1 . TYR A 15 ? 0.1396 0.0774 0.0857  0.0010  -0.0023 -0.0034 348 TYR A CE1 
114 C CE2 . TYR A 15 ? 0.1310 0.0692 0.0823  0.0086  0.0233  -0.0109 348 TYR A CE2 
115 C CZ  . TYR A 15 ? 0.1196 0.0764 0.1045  0.0188  0.0069  -0.0109 348 TYR A CZ  
116 O OH  . TYR A 15 ? 0.1345 0.0857 0.1368  0.0147  0.0045  0.0054  348 TYR A OH  
117 N N   . ASP A 16 ? 0.1317 0.0524 0.0866  0.0113  -0.0185 -0.0026 349 ASP A N   
118 C CA  . ASP A 16 ? 0.1384 0.0566 0.1029  0.0160  -0.0260 0.0085  349 ASP A CA  
119 C C   . ASP A 16 ? 0.1430 0.0428 0.0873  0.0113  -0.0098 0.0014  349 ASP A C   
120 O O   . ASP A 16 ? 0.1225 0.0637 0.0829  0.0176  0.0011  0.0009  349 ASP A O   
121 C CB  . ASP A 16 ? 0.1273 0.0809 0.1375  0.0104  0.0127  0.0065  349 ASP A CB  
122 C CG  . ASP A 16 ? 0.1366 0.0875 0.1587  0.0252  0.0057  0.0312  349 ASP A CG  
123 O OD1 . ASP A 16 ? 0.1634 0.0820 0.2218  -0.0028 0.0472  0.0078  349 ASP A OD1 
124 O OD2 . ASP A 16 ? 0.1580 0.1229 0.1970  0.0103  0.0454  0.0311  349 ASP A OD2 
125 N N   . PRO A 17 ? 0.1745 0.0534 0.0793  0.0104  -0.0049 -0.0017 350 PRO A N   
126 C CA  . PRO A 17 ? 0.1665 0.0676 0.0877  0.0106  0.0170  0.0032  350 PRO A CA  
127 C C   . PRO A 17 ? 0.1539 0.0704 0.0763  0.0224  0.0137  -0.0087 350 PRO A C   
128 O O   . PRO A 17 ? 0.1542 0.0756 0.1358  0.0270  0.0412  0.0191  350 PRO A O   
129 C CB  . PRO A 17 ? 0.2636 0.1008 0.0903  0.0089  0.0538  -0.0147 350 PRO A CB  
130 C CG  . PRO A 17 ? 0.2796 0.1130 0.1101  -0.0147 -0.0243 -0.0328 350 PRO A CG  
131 C CD  . PRO A 17 ? 0.1964 0.0824 0.1120  -0.0055 -0.0399 -0.0037 350 PRO A CD  
132 N N   . GLU A 18 ? 0.1166 0.0622 0.0784  0.0182  -0.0050 0.0012  351 GLU A N   
133 C CA  . GLU A 18 ? 0.1130 0.0556 0.0960  0.0137  -0.0097 0.0083  351 GLU A CA  
134 C C   . GLU A 18 ? 0.1241 0.0573 0.0819  0.0009  0.0017  0.0114  351 GLU A C   
135 O O   . GLU A 18 ? 0.1419 0.0664 0.0801  0.0177  0.0033  -0.0020 351 GLU A O   
136 C CB  . GLU A 18 ? 0.1088 0.0811 0.1213  0.0079  0.0013  -0.0005 351 GLU A CB  
137 C CG  . GLU A 18 ? 0.1275 0.0732 0.1055  0.0086  -0.0028 0.0065  351 GLU A CG  
138 C CD  . GLU A 18 ? 0.1451 0.1017 0.1723  0.0258  -0.0297 -0.0355 351 GLU A CD  
139 O OE1 . GLU A 18 ? 0.1714 0.0754 0.2363  0.0284  -0.0552 -0.0159 351 GLU A OE1 
140 O OE2 . GLU A 18 ? 0.3112 0.1747 0.2141  0.0810  -0.0870 -0.0980 351 GLU A OE2 
141 N N   . THR A 19 ? 0.1338 0.0551 0.0728  0.0069  -0.0026 0.0104  352 THR A N   
142 C CA  . THR A 19 ? 0.1280 0.0641 0.0637  0.0137  0.0080  0.0104  352 THR A CA  
143 C C   . THR A 19 ? 0.1193 0.0547 0.0623  0.0240  0.0112  -0.0067 352 THR A C   
144 O O   . THR A 19 ? 0.1302 0.0707 0.0819  0.0136  -0.0012 -0.0014 352 THR A O   
145 C CB  . THR A 19 ? 0.1221 0.0830 0.0888  0.0155  0.0170  0.0084  352 THR A CB  
146 O OG1 . THR A 19 ? 0.1355 0.0855 0.1050  0.0230  0.0001  -0.0074 352 THR A OG1 
147 C CG2 . THR A 19 ? 0.1565 0.1560 0.0937  -0.0294 0.0367  0.0005  352 THR A CG2 
148 N N   . GLY A 20 ? 0.1183 0.0459 0.0806  0.0120  0.0192  -0.0007 353 GLY A N   
149 C CA  . GLY A 20 ? 0.1039 0.0746 0.0839  0.0076  0.0179  -0.0105 353 GLY A CA  
150 C C   . GLY A 20 ? 0.1023 0.0658 0.0720  0.0103  0.0073  -0.0102 353 GLY A C   
151 O O   . GLY A 20 ? 0.1069 0.0876 0.1026  0.0018  0.0153  -0.0137 353 GLY A O   
152 N N   . ILE A 21 ? 0.1098 0.0533 0.0791  0.0084  0.0055  0.0003  354 ILE A N   
153 C CA  . ILE A 21 ? 0.1096 0.0429 0.0726  0.0081  0.0022  0.0037  354 ILE A CA  
154 C C   . ILE A 21 ? 0.0966 0.0563 0.0636  0.0159  0.0055  0.0006  354 ILE A C   
155 O O   . ILE A 21 ? 0.1124 0.0749 0.0797  0.0118  -0.0040 -0.0046 354 ILE A O   
156 C CB  A ILE A 21 ? 0.1298 0.0540 0.0752  0.0051  0.0128  0.0022  354 ILE A CB  
157 C CB  B ILE A 21 ? 0.1099 0.0772 0.0629  0.0203  0.0001  0.0139  354 ILE A CB  
158 C CG1 A ILE A 21 ? 0.1629 0.0753 0.0668  0.0097  0.0052  -0.0003 354 ILE A CG1 
159 C CG1 B ILE A 21 ? 0.0676 0.0081 0.0593  -0.0053 -0.0141 -0.0146 354 ILE A CG1 
160 C CG2 A ILE A 21 ? 0.1207 0.0766 0.1239  0.0250  0.0154  -0.0116 354 ILE A CG2 
161 C CG2 B ILE A 21 ? 0.0946 0.0656 -0.0017 0.0372  -0.0036 0.0544  354 ILE A CG2 
162 C CD1 A ILE A 21 ? 0.2708 0.1061 0.0996  -0.0311 0.0638  0.0018  354 ILE A CD1 
163 C CD1 B ILE A 21 ? 0.0471 0.0258 0.0664  0.0028  0.0012  -0.0228 354 ILE A CD1 
164 N N   . ALA A 22 ? 0.1002 0.0500 0.0662  0.0176  0.0003  0.0057  355 ALA A N   
165 C CA  . ALA A 22 ? 0.1073 0.0662 0.0569  0.0207  0.0099  0.0050  355 ALA A CA  
166 C C   . ALA A 22 ? 0.1072 0.0407 0.0567  0.0061  0.0093  0.0039  355 ALA A C   
167 O O   . ALA A 22 ? 0.1326 0.0620 0.0540  0.0284  0.0093  0.0068  355 ALA A O   
168 C CB  . ALA A 22 ? 0.1297 0.0692 0.0857  0.0167  0.0310  0.0175  355 ALA A CB  
169 N N   . THR A 23 ? 0.1454 0.0526 0.0474  0.0269  0.0020  0.0096  356 THR A N   
170 C CA  . THR A 23 ? 0.1159 0.0549 0.0636  0.0147  0.0102  -0.0046 356 THR A CA  
171 C C   . THR A 23 ? 0.1353 0.0589 0.0505  0.0256  -0.0029 0.0128  356 THR A C   
172 O O   . THR A 23 ? 0.1607 0.0591 0.0540  0.0279  0.0055  -0.0035 356 THR A O   
173 C CB  . THR A 23 ? 0.1249 0.0736 0.0781  0.0233  0.0002  -0.0018 356 THR A CB  
174 O OG1 . THR A 23 ? 0.1150 0.0832 0.1467  0.0082  0.0168  0.0019  356 THR A OG1 
175 C CG2 . THR A 23 ? 0.1326 0.0881 0.1115  0.0402  -0.0060 -0.0228 356 THR A CG2 
176 N N   . VAL A 24 ? 0.1317 0.0516 0.0480  0.0137  0.0084  0.0071  357 VAL A N   
177 C CA  . VAL A 24 ? 0.1312 0.0607 0.0382  0.0218  0.0191  -0.0027 357 VAL A CA  
178 C C   . VAL A 24 ? 0.1243 0.0507 0.0493  0.0221  0.0082  0.0023  357 VAL A C   
179 O O   . VAL A 24 ? 0.1699 0.0713 0.0510  0.0388  0.0299  0.0047  357 VAL A O   
180 C CB  . VAL A 24 ? 0.1262 0.0716 0.0511  0.0216  0.0216  0.0079  357 VAL A CB  
181 C CG1 . VAL A 24 ? 0.1424 0.0804 0.1040  0.0011  -0.0088 0.0302  357 VAL A CG1 
182 C CG2 . VAL A 24 ? 0.1361 0.0804 0.0851  0.0248  -0.0090 -0.0127 357 VAL A CG2 
183 N N   . GLN A 25 ? 0.1432 0.0549 0.0534  0.0279  0.0238  0.0034  358 GLN A N   
184 C CA  . GLN A 25 ? 0.1453 0.0594 0.0490  0.0285  0.0210  0.0119  358 GLN A CA  
185 C C   . GLN A 25 ? 0.1396 0.0510 0.0689  0.0356  0.0236  0.0171  358 GLN A C   
186 O O   . GLN A 25 ? 0.1626 0.0757 0.0745  0.0036  0.0418  -0.0047 358 GLN A O   
187 C CB  . GLN A 25 ? 0.1553 0.0756 0.0690  0.0419  0.0046  0.0046  358 GLN A CB  
188 C CG  . GLN A 25 ? 0.1855 0.0921 0.1351  0.0714  -0.0042 0.0062  358 GLN A CG  
189 C CD  . GLN A 25 ? 0.3075 0.1171 0.1690  0.1198  -0.0425 0.0242  358 GLN A CD  
190 O OE1 . GLN A 25 ? 0.3849 0.1981 0.1508  0.1655  -0.0238 0.0366  358 GLN A OE1 
191 N NE2 . GLN A 25 ? 0.2930 0.1236 0.1661  0.0671  -0.0881 -0.0079 358 GLN A NE2 
192 N N   . GLN A 26 ? 0.1144 0.1042 0.0572  0.0321  0.0081  0.0072  359 GLN A N   
193 C CA  . GLN A 26 ? 0.1099 0.1019 0.0595  0.0385  0.0035  0.0121  359 GLN A CA  
194 C C   . GLN A 26 ? 0.1303 0.1054 0.0549  0.0327  -0.0034 0.0117  359 GLN A C   
195 O O   . GLN A 26 ? 0.1381 0.1083 0.0766  0.0509  -0.0035 0.0157  359 GLN A O   
196 C CB  . GLN A 26 ? 0.1502 0.1268 0.0589  0.0320  -0.0102 0.0110  359 GLN A CB  
197 C CG  . GLN A 26 ? 0.1412 0.1109 0.0576  0.0270  0.0102  0.0050  359 GLN A CG  
198 C CD  . GLN A 26 ? 0.2035 0.1101 0.0813  0.0643  -0.0019 -0.0162 359 GLN A CD  
199 O OE1 . GLN A 26 ? 0.2887 0.1219 0.0803  0.0840  -0.0114 -0.0061 359 GLN A OE1 
200 N NE2 . GLN A 26 ? 0.1691 0.0949 0.0800  0.0490  0.0108  0.0040  359 GLN A NE2 
201 N N   . ARG A 27 ? 0.1320 0.0815 0.0628  0.0284  -0.0108 0.0010  360 ARG A N   
202 C CA  . ARG A 27 ? 0.1470 0.0875 0.0748  0.0312  -0.0182 0.0145  360 ARG A CA  
203 C C   . ARG A 27 ? 0.1745 0.0737 0.0589  0.0276  -0.0124 0.0097  360 ARG A C   
204 O O   . ARG A 27 ? 0.1660 0.0782 0.1070  0.0267  -0.0063 0.0216  360 ARG A O   
205 C CB  A ARG A 27 ? 0.1403 0.1002 0.0680  0.0268  -0.0213 0.0061  360 ARG A CB  
206 C CB  B ARG A 27 ? 0.2106 0.1040 0.0548  0.0364  -0.0118 0.0162  360 ARG A CB  
207 C CG  A ARG A 27 ? 0.1598 0.0782 0.0770  0.0106  -0.0211 0.0075  360 ARG A CG  
208 C CG  B ARG A 27 ? 0.2466 0.1399 0.0607  0.0313  -0.0584 0.0263  360 ARG A CG  
209 C CD  A ARG A 27 ? 0.1631 0.1014 0.1184  0.0421  -0.0398 0.0195  360 ARG A CD  
210 C CD  B ARG A 27 ? 0.2048 0.1524 0.1349  0.0254  -0.0212 -0.0036 360 ARG A CD  
211 N NE  A ARG A 27 ? 0.1501 0.1728 0.0747  -0.0276 -0.0204 0.0402  360 ARG A NE  
212 N NE  B ARG A 27 ? 0.1953 0.1822 0.1803  0.0176  -0.0519 0.0104  360 ARG A NE  
213 C CZ  A ARG A 27 ? 0.1178 0.1478 0.0894  0.0063  -0.0112 0.0260  360 ARG A CZ  
214 C CZ  B ARG A 27 ? 0.2473 0.1824 0.2252  -0.0199 -0.1544 0.0671  360 ARG A CZ  
215 N NH1 A ARG A 27 ? 0.1523 0.1447 0.0605  0.0286  -0.0086 0.0443  360 ARG A NH1 
216 N NH1 B ARG A 27 ? 0.4235 0.2661 0.1566  -0.1293 -0.0638 -0.0021 360 ARG A NH1 
217 N NH2 A ARG A 27 ? 0.1347 0.1155 0.0882  -0.0037 -0.0263 0.0138  360 ARG A NH2 
218 N NH2 B ARG A 27 ? 0.2368 0.1194 0.2561  0.0382  -0.0963 -0.0477 360 ARG A NH2 
219 N N   . ASN A 28 ? 0.1668 0.0624 0.0649  0.0253  -0.0240 -0.0057 361 ASN A N   
220 C CA  . ASN A 28 ? 0.1701 0.0511 0.0687  0.0103  -0.0142 0.0004  361 ASN A CA  
221 C C   . ASN A 28 ? 0.1637 0.0608 0.0675  0.0087  -0.0232 -0.0012 361 ASN A C   
222 O O   . ASN A 28 ? 0.1753 0.0498 0.0757  0.0198  -0.0282 -0.0036 361 ASN A O   
223 C CB  . ASN A 28 ? 0.1676 0.0611 0.0780  0.0239  -0.0070 -0.0031 361 ASN A CB  
224 C CG  . ASN A 28 ? 0.1845 0.0828 0.0574  0.0190  0.0026  0.0006  361 ASN A CG  
225 O OD1 . ASN A 28 ? 0.2050 0.0610 0.0806  0.0160  0.0025  0.0026  361 ASN A OD1 
226 N ND2 . ASN A 28 ? 0.2102 0.0704 0.0717  0.0257  -0.0069 0.0017  361 ASN A ND2 
227 N N   . HIS A 29 ? 0.1998 0.0615 0.0588  -0.0132 -0.0143 0.0042  362 HIS A N   
228 C CA  . HIS A 29 ? 0.2056 0.0628 0.0667  0.0077  -0.0230 0.0064  362 HIS A CA  
229 C C   . HIS A 29 ? 0.1443 0.0760 0.0611  -0.0112 -0.0123 0.0091  362 HIS A C   
230 O O   . HIS A 29 ? 0.1421 0.1207 0.0998  -0.0260 -0.0031 0.0469  362 HIS A O   
231 C CB  . HIS A 29 ? 0.2982 0.0785 0.0672  -0.0267 -0.0288 0.0021  362 HIS A CB  
232 C CG  . HIS A 29 ? 0.2116 0.0872 0.0692  -0.0233 -0.0260 -0.0003 362 HIS A CG  
233 N ND1 . HIS A 29 ? 0.2068 0.1003 0.0957  -0.0050 -0.0103 0.0036  362 HIS A ND1 
234 C CD2 . HIS A 29 ? 0.2054 0.1116 0.1004  -0.0107 -0.0079 -0.0033 362 HIS A CD2 
235 C CE1 . HIS A 29 ? 0.1573 0.1618 0.1022  -0.0307 -0.0131 0.0447  362 HIS A CE1 
236 N NE2 . HIS A 29 ? 0.1811 0.1734 0.0597  -0.0353 -0.0070 -0.0070 362 HIS A NE2 
237 N N   . PHE A 30 ? 0.1285 0.0560 0.0610  0.0015  0.0099  0.0005  363 PHE A N   
238 C CA  . PHE A 30 ? 0.1323 0.0701 0.0543  0.0064  0.0068  0.0028  363 PHE A CA  
239 C C   . PHE A 30 ? 0.1311 0.0671 0.0584  0.0092  0.0041  0.0037  363 PHE A C   
240 O O   . PHE A 30 ? 0.1330 0.0943 0.0755  0.0209  0.0071  0.0011  363 PHE A O   
241 C CB  . PHE A 30 ? 0.1320 0.0665 0.0652  0.0231  0.0090  -0.0026 363 PHE A CB  
242 C CG  . PHE A 30 ? 0.1288 0.0581 0.0711  0.0212  0.0089  -0.0116 363 PHE A CG  
243 C CD1 . PHE A 30 ? 0.1768 0.0714 0.0505  0.0067  0.0041  -0.0022 363 PHE A CD1 
244 C CD2 . PHE A 30 ? 0.1288 0.0543 0.0954  0.0254  0.0047  -0.0077 363 PHE A CD2 
245 C CE1 . PHE A 30 ? 0.1973 0.0919 0.0608  -0.0278 0.0108  -0.0038 363 PHE A CE1 
246 C CE2 . PHE A 30 ? 0.1264 0.0856 0.0935  0.0211  -0.0026 -0.0094 363 PHE A CE2 
247 C CZ  . PHE A 30 ? 0.1369 0.1084 0.0794  -0.0143 0.0256  -0.0189 363 PHE A CZ  
248 N N   . ARG A 31 ? 0.1236 0.0772 0.0686  0.0180  0.0141  0.0099  364 ARG A N   
249 C CA  . ARG A 31 ? 0.1437 0.0800 0.0728  0.0160  0.0140  0.0125  364 ARG A CA  
250 C C   . ARG A 31 ? 0.1341 0.0890 0.0441  0.0125  0.0070  0.0044  364 ARG A C   
251 O O   . ARG A 31 ? 0.1328 0.0874 0.0637  0.0238  0.0153  0.0162  364 ARG A O   
252 C CB  . ARG A 31 ? 0.1695 0.0703 0.0776  0.0126  0.0040  0.0099  364 ARG A CB  
253 C CG  . ARG A 31 ? 0.1646 0.0913 0.1153  0.0190  -0.0107 0.0021  364 ARG A CG  
254 C CD  . ARG A 31 ? 0.2342 0.1324 0.1718  -0.0281 -0.0218 -0.0325 364 ARG A CD  
255 N NE  . ARG A 31 ? 0.2454 0.1977 0.2585  -0.0536 -0.0676 -0.0269 364 ARG A NE  
256 C CZ  . ARG A 31 ? 0.3107 0.2733 0.3266  -0.1262 -0.0326 -0.0767 364 ARG A CZ  
257 N NH1 . ARG A 31 ? 0.5776 0.2593 0.3891  -0.0600 -0.1567 -0.1484 364 ARG A NH1 
258 N NH2 . ARG A 31 ? 0.3095 0.5788 0.3713  -0.2275 -0.0330 -0.0698 364 ARG A NH2 
259 N N   . PRO A 32 ? 0.1519 0.0753 0.0594  0.0110  0.0190  0.0027  365 PRO A N   
260 C CA  . PRO A 32 ? 0.1547 0.0768 0.0684  0.0192  0.0020  -0.0013 365 PRO A CA  
261 C C   . PRO A 32 ? 0.1601 0.0830 0.0357  0.0149  0.0127  0.0038  365 PRO A C   
262 O O   . PRO A 32 ? 0.1494 0.0821 0.0746  0.0154  0.0021  -0.0085 365 PRO A O   
263 C CB  . PRO A 32 ? 0.1608 0.0874 0.0778  0.0108  0.0091  0.0085  365 PRO A CB  
264 C CG  . PRO A 32 ? 0.1558 0.0980 0.0862  0.0043  0.0132  0.0105  365 PRO A CG  
265 C CD  . PRO A 32 ? 0.1477 0.1057 0.0949  0.0201  0.0370  0.0173  365 PRO A CD  
266 N N   . GLY A 33 ? 0.1529 0.0863 0.0488  0.0184  -0.0076 -0.0037 366 GLY A N   
267 C CA  . GLY A 33 ? 0.1487 0.1233 0.0579  0.0098  -0.0130 0.0015  366 GLY A CA  
268 C C   . GLY A 33 ? 0.1479 0.1009 0.0560  0.0068  -0.0156 -0.0027 366 GLY A C   
269 O O   . GLY A 33 ? 0.1499 0.1122 0.0890  0.0230  -0.0029 0.0148  366 GLY A O   
270 N N   . ASP A 34 ? 0.1352 0.1063 0.0409  0.0152  0.0030  -0.0081 367 ASP A N   
271 C CA  . ASP A 34 ? 0.1111 0.0913 0.0574  -0.0073 0.0036  0.0040  367 ASP A CA  
272 C C   . ASP A 34 ? 0.1103 0.1028 0.0463  0.0037  -0.0051 -0.0004 367 ASP A C   
273 O O   . ASP A 34 ? 0.1263 0.0953 0.0715  -0.0035 0.0186  0.0074  367 ASP A O   
274 C CB  . ASP A 34 ? 0.1321 0.0999 0.0685  0.0181  0.0101  0.0086  367 ASP A CB  
275 C CG  . ASP A 34 ? 0.1236 0.0954 0.0993  0.0060  0.0073  0.0080  367 ASP A CG  
276 O OD1 . ASP A 34 ? 0.1673 0.1160 0.1502  0.0213  -0.0305 -0.0306 367 ASP A OD1 
277 O OD2 . ASP A 34 ? 0.1426 0.0974 0.0970  0.0256  0.0136  0.0235  367 ASP A OD2 
278 N N   . GLU A 35 ? 0.1071 0.1112 0.0558  -0.0177 -0.0007 -0.0078 368 GLU A N   
279 C CA  . GLU A 35 ? 0.1154 0.0968 0.0650  -0.0012 -0.0030 -0.0007 368 GLU A CA  
280 C C   . GLU A 35 ? 0.1172 0.0805 0.0546  -0.0041 0.0053  0.0023  368 GLU A C   
281 O O   . GLU A 35 ? 0.1414 0.0775 0.0765  -0.0055 -0.0074 -0.0012 368 GLU A O   
282 C CB  . GLU A 35 ? 0.1142 0.1073 0.0824  0.0070  0.0068  0.0247  368 GLU A CB  
283 C CG  . GLU A 35 ? 0.1165 0.1188 0.0860  0.0188  0.0118  0.0212  368 GLU A CG  
284 C CD  . GLU A 35 ? 0.1478 0.1079 0.0994  0.0103  -0.0330 0.0157  368 GLU A CD  
285 O OE1 . GLU A 35 ? 0.1524 0.1187 0.1510  0.0289  -0.0381 -0.0099 368 GLU A OE1 
286 O OE2 . GLU A 35 ? 0.1506 0.1390 0.0936  -0.0035 -0.0278 0.0277  368 GLU A OE2 
287 N N   . VAL A 36 ? 0.1107 0.0697 0.0556  0.0057  -0.0048 0.0048  369 VAL A N   
288 C CA  . VAL A 36 ? 0.1229 0.0614 0.0511  0.0093  -0.0022 0.0064  369 VAL A CA  
289 C C   . VAL A 36 ? 0.1102 0.0615 0.0560  0.0050  -0.0018 0.0045  369 VAL A C   
290 O O   . VAL A 36 ? 0.1491 0.0779 0.0591  0.0111  0.0023  -0.0009 369 VAL A O   
291 C CB  . VAL A 36 ? 0.1135 0.0871 0.0698  -0.0031 0.0058  0.0070  369 VAL A CB  
292 C CG1 . VAL A 36 ? 0.1312 0.0777 0.1089  0.0308  0.0143  0.0014  369 VAL A CG1 
293 C CG2 . VAL A 36 ? 0.1152 0.0792 0.0999  0.0064  0.0133  -0.0146 369 VAL A CG2 
294 N N   . GLU A 37 ? 0.1227 0.0896 0.0585  0.0185  -0.0065 -0.0029 370 GLU A N   
295 C CA  . GLU A 37 ? 0.1158 0.0738 0.0571  0.0022  -0.0108 0.0019  370 GLU A CA  
296 C C   . GLU A 37 ? 0.0973 0.0752 0.0486  0.0216  0.0067  -0.0101 370 GLU A C   
297 O O   . GLU A 37 ? 0.1214 0.0672 0.0760  0.0123  -0.0053 0.0098  370 GLU A O   
298 C CB  . GLU A 37 ? 0.1086 0.1180 0.0725  0.0062  -0.0013 0.0141  370 GLU A CB  
299 C CG  . GLU A 37 ? 0.1249 0.1799 0.0845  0.0057  0.0090  -0.0022 370 GLU A CG  
300 C CD  . GLU A 37 ? 0.1434 0.2166 0.1345  0.0237  0.0463  0.0257  370 GLU A CD  
301 O OE1 . GLU A 37 ? 0.1888 0.2548 0.2449  0.0393  0.1105  0.0328  370 GLU A OE1 
302 O OE2 . GLU A 37 ? 0.2629 0.2437 0.1468  0.0524  0.0811  0.0878  370 GLU A OE2 
303 N N   . PHE A 38 ? 0.1043 0.0658 0.0559  0.0191  -0.0038 -0.0008 371 PHE A N   
304 C CA  . PHE A 38 ? 0.1002 0.0638 0.0440  0.0232  0.0018  -0.0029 371 PHE A CA  
305 C C   . PHE A 38 ? 0.0956 0.0589 0.0580  0.0090  -0.0027 -0.0020 371 PHE A C   
306 O O   . PHE A 38 ? 0.1032 0.0925 0.0577  0.0334  0.0054  -0.0044 371 PHE A O   
307 C CB  . PHE A 38 ? 0.1041 0.0485 0.0718  0.0256  0.0042  -0.0081 371 PHE A CB  
308 C CG  . PHE A 38 ? 0.1268 0.0426 0.0555  0.0089  0.0074  0.0074  371 PHE A CG  
309 C CD1 . PHE A 38 ? 0.1311 0.0886 0.0722  0.0114  0.0010  0.0129  371 PHE A CD1 
310 C CD2 . PHE A 38 ? 0.1183 0.0563 0.0738  0.0092  0.0158  0.0133  371 PHE A CD2 
311 C CE1 . PHE A 38 ? 0.1449 0.0834 0.0520  0.0123  0.0031  0.0289  371 PHE A CE1 
312 C CE2 . PHE A 38 ? 0.0999 0.0727 0.0747  0.0060  0.0073  0.0085  371 PHE A CE2 
313 C CZ  . PHE A 38 ? 0.1445 0.0644 0.0684  0.0057  0.0197  0.0110  371 PHE A CZ  
314 N N   . PHE A 39 ? 0.0980 0.0757 0.0532  0.0210  0.0031  0.0122  372 PHE A N   
315 C CA  . PHE A 39 ? 0.0966 0.1028 0.0546  0.0136  0.0157  0.0144  372 PHE A CA  
316 C C   . PHE A 39 ? 0.1070 0.0835 0.0452  0.0322  0.0132  0.0061  372 PHE A C   
317 O O   . PHE A 39 ? 0.1058 0.1074 0.0559  0.0296  0.0076  0.0035  372 PHE A O   
318 C CB  . PHE A 39 ? 0.1307 0.0991 0.0679  0.0006  0.0146  0.0132  372 PHE A CB  
319 C CG  . PHE A 39 ? 0.1159 0.1064 0.0654  0.0030  0.0070  0.0185  372 PHE A CG  
320 C CD1 . PHE A 39 ? 0.1753 0.1052 0.0633  0.0084  0.0063  0.0206  372 PHE A CD1 
321 C CD2 . PHE A 39 ? 0.1063 0.1034 0.0661  0.0135  0.0092  0.0202  372 PHE A CD2 
322 C CE1 . PHE A 39 ? 0.1813 0.1037 0.0747  0.0041  -0.0340 0.0191  372 PHE A CE1 
323 C CE2 . PHE A 39 ? 0.1393 0.0907 0.0729  -0.0077 -0.0041 0.0123  372 PHE A CE2 
324 C CZ  . PHE A 39 ? 0.1863 0.0765 0.0913  -0.0022 -0.0112 0.0177  372 PHE A CZ  
325 N N   . GLY A 40 ? 0.1019 0.1064 0.0580  0.0375  0.0124  0.0115  373 GLY A N   
326 C CA  . GLY A 40 ? 0.1435 0.1217 0.0401  0.0485  0.0008  0.0039  373 GLY A CA  
327 C C   . GLY A 40 ? 0.1204 0.0973 0.0516  0.0276  0.0200  0.0196  373 GLY A C   
328 O O   . GLY A 40 ? 0.1312 0.0781 0.0730  0.0085  0.0010  0.0084  373 GLY A O   
329 N N   . PRO A 41 ? 0.1294 0.0952 0.0689  0.0328  -0.0024 0.0002  374 PRO A N   
330 C CA  . PRO A 41 ? 0.2255 0.0967 0.0893  0.0287  -0.0291 0.0005  374 PRO A CA  
331 C C   . PRO A 41 ? 0.1635 0.1162 0.1336  0.0066  -0.0495 -0.0084 374 PRO A C   
332 O O   . PRO A 41 ? 0.1545 0.1385 0.1962  -0.0071 -0.0249 -0.0025 374 PRO A O   
333 C CB  . PRO A 41 ? 0.3081 0.1372 0.1027  0.0293  -0.0777 -0.0135 374 PRO A CB  
334 C CG  . PRO A 41 ? 0.2544 0.1697 0.0991  0.0504  -0.0674 0.0261  374 PRO A CG  
335 C CD  . PRO A 41 ? 0.1632 0.1298 0.0718  0.0443  -0.0155 0.0268  374 PRO A CD  
336 N N   . GLU A 42 ? 0.2401 0.1003 0.1211  0.0077  -0.0459 -0.0072 375 GLU A N   
337 C CA  . GLU A 42 ? 0.2342 0.1132 0.1018  0.0104  -0.0235 -0.0099 375 GLU A CA  
338 C C   . GLU A 42 ? 0.1555 0.1105 0.1172  0.0080  -0.0165 0.0082  375 GLU A C   
339 O O   . GLU A 42 ? 0.1668 0.1141 0.1417  -0.0058 -0.0303 0.0057  375 GLU A O   
340 C CB  . GLU A 42 ? 0.2387 0.1210 0.2626  -0.0017 -0.1075 0.0270  375 GLU A CB  
341 C CG  . GLU A 42 ? 0.3005 0.2145 0.2475  -0.0663 -0.1283 0.0642  375 GLU A CG  
342 C CD  . GLU A 42 ? 0.3012 0.1821 0.3886  -0.0009 -0.1946 -0.0211 375 GLU A CD  
343 O OE1 . GLU A 42 ? 0.2989 0.2416 0.7410  -0.0274 -0.0679 -0.2556 375 GLU A OE1 
344 O OE2 . GLU A 42 ? 0.3787 0.2147 0.7405  0.0474  -0.2561 0.0945  375 GLU A OE2 
345 N N   . ILE A 43 ? 0.1559 0.0968 0.0951  -0.0061 -0.0036 0.0225  376 ILE A N   
346 C CA  . ILE A 43 ? 0.1327 0.0754 0.0875  0.0195  0.0119  0.0168  376 ILE A CA  
347 C C   . ILE A 43 ? 0.1422 0.0660 0.0702  0.0198  0.0178  0.0123  376 ILE A C   
348 O O   . ILE A 43 ? 0.1257 0.0814 0.0814  0.0227  0.0214  0.0136  376 ILE A O   
349 C CB  . ILE A 43 ? 0.1241 0.0994 0.0851  0.0267  0.0116  0.0101  376 ILE A CB  
350 C CG1 . ILE A 43 ? 0.1434 0.1055 0.0886  0.0219  0.0458  0.0045  376 ILE A CG1 
351 C CG2 . ILE A 43 ? 0.1419 0.1181 0.1331  0.0156  0.0414  0.0014  376 ILE A CG2 
352 C CD1 . ILE A 43 ? 0.1624 0.1251 0.0924  0.0160  0.0288  -0.0118 376 ILE A CD1 
353 N N   . GLU A 44 ? 0.1310 0.0746 0.0576  0.0159  0.0074  0.0000  377 GLU A N   
354 C CA  . GLU A 44 ? 0.1226 0.0836 0.0590  0.0113  0.0225  0.0004  377 GLU A CA  
355 C C   . GLU A 44 ? 0.1130 0.0929 0.0473  0.0231  0.0160  0.0037  377 GLU A C   
356 O O   . GLU A 44 ? 0.1431 0.0863 0.0650  0.0240  0.0377  -0.0010 377 GLU A O   
357 C CB  . GLU A 44 ? 0.1245 0.0824 0.0834  0.0165  0.0229  0.0051  377 GLU A CB  
358 C CG  . GLU A 44 ? 0.1252 0.1158 0.0694  0.0295  0.0253  -0.0033 377 GLU A CG  
359 C CD  . GLU A 44 ? 0.1342 0.1606 0.0907  0.0422  0.0130  0.0067  377 GLU A CD  
360 O OE1 . GLU A 44 ? 0.1811 0.1786 0.1790  0.0730  0.0526  0.0675  377 GLU A OE1 
361 O OE2 . GLU A 44 ? 0.1516 0.2447 0.1815  0.0882  0.0599  0.0810  377 GLU A OE2 
362 N N   . ASN A 45 ? 0.1195 0.0816 0.0511  0.0308  0.0162  0.0014  378 ASN A N   
363 C CA  . ASN A 45 ? 0.1115 0.0924 0.0493  0.0269  0.0113  -0.0005 378 ASN A CA  
364 C C   . ASN A 45 ? 0.1339 0.0823 0.0561  0.0413  0.0056  -0.0010 378 ASN A C   
365 O O   . ASN A 45 ? 0.1548 0.1144 0.0587  0.0626  0.0045  0.0028  378 ASN A O   
366 C CB  . ASN A 45 ? 0.1321 0.1085 0.0411  0.0069  0.0078  0.0012  378 ASN A CB  
367 C CG  . ASN A 45 ? 0.1218 0.0958 0.0550  0.0258  0.0269  0.0048  378 ASN A CG  
368 O OD1 . ASN A 45 ? 0.1381 0.0982 0.0632  0.0164  -0.0040 0.0072  378 ASN A OD1 
369 N ND2 . ASN A 45 ? 0.1286 0.1318 0.0810  -0.0002 0.0082  0.0302  378 ASN A ND2 
370 N N   . PHE A 46 ? 0.1273 0.0768 0.0508  0.0319  -0.0012 0.0131  379 PHE A N   
371 C CA  . PHE A 46 ? 0.1411 0.0923 0.0507  0.0307  -0.0023 0.0100  379 PHE A CA  
372 C C   . PHE A 46 ? 0.1150 0.0951 0.0470  0.0281  0.0114  0.0130  379 PHE A C   
373 O O   . PHE A 46 ? 0.1228 0.0851 0.0527  0.0319  -0.0085 0.0083  379 PHE A O   
374 C CB  . PHE A 46 ? 0.1539 0.0736 0.0800  0.0471  0.0014  0.0109  379 PHE A CB  
375 C CG  . PHE A 46 ? 0.1567 0.0693 0.0605  0.0409  0.0124  0.0113  379 PHE A CG  
376 C CD1 . PHE A 46 ? 0.1814 0.0747 0.0633  0.0164  0.0117  0.0175  379 PHE A CD1 
377 C CD2 . PHE A 46 ? 0.1540 0.0565 0.0755  0.0263  0.0118  0.0173  379 PHE A CD2 
378 C CE1 . PHE A 46 ? 0.2001 0.0894 0.0555  0.0011  0.0377  0.0210  379 PHE A CE1 
379 C CE2 . PHE A 46 ? 0.1536 0.0570 0.0753  0.0237  0.0094  0.0050  379 PHE A CE2 
380 C CZ  . PHE A 46 ? 0.1701 0.0670 0.0850  0.0155  0.0332  0.0166  379 PHE A CZ  
381 N N   . THR A 47 ? 0.1187 0.1194 0.0540  0.0438  -0.0062 0.0044  380 THR A N   
382 C CA  . THR A 47 ? 0.1197 0.0955 0.0589  0.0197  0.0053  0.0076  380 THR A CA  
383 C C   . THR A 47 ? 0.1021 0.0831 0.0491  0.0219  -0.0078 0.0072  380 THR A C   
384 O O   . THR A 47 ? 0.1637 0.0943 0.0546  0.0392  0.0139  0.0079  380 THR A O   
385 C CB  . THR A 47 ? 0.1197 0.1312 0.0855  0.0033  0.0073  0.0106  380 THR A CB  
386 O OG1 . THR A 47 ? 0.1207 0.2145 0.1242  0.0298  -0.0069 0.0458  380 THR A OG1 
387 C CG2 . THR A 47 ? 0.1602 0.1977 0.1490  -0.0318 0.0113  0.0621  380 THR A CG2 
388 N N   . GLN A 48 ? 0.0997 0.0801 0.0534  0.0117  -0.0006 -0.0021 381 GLN A N   
389 C CA  . GLN A 48 ? 0.1069 0.0934 0.0507  0.0108  -0.0018 0.0028  381 GLN A CA  
390 C C   . GLN A 48 ? 0.0955 0.0771 0.0524  0.0151  0.0001  0.0122  381 GLN A C   
391 O O   . GLN A 48 ? 0.1171 0.0778 0.0491  0.0053  -0.0010 0.0048  381 GLN A O   
392 C CB  . GLN A 48 ? 0.1008 0.1079 0.0486  0.0106  -0.0040 0.0021  381 GLN A CB  
393 C CG  . GLN A 48 ? 0.1038 0.0812 0.0765  0.0091  -0.0110 0.0002  381 GLN A CG  
394 C CD  . GLN A 48 ? 0.1085 0.0762 0.0576  0.0093  -0.0158 0.0066  381 GLN A CD  
395 O OE1 . GLN A 48 ? 0.1154 0.1145 0.0634  -0.0127 -0.0046 -0.0020 381 GLN A OE1 
396 N NE2 . GLN A 48 ? 0.1239 0.0884 0.0749  -0.0111 -0.0006 -0.0029 381 GLN A NE2 
397 N N   . VAL A 49 ? 0.1073 0.0799 0.0525  0.0123  0.0011  0.0079  382 VAL A N   
398 C CA  . VAL A 49 ? 0.0934 0.0795 0.0460  0.0075  -0.0080 0.0028  382 VAL A CA  
399 C C   . VAL A 49 ? 0.0945 0.0763 0.0378  0.0053  0.0032  0.0139  382 VAL A C   
400 O O   . VAL A 49 ? 0.0994 0.0922 0.0757  -0.0004 0.0007  0.0130  382 VAL A O   
401 C CB  . VAL A 49 ? 0.1075 0.0971 0.0481  0.0157  -0.0076 0.0110  382 VAL A CB  
402 C CG1 . VAL A 49 ? 0.1489 0.0869 0.0762  0.0244  -0.0235 0.0086  382 VAL A CG1 
403 C CG2 . VAL A 49 ? 0.1287 0.0957 0.0671  0.0278  -0.0260 -0.0106 382 VAL A CG2 
404 N N   . ILE A 50 ? 0.0928 0.1045 0.0562  0.0087  0.0077  -0.0026 383 ILE A N   
405 C CA  . ILE A 50 ? 0.0869 0.1050 0.0687  0.0151  0.0080  0.0120  383 ILE A CA  
406 C C   . ILE A 50 ? 0.1000 0.0713 0.0604  0.0272  0.0051  -0.0015 383 ILE A C   
407 O O   . ILE A 50 ? 0.1317 0.0738 0.0730  0.0084  0.0039  -0.0038 383 ILE A O   
408 C CB  . ILE A 50 ? 0.1240 0.1381 0.1026  0.0420  0.0343  0.0588  383 ILE A CB  
409 C CG1 . ILE A 50 ? 0.1463 0.2738 0.1322  0.1026  0.0312  0.1336  383 ILE A CG1 
410 C CG2 . ILE A 50 ? 0.1270 0.2587 0.1318  0.0986  0.0447  0.0740  383 ILE A CG2 
411 C CD1 . ILE A 50 ? 0.1966 0.5789 0.0866  0.0311  0.0449  0.0938  383 ILE A CD1 
412 N N   . GLU A 51 ? 0.1065 0.0999 0.0555  0.0008  0.0006  0.0032  384 GLU A N   
413 C CA  . GLU A 51 ? 0.1371 0.1102 0.0705  0.0245  0.0168  0.0173  384 GLU A CA  
414 C C   . GLU A 51 ? 0.1325 0.0957 0.0688  0.0196  0.0144  0.0141  384 GLU A C   
415 O O   . GLU A 51 ? 0.1680 0.1304 0.0721  0.0334  0.0100  0.0108  384 GLU A O   
416 C CB  A GLU A 51 ? 0.1538 0.1073 0.0536  0.0211  0.0159  0.0102  384 GLU A CB  
417 C CB  B GLU A 51 ? 0.1895 0.0952 0.0961  0.0526  0.0251  0.0258  384 GLU A CB  
418 C CG  A GLU A 51 ? 0.1657 0.1383 0.2140  0.0513  -0.0196 -0.0407 384 GLU A CG  
419 C CG  B GLU A 51 ? 0.1618 0.1283 0.0603  0.0582  -0.0020 0.0119  384 GLU A CG  
420 C CD  A GLU A 51 ? 0.1987 0.1435 0.3227  0.0576  0.0321  -0.0046 384 GLU A CD  
421 C CD  B GLU A 51 ? 0.2270 0.0849 0.2227  0.0651  0.0111  -0.0016 384 GLU A CD  
422 O OE1 A GLU A 51 ? 0.1583 0.1133 0.2569  -0.0099 0.1562  0.0083  384 GLU A OE1 
423 O OE1 B GLU A 51 ? 0.2916 0.1083 0.3188  0.0707  -0.1636 -0.0628 384 GLU A OE1 
424 O OE2 A GLU A 51 ? 0.3011 0.1778 0.3096  -0.0803 0.0500  0.0370  384 GLU A OE2 
425 O OE2 B GLU A 51 ? 0.1973 0.1724 0.3588  0.0284  0.1828  0.0633  384 GLU A OE2 
426 N N   . LYS A 52 ? 0.1394 0.0884 0.0771  0.0333  0.0100  -0.0009 385 LYS A N   
427 C CA  . LYS A 52 ? 0.1359 0.1120 0.0656  0.0327  0.0089  0.0177  385 LYS A CA  
428 C C   . LYS A 52 ? 0.1297 0.0762 0.0565  0.0134  0.0056  0.0006  385 LYS A C   
429 O O   . LYS A 52 ? 0.1309 0.0993 0.0766  0.0404  -0.0055 -0.0144 385 LYS A O   
430 C CB  A LYS A 52 ? 0.1785 0.1178 0.1199  0.0586  0.0480  0.0474  385 LYS A CB  
431 C CB  B LYS A 52 ? 0.1656 0.1238 0.0841  0.0429  0.0288  0.0346  385 LYS A CB  
432 C CG  A LYS A 52 ? 0.1602 0.1145 0.0797  0.0315  0.0244  0.0359  385 LYS A CG  
433 C CG  B LYS A 52 ? 0.1767 0.1875 0.0484  0.0466  0.0466  0.0866  385 LYS A CG  
434 C CD  A LYS A 52 ? 0.1441 0.0978 0.1048  0.0207  0.0094  0.0318  385 LYS A CD  
435 C CD  B LYS A 52 ? 0.1509 0.1075 0.1078  0.0298  -0.0008 0.0519  385 LYS A CD  
436 C CE  A LYS A 52 ? 0.1425 0.1317 0.0994  -0.0064 0.0061  0.0300  385 LYS A CE  
437 C CE  B LYS A 52 ? 0.1181 0.1604 0.1290  -0.0184 -0.0065 0.1087  385 LYS A CE  
438 N NZ  A LYS A 52 ? 0.1527 0.1078 0.1226  0.0038  0.0443  0.0214  385 LYS A NZ  
439 N NZ  B LYS A 52 ? 0.5039 0.4408 0.1301  0.0514  -0.1638 -0.0275 385 LYS A NZ  
440 N N   . ILE A 53 ? 0.1095 0.0783 0.0494  0.0166  0.0141  0.0004  386 ILE A N   
441 C CA  . ILE A 53 ? 0.1039 0.0832 0.0518  0.0050  0.0056  -0.0023 386 ILE A CA  
442 C C   . ILE A 53 ? 0.1120 0.0679 0.0495  0.0234  0.0073  0.0009  386 ILE A C   
443 O O   . ILE A 53 ? 0.1094 0.0955 0.0633  0.0163  0.0107  -0.0102 386 ILE A O   
444 C CB  . ILE A 53 ? 0.1334 0.0953 0.0877  0.0071  0.0063  0.0330  386 ILE A CB  
445 C CG1 . ILE A 53 ? 0.1375 0.1125 0.1331  0.0131  0.0264  0.0602  386 ILE A CG1 
446 C CG2 . ILE A 53 ? 0.1599 0.1006 0.1179  0.0227  -0.0204 0.0136  386 ILE A CG2 
447 C CD1 . ILE A 53 ? 0.1789 0.1314 0.1310  -0.0289 0.0090  0.0214  386 ILE A CD1 
448 N N   . TRP A 54 ? 0.1034 0.0664 0.0599  0.0121  0.0090  0.0023  387 TRP A N   
449 C CA  . TRP A 54 ? 0.1197 0.0721 0.0496  0.0229  0.0203  0.0048  387 TRP A CA  
450 C C   . TRP A 54 ? 0.1105 0.0808 0.0547  0.0186  0.0150  0.0084  387 TRP A C   
451 O O   . TRP A 54 ? 0.1398 0.0974 0.0465  0.0234  0.0158  0.0023  387 TRP A O   
452 C CB  . TRP A 54 ? 0.1071 0.0897 0.0588  0.0214  0.0176  0.0128  387 TRP A CB  
453 C CG  . TRP A 54 ? 0.1174 0.0743 0.0790  -0.0013 0.0336  0.0100  387 TRP A CG  
454 C CD1 . TRP A 54 ? 0.1367 0.0874 0.0753  -0.0030 0.0274  0.0171  387 TRP A CD1 
455 C CD2 . TRP A 54 ? 0.1362 0.0657 0.0712  0.0062  0.0255  0.0136  387 TRP A CD2 
456 N NE1 . TRP A 54 ? 0.1631 0.0937 0.0613  -0.0040 0.0097  0.0027  387 TRP A NE1 
457 C CE2 . TRP A 54 ? 0.1588 0.0842 0.0758  0.0044  0.0283  0.0019  387 TRP A CE2 
458 C CE3 . TRP A 54 ? 0.1348 0.0835 0.0700  0.0198  0.0259  0.0354  387 TRP A CE3 
459 C CZ2 . TRP A 54 ? 0.2063 0.0695 0.0786  0.0202  0.0332  0.0146  387 TRP A CZ2 
460 C CZ3 . TRP A 54 ? 0.1493 0.0729 0.1030  0.0202  0.0492  0.0367  387 TRP A CZ3 
461 C CH2 . TRP A 54 ? 0.1840 0.0749 0.0828  0.0289  0.0549  0.0419  387 TRP A CH2 
462 N N   . ASP A 55 ? 0.1063 0.1402 0.0461  0.0283  0.0139  0.0140  388 ASP A N   
463 C CA  . ASP A 55 ? 0.1010 0.1471 0.0667  0.0227  0.0072  0.0370  388 ASP A CA  
464 C C   . ASP A 55 ? 0.1280 0.1508 0.0700  0.0240  -0.0009 0.0180  388 ASP A C   
465 O O   . ASP A 55 ? 0.1520 0.1358 0.0838  0.0233  0.0001  0.0060  388 ASP A O   
466 C CB  . ASP A 55 ? 0.1226 0.1384 0.0869  0.0285  0.0096  0.0319  388 ASP A CB  
467 C CG  . ASP A 55 ? 0.1141 0.1157 0.0812  0.0262  -0.0019 0.0172  388 ASP A CG  
468 O OD1 . ASP A 55 ? 0.1253 0.1409 0.0858  -0.0017 0.0003  0.0185  388 ASP A OD1 
469 O OD2 . ASP A 55 ? 0.1466 0.1296 0.1004  0.0214  0.0208  0.0150  388 ASP A OD2 
470 N N   . GLU A 56 ? 0.1469 0.1559 0.0954  0.0069  -0.0293 0.0125  389 GLU A N   
471 C CA  . GLU A 56 ? 0.1711 0.1487 0.1146  0.0142  -0.0321 -0.0181 389 GLU A CA  
472 C C   . GLU A 56 ? 0.1468 0.2357 0.1203  -0.0403 -0.0561 -0.0043 389 GLU A C   
473 O O   . GLU A 56 ? 0.1881 0.1710 0.1686  -0.0211 -0.0474 -0.0024 389 GLU A O   
474 C CB  . GLU A 56 ? 0.2349 0.1900 0.1220  -0.0286 -0.0641 0.0033  389 GLU A CB  
475 C CG  . GLU A 56 ? 0.3590 0.3406 0.1092  0.0260  -0.0156 0.0081  389 GLU A CG  
476 C CD  . GLU A 56 ? 0.4570 0.2122 0.1209  0.0265  -0.0434 0.0075  389 GLU A CD  
477 O OE1 . GLU A 56 ? 0.3536 0.2785 0.1896  0.0208  -0.0546 0.0042  389 GLU A OE1 
478 O OE2 . GLU A 56 ? 0.5892 0.3310 0.1686  0.0909  -0.0599 -0.0744 389 GLU A OE2 
479 N N   . ASP A 57 ? 0.1323 0.1398 0.1283  0.0025  -0.0224 0.0193  390 ASP A N   
480 C CA  . ASP A 57 ? 0.1225 0.1389 0.1494  0.0066  -0.0150 0.0102  390 ASP A CA  
481 C C   . ASP A 57 ? 0.1272 0.1238 0.1685  0.0038  0.0105  0.0501  390 ASP A C   
482 O O   . ASP A 57 ? 0.1892 0.1462 0.1891  0.0300  0.0491  0.0662  390 ASP A O   
483 C CB  . ASP A 57 ? 0.1342 0.1326 0.1933  0.0212  0.0196  0.0340  390 ASP A CB  
484 C CG  . ASP A 57 ? 0.1682 0.1363 0.1983  0.0277  -0.0062 0.0084  390 ASP A CG  
485 O OD1 . ASP A 57 ? 0.1884 0.1712 0.3178  0.0252  -0.0668 -0.0150 390 ASP A OD1 
486 O OD2 . ASP A 57 ? 0.2232 0.1463 0.1944  0.0144  -0.0468 0.0239  390 ASP A OD2 
487 N N   . GLY A 58 ? 0.1148 0.1087 0.1282  0.0010  -0.0122 0.0113  391 GLY A N   
488 C CA  . GLY A 58 ? 0.1609 0.0728 0.1223  0.0208  -0.0113 0.0064  391 GLY A CA  
489 C C   . GLY A 58 ? 0.1139 0.0853 0.1022  0.0112  0.0084  0.0062  391 GLY A C   
490 O O   . GLY A 58 ? 0.1489 0.0914 0.1129  0.0102  0.0024  0.0178  391 GLY A O   
491 N N   . ASN A 59 ? 0.1181 0.0943 0.0699  0.0238  0.0116  0.0090  392 ASN A N   
492 C CA  . ASN A 59 ? 0.1241 0.0938 0.0749  0.0211  0.0211  -0.0088 392 ASN A CA  
493 C C   . ASN A 59 ? 0.1192 0.1076 0.0546  0.0115  0.0125  -0.0142 392 ASN A C   
494 O O   . ASN A 59 ? 0.1199 0.1310 0.0646  0.0253  0.0165  0.0046  392 ASN A O   
495 C CB  . ASN A 59 ? 0.1453 0.0918 0.0843  0.0258  0.0336  0.0112  392 ASN A CB  
496 C CG  . ASN A 59 ? 0.1435 0.1173 0.1123  0.0240  0.0351  -0.0022 392 ASN A CG  
497 O OD1 . ASN A 59 ? 0.1513 0.1383 0.1239  0.0300  0.0512  0.0103  392 ASN A OD1 
498 N ND2 . ASN A 59 ? 0.1465 0.1566 0.1365  0.0313  0.0315  0.0178  392 ASN A ND2 
499 N N   . GLU A 60 ? 0.1316 0.0960 0.0592  0.0094  0.0080  0.0091  393 GLU A N   
500 C CA  . GLU A 60 ? 0.1266 0.1105 0.0620  0.0122  -0.0031 -0.0089 393 GLU A CA  
501 C C   . GLU A 60 ? 0.1219 0.1027 0.0856  0.0158  0.0002  -0.0165 393 GLU A C   
502 O O   . GLU A 60 ? 0.1871 0.1370 0.1077  0.0046  0.0431  -0.0462 393 GLU A O   
503 C CB  . GLU A 60 ? 0.1395 0.1324 0.1107  0.0178  -0.0075 0.0198  393 GLU A CB  
504 C CG  . GLU A 60 ? 0.1966 0.1248 0.1682  0.0052  -0.0572 0.0294  393 GLU A CG  
505 C CD  . GLU A 60 ? 0.1621 0.1496 0.1551  0.0033  -0.0286 0.0479  393 GLU A CD  
506 O OE1 . GLU A 60 ? 0.1854 0.1782 0.2802  -0.0316 -0.0490 0.1181  393 GLU A OE1 
507 O OE2 . GLU A 60 ? 0.1740 0.1474 0.1534  -0.0103 -0.0379 0.0390  393 GLU A OE2 
508 N N   . LEU A 61 ? 0.1450 0.0988 0.0711  0.0172  0.0033  -0.0114 394 LEU A N   
509 C CA  . LEU A 61 ? 0.1353 0.1035 0.0821  0.0129  0.0132  -0.0165 394 LEU A CA  
510 C C   . LEU A 61 ? 0.1458 0.0708 0.0867  0.0282  -0.0047 -0.0069 394 LEU A C   
511 O O   . LEU A 61 ? 0.1426 0.0806 0.1155  0.0254  -0.0010 -0.0338 394 LEU A O   
512 C CB  . LEU A 61 ? 0.1380 0.1063 0.1071  0.0255  -0.0073 0.0028  394 LEU A CB  
513 C CG  . LEU A 61 ? 0.1527 0.1064 0.1122  0.0240  -0.0194 -0.0070 394 LEU A CG  
514 C CD1 . LEU A 61 ? 0.1529 0.1622 0.1308  0.0154  -0.0171 0.0423  394 LEU A CD1 
515 C CD2 . LEU A 61 ? 0.1291 0.1982 0.1400  0.0283  -0.0131 -0.0038 394 LEU A CD2 
516 N N   . ASP A 62 ? 0.1553 0.0689 0.0658  0.0229  0.0007  -0.0064 395 ASP A N   
517 C CA  . ASP A 62 ? 0.1487 0.0755 0.0527  0.0355  -0.0127 0.0015  395 ASP A CA  
518 C C   . ASP A 62 ? 0.1316 0.0904 0.0564  0.0148  -0.0202 -0.0089 395 ASP A C   
519 O O   . ASP A 62 ? 0.1282 0.1227 0.0809  0.0178  -0.0146 0.0039  395 ASP A O   
520 C CB  . ASP A 62 ? 0.1731 0.1030 0.0576  0.0068  -0.0023 -0.0103 395 ASP A CB  
521 C CG  . ASP A 62 ? 0.2383 0.0998 0.0710  0.0324  -0.0096 -0.0378 395 ASP A CG  
522 O OD1 . ASP A 62 ? 0.1856 0.1041 0.2310  0.0419  0.0134  -0.0108 395 ASP A OD1 
523 O OD2 . ASP A 62 ? 0.3232 0.1085 0.1056  -0.0155 -0.0457 -0.0061 395 ASP A OD2 
524 N N   . ALA A 63 ? 0.1341 0.0865 0.0521  0.0221  -0.0078 -0.0004 396 ALA A N   
525 C CA  . ALA A 63 ? 0.1219 0.0798 0.0623  0.0300  0.0042  -0.0015 396 ALA A CA  
526 C C   . ALA A 63 ? 0.1265 0.0926 0.0597  0.0249  0.0000  -0.0117 396 ALA A C   
527 O O   . ALA A 63 ? 0.1153 0.1456 0.0686  0.0329  0.0005  0.0070  396 ALA A O   
528 C CB  . ALA A 63 ? 0.1490 0.0896 0.0824  0.0129  -0.0010 -0.0131 396 ALA A CB  
529 N N   . ALA A 64 ? 0.1257 0.0712 0.0608  0.0249  0.0009  0.0039  397 ALA A N   
530 C CA  . ALA A 64 ? 0.1324 0.0786 0.0675  0.0265  -0.0095 -0.0051 397 ALA A CA  
531 C C   . ALA A 64 ? 0.1265 0.0832 0.0565  0.0295  -0.0030 0.0003  397 ALA A C   
532 O O   . ALA A 64 ? 0.1535 0.0811 0.0696  0.0143  0.0048  -0.0140 397 ALA A O   
533 C CB  . ALA A 64 ? 0.1483 0.0920 0.0654  0.0090  0.0044  -0.0045 397 ALA A CB  
534 N N   . ARG A 65 ? 0.1433 0.0731 0.0819  0.0278  0.0010  -0.0056 398 ARG A N   
535 C CA  . ARG A 65 ? 0.1674 0.0735 0.0709  0.0321  -0.0019 0.0011  398 ARG A CA  
536 C C   . ARG A 65 ? 0.1561 0.0722 0.0668  0.0220  -0.0025 -0.0078 398 ARG A C   
537 O O   . ARG A 65 ? 0.2003 0.0700 0.1406  0.0208  -0.0397 0.0074  398 ARG A O   
538 C CB  . ARG A 65 ? 0.1744 0.0907 0.0751  0.0107  -0.0087 -0.0052 398 ARG A CB  
539 C CG  . ARG A 65 ? 0.1748 0.1341 0.0734  0.0528  -0.0068 -0.0172 398 ARG A CG  
540 C CD  . ARG A 65 ? 0.2293 0.1143 0.0745  0.0380  -0.0115 -0.0093 398 ARG A CD  
541 N NE  . ARG A 65 ? 0.2227 0.0984 0.0729  0.0113  -0.0168 -0.0032 398 ARG A NE  
542 C CZ  . ARG A 65 ? 0.2024 0.1034 0.0543  0.0249  0.0098  -0.0065 398 ARG A CZ  
543 N NH1 . ARG A 65 ? 0.2088 0.1039 0.0988  0.0378  0.0177  0.0221  398 ARG A NH1 
544 N NH2 . ARG A 65 ? 0.2279 0.0961 0.0693  0.0350  -0.0126 -0.0159 398 ARG A NH2 
545 N N   . HIS A 66 ? 0.1609 0.0800 0.0818  0.0292  -0.0102 -0.0087 399 HIS A N   
546 C CA  . HIS A 66 ? 0.1610 0.0941 0.0945  0.0380  -0.0087 -0.0070 399 HIS A CA  
547 C C   . HIS A 66 ? 0.1768 0.0750 0.0808  0.0249  -0.0036 0.0042  399 HIS A C   
548 O O   . HIS A 66 ? 0.1705 0.0754 0.0833  0.0173  -0.0110 0.0184  399 HIS A O   
549 C CB  . HIS A 66 ? 0.1549 0.1302 0.0984  0.0406  -0.0055 -0.0103 399 HIS A CB  
550 C CG  . HIS A 66 ? 0.2077 0.1682 0.1010  0.0346  0.0133  -0.0274 399 HIS A CG  
551 N ND1 . HIS A 66 ? 0.3118 0.1674 0.1392  0.0575  0.0259  -0.0405 399 HIS A ND1 
552 C CD2 . HIS A 66 ? 0.3323 0.1801 0.1053  0.0542  0.0367  -0.0259 399 HIS A CD2 
553 C CE1 . HIS A 66 ? 0.4087 0.2071 0.1407  0.0923  0.0200  -0.0731 399 HIS A CE1 
554 N NE2 . HIS A 66 ? 0.3297 0.2512 0.0892  0.0437  0.0426  -0.0381 399 HIS A NE2 
555 N N   . PRO A 67 ? 0.1600 0.0826 0.1004  -0.0019 -0.0002 0.0073  400 PRO A N   
556 C CA  . PRO A 67 ? 0.1740 0.0857 0.0979  -0.0078 0.0222  0.0120  400 PRO A CA  
557 C C   . PRO A 67 ? 0.1463 0.0780 0.0709  0.0169  0.0187  0.0149  400 PRO A C   
558 O O   . PRO A 67 ? 0.1598 0.0836 0.1085  0.0275  0.0151  -0.0016 400 PRO A O   
559 C CB  . PRO A 67 ? 0.2185 0.1181 0.1172  -0.0387 -0.0192 0.0452  400 PRO A CB  
560 C CG  . PRO A 67 ? 0.2907 0.1216 0.1342  -0.0641 -0.0148 0.0167  400 PRO A CG  
561 C CD  . PRO A 67 ? 0.2205 0.0901 0.1212  -0.0126 -0.0415 0.0167  400 PRO A CD  
562 N N   . LEU A 68 ? 0.1353 0.0730 0.0832  0.0211  0.0009  0.0144  401 LEU A N   
563 C CA  . LEU A 68 ? 0.1313 0.0885 0.0799  -0.0020 0.0054  0.0252  401 LEU A CA  
564 C C   . LEU A 68 ? 0.1086 0.0979 0.0588  0.0206  0.0192  0.0023  401 LEU A C   
565 O O   . LEU A 68 ? 0.1071 0.1020 0.0814  0.0047  0.0104  0.0118  401 LEU A O   
566 C CB  . LEU A 68 ? 0.1254 0.1439 0.1097  0.0087  -0.0030 0.0383  401 LEU A CB  
567 C CG  . LEU A 68 ? 0.1708 0.1508 0.0820  0.0143  0.0006  0.0465  401 LEU A CG  
568 C CD1 . LEU A 68 ? 0.2154 0.1870 0.1654  0.0482  0.0081  0.0739  401 LEU A CD1 
569 C CD2 . LEU A 68 ? 0.3596 0.1760 0.1919  0.0462  0.1314  0.0383  401 LEU A CD2 
570 N N   . GLN A 69 ? 0.1491 0.0788 0.0666  -0.0045 -0.0010 0.0151  402 GLN A N   
571 C CA  . GLN A 69 ? 0.1377 0.0768 0.0676  0.0146  0.0023  0.0164  402 GLN A CA  
572 C C   . GLN A 69 ? 0.1084 0.0801 0.0506  0.0258  0.0035  0.0220  402 GLN A C   
573 O O   . GLN A 69 ? 0.1083 0.1038 0.1057  0.0279  0.0146  0.0177  402 GLN A O   
574 C CB  . GLN A 69 ? 0.2553 0.0865 0.0550  -0.0157 0.0199  0.0149  402 GLN A CB  
575 C CG  . GLN A 69 ? 0.1660 0.1356 0.1331  -0.0052 0.0177  -0.0112 402 GLN A CG  
576 C CD  . GLN A 69 ? 0.1550 0.1723 0.1321  0.0337  0.0210  -0.0094 402 GLN A CD  
577 O OE1 . GLN A 69 ? 0.2400 0.1653 0.1473  0.0213  0.0045  0.0143  402 GLN A OE1 
578 N NE2 . GLN A 69 ? 0.1510 0.1898 0.2339  0.0207  0.0109  -0.0851 402 GLN A NE2 
579 N N   . ILE A 70 ? 0.1189 0.0633 0.0876  0.0316  0.0247  0.0182  403 ILE A N   
580 C CA  . ILE A 70 ? 0.1358 0.0708 0.0739  0.0344  0.0252  0.0043  403 ILE A CA  
581 C C   . ILE A 70 ? 0.1388 0.0614 0.0749  0.0315  0.0273  0.0124  403 ILE A C   
582 O O   . ILE A 70 ? 0.1583 0.0880 0.0802  0.0462  0.0489  0.0132  403 ILE A O   
583 C CB  . ILE A 70 ? 0.1562 0.0776 0.1218  0.0510  -0.0039 -0.0264 403 ILE A CB  
584 C CG1 . ILE A 70 ? 0.2201 0.0861 0.1220  0.0766  -0.0315 -0.0435 403 ILE A CG1 
585 C CG2 . ILE A 70 ? 0.1913 0.0628 0.1324  0.0391  0.0217  -0.0113 403 ILE A CG2 
586 C CD1 . ILE A 70 ? 0.2416 0.1589 0.1397  0.0523  -0.0508 -0.0328 403 ILE A CD1 
587 N N   . VAL A 71 ? 0.1459 0.0577 0.0558  0.0401  0.0238  0.0123  404 VAL A N   
588 C CA  . VAL A 71 ? 0.1492 0.0579 0.0572  0.0231  0.0132  0.0123  404 VAL A CA  
589 C C   . VAL A 71 ? 0.1268 0.0612 0.0465  0.0313  0.0102  0.0118  404 VAL A C   
590 O O   . VAL A 71 ? 0.1686 0.0630 0.0500  0.0206  0.0071  0.0108  404 VAL A O   
591 C CB  . VAL A 71 ? 0.1640 0.0818 0.0622  0.0142  0.0060  -0.0036 404 VAL A CB  
592 C CG1 . VAL A 71 ? 0.1739 0.0776 0.1315  0.0070  0.0075  -0.0188 404 VAL A CG1 
593 C CG2 . VAL A 71 ? 0.1567 0.0982 0.0811  0.0044  0.0104  0.0100  404 VAL A CG2 
594 N N   . LYS A 72 ? 0.1458 0.0588 0.0410  0.0375  0.0060  0.0070  405 LYS A N   
595 C CA  . LYS A 72 ? 0.1218 0.0584 0.0552  0.0283  0.0049  0.0051  405 LYS A CA  
596 C C   . LYS A 72 ? 0.1111 0.0521 0.0494  0.0226  0.0175  0.0141  405 LYS A C   
597 O O   . LYS A 72 ? 0.1189 0.0795 0.0497  0.0138  0.0169  -0.0011 405 LYS A O   
598 C CB  . LYS A 72 ? 0.1122 0.0771 0.1136  0.0235  0.0136  0.0122  405 LYS A CB  
599 C CG  . LYS A 72 ? 0.1234 0.1289 0.1706  0.0175  -0.0005 0.0288  405 LYS A CG  
600 C CD  . LYS A 72 ? 0.1433 0.3167 0.2675  -0.0576 -0.0412 0.1237  405 LYS A CD  
601 C CE  . LYS A 72 ? 0.2002 0.4114 0.3711  -0.0948 -0.1198 0.1493  405 LYS A CE  
602 N NZ  . LYS A 72 ? 0.4318 0.5657 0.4248  -0.2892 -0.0592 -0.0074 405 LYS A NZ  
603 N N   . PHE A 73 ? 0.1002 0.0519 0.0468  0.0168  0.0185  0.0013  406 PHE A N   
604 C CA  . PHE A 73 ? 0.0946 0.0550 0.0584  0.0128  0.0172  0.0076  406 PHE A CA  
605 C C   . PHE A 73 ? 0.0970 0.0469 0.0628  0.0039  0.0068  0.0068  406 PHE A C   
606 O O   . PHE A 73 ? 0.1142 0.0588 0.0633  0.0120  0.0006  0.0015  406 PHE A O   
607 C CB  . PHE A 73 ? 0.1076 0.0520 0.0571  0.0110  0.0145  -0.0042 406 PHE A CB  
608 C CG  . PHE A 73 ? 0.1106 0.0551 0.0511  -0.0016 0.0021  -0.0025 406 PHE A CG  
609 C CD1 . PHE A 73 ? 0.1233 0.0571 0.0608  0.0059  0.0110  0.0019  406 PHE A CD1 
610 C CD2 . PHE A 73 ? 0.1352 0.0799 0.0613  0.0184  0.0160  0.0039  406 PHE A CD2 
611 C CE1 . PHE A 73 ? 0.1459 0.0795 0.0768  -0.0001 0.0057  0.0183  406 PHE A CE1 
612 C CE2 . PHE A 73 ? 0.1327 0.0905 0.0860  -0.0093 0.0284  0.0115  406 PHE A CE2 
613 C CZ  . PHE A 73 ? 0.1551 0.1010 0.0770  -0.0016 0.0256  0.0309  406 PHE A CZ  
614 N N   . LYS A 74 ? 0.0995 0.0650 0.0528  0.0151  0.0154  0.0019  407 LYS A N   
615 C CA  . LYS A 74 ? 0.1012 0.0539 0.0587  0.0119  0.0114  0.0014  407 LYS A CA  
616 C C   . LYS A 74 ? 0.0805 0.0782 0.0603  0.0066  0.0026  0.0038  407 LYS A C   
617 O O   . LYS A 74 ? 0.1167 0.0907 0.0541  -0.0100 0.0072  -0.0097 407 LYS A O   
618 C CB  . LYS A 74 ? 0.1061 0.0868 0.1060  0.0088  0.0180  0.0489  407 LYS A CB  
619 C CG  . LYS A 74 ? 0.2669 0.1462 0.2291  0.1182  0.0348  0.0428  407 LYS A CG  
620 C CD  . LYS A 74 ? 0.7000 0.1801 0.5130  -0.1792 -0.1028 -0.0977 407 LYS A CD  
621 C CE  . LYS A 74 ? 0.7255 0.2725 0.4973  -0.2877 -0.1243 0.1119  407 LYS A CE  
622 N NZ  . LYS A 74 ? 0.7340 0.6464 0.6912  -0.4042 -0.2510 0.1495  407 LYS A NZ  
623 N N   . VAL A 75 ? 0.1107 0.0639 0.0562  0.0083  0.0088  -0.0098 408 VAL A N   
624 C CA  . VAL A 75 ? 0.1042 0.0630 0.0668  0.0043  0.0104  -0.0034 408 VAL A CA  
625 C C   . VAL A 75 ? 0.1019 0.0690 0.0685  0.0065  0.0038  -0.0040 408 VAL A C   
626 O O   . VAL A 75 ? 0.1245 0.0694 0.0968  0.0117  0.0025  -0.0050 408 VAL A O   
627 C CB  . VAL A 75 ? 0.1063 0.0638 0.0687  0.0123  0.0204  -0.0001 408 VAL A CB  
628 C CG1 . VAL A 75 ? 0.1151 0.0664 0.0736  0.0105  0.0042  -0.0078 408 VAL A CG1 
629 C CG2 . VAL A 75 ? 0.1335 0.0688 0.0687  0.0095  0.0018  0.0005  408 VAL A CG2 
630 N N   . LYS A 76 ? 0.1064 0.0850 0.0803  0.0153  0.0061  -0.0004 409 LYS A N   
631 C CA  . LYS A 76 ? 0.1145 0.1175 0.0806  0.0387  -0.0050 -0.0037 409 LYS A CA  
632 C C   . LYS A 76 ? 0.1128 0.0852 0.0851  0.0322  -0.0015 0.0026  409 LYS A C   
633 O O   . LYS A 76 ? 0.1411 0.0960 0.0981  0.0448  -0.0003 0.0056  409 LYS A O   
634 C CB  . LYS A 76 ? 0.1262 0.1519 0.1608  0.0508  -0.0412 -0.0440 409 LYS A CB  
635 C CG  . LYS A 76 ? 0.2072 0.1960 0.1675  -0.0047 -0.0727 -0.0402 409 LYS A CG  
636 C CD  . LYS A 76 ? 0.2511 0.2713 0.1832  -0.0079 -0.0504 0.0131  409 LYS A CD  
637 C CE  . LYS A 76 ? 0.3558 0.3185 0.2823  0.1070  -0.0649 0.1084  409 LYS A CE  
638 N NZ  . LYS A 76 ? 0.3356 0.3309 0.2031  0.0408  -0.1153 0.0768  409 LYS A NZ  
639 N N   . ARG A 77 ? 0.1182 0.0606 0.0807  0.0343  0.0013  -0.0067 410 ARG A N   
640 C CA  . ARG A 77 ? 0.1223 0.0580 0.0782  0.0269  0.0117  -0.0078 410 ARG A CA  
641 C C   . ARG A 77 ? 0.1248 0.0653 0.0661  0.0305  0.0117  -0.0004 410 ARG A C   
642 O O   . ARG A 77 ? 0.1313 0.0644 0.0904  0.0305  0.0187  -0.0026 410 ARG A O   
643 C CB  . ARG A 77 ? 0.1222 0.0711 0.0672  0.0362  0.0096  -0.0009 410 ARG A CB  
644 C CG  . ARG A 77 ? 0.1220 0.0695 0.0697  0.0190  0.0093  0.0015  410 ARG A CG  
645 C CD  . ARG A 77 ? 0.1216 0.0707 0.0806  0.0224  0.0068  -0.0032 410 ARG A CD  
646 N NE  . ARG A 77 ? 0.1207 0.1025 0.1016  0.0225  0.0212  0.0018  410 ARG A NE  
647 C CZ  . ARG A 77 ? 0.1211 0.0963 0.1178  0.0300  0.0293  0.0155  410 ARG A CZ  
648 N NH1 . ARG A 77 ? 0.1336 0.1207 0.1249  0.0326  0.0468  0.0287  410 ARG A NH1 
649 N NH2 . ARG A 77 ? 0.1194 0.1857 0.1885  0.0368  0.0254  0.0389  410 ARG A NH2 
650 N N   . PRO A 78 ? 0.1196 0.0728 0.0707  0.0274  0.0039  -0.0015 411 PRO A N   
651 C CA  . PRO A 78 ? 0.1082 0.0657 0.1053  0.0212  0.0061  0.0002  411 PRO A CA  
652 C C   . PRO A 78 ? 0.1157 0.0658 0.0620  0.0281  0.0030  -0.0104 411 PRO A C   
653 O O   . PRO A 78 ? 0.1437 0.0975 0.0959  0.0379  0.0383  0.0236  411 PRO A O   
654 C CB  . PRO A 78 ? 0.1391 0.0713 0.1065  0.0113  -0.0061 -0.0049 411 PRO A CB  
655 C CG  . PRO A 78 ? 0.1356 0.0791 0.1123  0.0267  -0.0124 -0.0119 411 PRO A CG  
656 C CD  . PRO A 78 ? 0.1298 0.0546 0.0883  0.0213  0.0121  0.0032  411 PRO A CD  
657 N N   . LEU A 79 ? 0.1215 0.0703 0.0704  0.0243  -0.0006 0.0053  412 LEU A N   
658 C CA  . LEU A 79 ? 0.1256 0.0630 0.0667  0.0257  0.0041  0.0052  412 LEU A CA  
659 C C   . LEU A 79 ? 0.1260 0.0678 0.0792  0.0294  -0.0059 -0.0084 412 LEU A C   
660 O O   . LEU A 79 ? 0.1269 0.1163 0.0774  0.0156  -0.0029 0.0052  412 LEU A O   
661 C CB  . LEU A 79 ? 0.1119 0.0693 0.0903  0.0147  -0.0016 -0.0022 412 LEU A CB  
662 C CG  . LEU A 79 ? 0.1094 0.0774 0.0707  0.0181  -0.0056 0.0075  412 LEU A CG  
663 C CD1 . LEU A 79 ? 0.1319 0.0646 0.0684  0.0269  -0.0059 0.0109  412 LEU A CD1 
664 C CD2 . LEU A 79 ? 0.1252 0.0917 0.1079  0.0062  0.0140  0.0115  412 LEU A CD2 
665 N N   . PHE A 80 ? 0.1254 0.0787 0.0942  0.0178  -0.0252 0.0056  413 PHE A N   
666 C CA  . PHE A 80 ? 0.1292 0.0801 0.1032  0.0184  -0.0393 0.0007  413 PHE A CA  
667 C C   . PHE A 80 ? 0.1286 0.0686 0.0766  0.0199  -0.0178 0.0219  413 PHE A C   
668 O O   . PHE A 80 ? 0.1265 0.0826 0.0750  0.0139  -0.0059 0.0044  413 PHE A O   
669 C CB  . PHE A 80 ? 0.1810 0.0966 0.0991  0.0314  -0.0356 -0.0114 413 PHE A CB  
670 C CG  . PHE A 80 ? 0.1843 0.0945 0.1356  0.0208  -0.0265 -0.0231 413 PHE A CG  
671 C CD1 . PHE A 80 ? 0.1856 0.1403 0.2777  0.0120  0.0185  -0.0832 413 PHE A CD1 
672 C CD2 . PHE A 80 ? 0.1832 0.1161 0.2019  0.0240  -0.0501 -0.0533 413 PHE A CD2 
673 C CE1 . PHE A 80 ? 0.1875 0.1429 0.3359  0.0204  -0.0127 -0.0994 413 PHE A CE1 
674 C CE2 . PHE A 80 ? 0.1994 0.0966 0.2231  0.0031  -0.0224 -0.0321 413 PHE A CE2 
675 C CZ  . PHE A 80 ? 0.2032 0.1322 0.2497  0.0070  0.0208  -0.0614 413 PHE A CZ  
676 N N   . PRO A 81 ? 0.1331 0.0821 0.1085  0.0127  -0.0195 -0.0067 414 PRO A N   
677 C CA  . PRO A 81 ? 0.1115 0.0873 0.0987  0.0228  0.0063  0.0157  414 PRO A CA  
678 C C   . PRO A 81 ? 0.0986 0.0863 0.0691  0.0102  -0.0005 0.0008  414 PRO A C   
679 O O   . PRO A 81 ? 0.1218 0.1051 0.0745  0.0264  -0.0035 -0.0174 414 PRO A O   
680 C CB  . PRO A 81 ? 0.1051 0.1179 0.1615  -0.0007 0.0262  0.0232  414 PRO A CB  
681 C CG  . PRO A 81 ? 0.1317 0.1200 0.1747  -0.0065 -0.0001 0.0254  414 PRO A CG  
682 C CD  . PRO A 81 ? 0.1415 0.0949 0.1580  -0.0035 -0.0140 0.0059  414 PRO A CD  
683 N N   . TYR A 82 ? 0.0967 0.0897 0.0504  0.0134  -0.0040 0.0077  415 TYR A N   
684 C CA  . TYR A 82 ? 0.0992 0.0771 0.0641  0.0091  0.0014  0.0026  415 TYR A CA  
685 C C   . TYR A 82 ? 0.1039 0.0908 0.0486  0.0114  -0.0056 0.0071  415 TYR A C   
686 O O   . TYR A 82 ? 0.1144 0.1081 0.0689  0.0112  0.0120  0.0271  415 TYR A O   
687 C CB  . TYR A 82 ? 0.1120 0.0786 0.0748  0.0194  0.0011  0.0284  415 TYR A CB  
688 C CG  . TYR A 82 ? 0.1108 0.1265 0.0813  0.0249  -0.0042 0.0225  415 TYR A CG  
689 C CD1 . TYR A 82 ? 0.1109 0.1052 0.1259  0.0299  -0.0031 0.0368  415 TYR A CD1 
690 C CD2 . TYR A 82 ? 0.1273 0.1347 0.1064  0.0370  -0.0108 0.0042  415 TYR A CD2 
691 C CE1 . TYR A 82 ? 0.1177 0.1163 0.1390  0.0158  -0.0042 0.0233  415 TYR A CE1 
692 C CE2 . TYR A 82 ? 0.1390 0.1469 0.0933  0.0340  -0.0119 -0.0079 415 TYR A CE2 
693 C CZ  . TYR A 82 ? 0.1305 0.1330 0.1160  0.0417  -0.0106 0.0202  415 TYR A CZ  
694 O OH  . TYR A 82 ? 0.1426 0.2102 0.1504  0.0365  0.0228  0.0142  415 TYR A OH  
695 N N   . ASN A 83 ? 0.1088 0.0828 0.0543  0.0097  -0.0004 0.0108  416 ASN A N   
696 C CA  . ASN A 83 ? 0.1127 0.0761 0.0412  0.0099  -0.0056 0.0095  416 ASN A CA  
697 C C   . ASN A 83 ? 0.0984 0.0659 0.0344  0.0189  0.0069  0.0153  416 ASN A C   
698 O O   . ASN A 83 ? 0.0999 0.0787 0.0664  0.0013  0.0155  0.0078  416 ASN A O   
699 C CB  . ASN A 83 ? 0.0972 0.0747 0.0978  0.0164  0.0026  -0.0010 416 ASN A CB  
700 C CG  . ASN A 83 ? 0.1176 0.0921 0.1530  0.0152  0.0172  -0.0194 416 ASN A CG  
701 O OD1 . ASN A 83 ? 0.1487 0.0907 0.2198  0.0087  0.0163  -0.0256 416 ASN A OD1 
702 N ND2 . ASN A 83 ? 0.3520 0.1329 0.1077  0.0440  -0.0119 -0.0431 416 ASN A ND2 
703 N N   . MET A 84 ? 0.0957 0.0678 0.0667  0.0163  0.0024  0.0067  417 MET A N   
704 C CA  . MET A 84 ? 0.0959 0.0826 0.0794  0.0127  -0.0007 0.0037  417 MET A CA  
705 C C   . MET A 84 ? 0.0915 0.0807 0.0636  0.0140  0.0091  -0.0042 417 MET A C   
706 O O   . MET A 84 ? 0.0931 0.0737 0.0642  0.0127  0.0023  -0.0067 417 MET A O   
707 C CB  A MET A 84 ? 0.1204 0.0838 0.1275  -0.0074 -0.0321 0.0221  417 MET A CB  
708 C CB  B MET A 84 ? 0.1774 0.0758 0.1098  -0.0162 -0.0570 0.0317  417 MET A CB  
709 C CG  A MET A 84 ? 0.1529 0.1115 0.0922  0.0599  0.0053  0.0004  417 MET A CG  
710 C CG  B MET A 84 ? 0.1257 0.0948 0.0916  0.0084  -0.0252 0.0208  417 MET A CG  
711 S SD  A MET A 84 ? 0.2227 0.1182 0.1007  0.0278  -0.0430 0.0071  417 MET A SD  
712 S SD  B MET A 84 ? 0.1771 0.0920 0.0599  0.0068  -0.0284 0.0138  417 MET A SD  
713 C CE  A MET A 84 ? 0.4427 0.4210 0.0009  -0.0051 -0.0312 -0.0147 417 MET A CE  
714 C CE  B MET A 84 ? 0.3211 0.0917 0.1116  0.0066  -0.0845 -0.0012 417 MET A CE  
715 N N   . MET A 85 ? 0.0945 0.0548 0.0863  0.0184  0.0011  -0.0053 418 MET A N   
716 C CA  . MET A 85 ? 0.1008 0.0532 0.0762  0.0146  0.0087  0.0023  418 MET A CA  
717 C C   . MET A 85 ? 0.1069 0.0597 0.0720  0.0120  -0.0006 -0.0020 418 MET A C   
718 O O   . MET A 85 ? 0.1229 0.0544 0.1285  0.0182  -0.0065 -0.0188 418 MET A O   
719 C CB  . MET A 85 ? 0.1020 0.0639 0.0782  0.0061  0.0084  -0.0059 418 MET A CB  
720 C CG  . MET A 85 ? 0.1091 0.0664 0.0734  0.0171  0.0101  -0.0017 418 MET A CG  
721 S SD  . MET A 85 ? 0.1307 0.0795 0.0823  0.0058  0.0252  -0.0012 418 MET A SD  
722 C CE  . MET A 85 ? 0.1985 0.1118 0.0785  0.0556  0.0147  -0.0280 418 MET A CE  
723 N N   . ARG A 86 ? 0.1071 0.0724 0.0757  0.0052  -0.0037 0.0004  419 ARG A N   
724 C CA  . ARG A 86 ? 0.1302 0.0729 0.0985  -0.0115 -0.0219 0.0125  419 ARG A CA  
725 C C   . ARG A 86 ? 0.1480 0.0626 0.0806  -0.0156 -0.0191 0.0095  419 ARG A C   
726 O O   . ARG A 86 ? 0.1427 0.0834 0.0616  0.0032  -0.0141 0.0073  419 ARG A O   
727 C CB  . ARG A 86 ? 0.1447 0.1078 0.0864  -0.0184 -0.0326 0.0242  419 ARG A CB  
728 C CG  . ARG A 86 ? 0.1327 0.1240 0.1210  -0.0231 0.0053  0.0326  419 ARG A CG  
729 C CD  . ARG A 86 ? 0.2861 0.1785 0.1458  -0.0203 0.0763  0.0312  419 ARG A CD  
730 N NE  . ARG A 86 ? 0.1877 0.1746 0.0999  -0.0306 0.0127  0.0382  419 ARG A NE  
731 C CZ  . ARG A 86 ? 0.1744 0.2269 0.1021  -0.0069 0.0211  0.0412  419 ARG A CZ  
732 N NH1 . ARG A 86 ? 0.2567 0.2159 0.1029  0.0069  0.0049  0.0407  419 ARG A NH1 
733 N NH2 . ARG A 86 ? 0.2033 0.2227 0.1189  0.0025  0.0031  0.0181  419 ARG A NH2 
734 N N   . LYS A 87 ? 0.2416 0.0730 0.1057  -0.0074 -0.0635 0.0026  420 LYS A N   
735 C CA  . LYS A 87 ? 0.2865 0.1233 0.1351  -0.0319 -0.1076 0.0083  420 LYS A CA  
736 C C   . LYS A 87 ? 0.2197 0.2115 0.2260  -0.0968 -0.0685 0.1133  420 LYS A C   
737 O O   . LYS A 87 ? 0.2382 0.4790 0.3660  -0.1707 -0.0965 0.3121  420 LYS A O   
738 C CB  . LYS A 87 ? 0.5276 0.1273 0.2543  0.0234  -0.2750 -0.0239 420 LYS A CB  
739 C CG  . LYS A 87 ? 0.7084 0.2668 0.3723  0.2533  -0.1242 -0.1032 420 LYS A CG  
740 C CD  . LYS A 87 ? 0.7350 0.4252 0.3998  0.0651  -0.0687 -0.0440 420 LYS A CD  
741 C CE  . LYS A 87 ? 0.6951 0.3255 0.2640  0.0006  0.2683  -0.0366 420 LYS A CE  
742 N NZ  . LYS A 87 ? 0.3656 0.4231 0.7203  0.0393  0.2402  -0.0836 420 LYS A NZ  
743 N N   . GLU A 88 ? 0.1485 0.3262 0.1822  -0.0939 -0.0343 0.1399  421 GLU A N   
744 C CA  . GLU A 88 ? 0.1523 0.3776 0.3134  -0.0764 -0.0191 0.1170  421 GLU A CA  
745 C C   . GLU A 88 ? 0.1392 0.3702 0.2898  -0.0429 -0.0035 0.0843  421 GLU A C   
746 O O   . GLU A 88 ? 0.2603 0.2582 0.3017  -0.0671 -0.0226 0.0890  421 GLU A O   
747 C CB  . GLU A 88 ? 0.1785 0.3759 0.2030  -0.0615 0.0027  0.1058  421 GLU A CB  
748 C CG  . GLU A 88 ? 0.1826 0.3830 0.2478  -0.0787 0.0041  0.0291  421 GLU A CG  
749 C CD  . GLU A 88 ? 0.2177 0.4152 0.2494  -0.0315 0.0398  0.1162  421 GLU A CD  
750 O OE1 . GLU A 88 ? 0.2761 0.3962 0.3010  -0.1214 -0.0820 0.0924  421 GLU A OE1 
751 O OE2 . GLU A 88 ? 0.3774 0.5739 0.3357  0.0809  0.1391  0.1113  421 GLU A OE2 
752 N N   . ASN A 89 ? 0.0938 0.3317 0.2365  -0.0136 0.0105  0.0312  422 ASN A N   
753 C CA  . ASN A 89 ? 0.1232 0.2927 0.1652  -0.0076 0.0313  0.0313  422 ASN A CA  
754 C C   . ASN A 89 ? 0.1367 0.3386 0.2029  -0.0227 -0.0114 0.0686  422 ASN A C   
755 O O   . ASN A 89 ? 0.1290 0.4087 0.1628  0.0722  0.0399  0.1200  422 ASN A O   
756 C CB  . ASN A 89 ? 0.1485 0.3045 0.2236  -0.0139 0.0413  0.0626  422 ASN A CB  
757 C CG  . ASN A 89 ? 0.2151 0.3350 0.1761  0.0399  0.0964  0.0733  422 ASN A CG  
758 O OD1 . ASN A 89 ? 0.2270 0.3367 0.1648  0.0257  0.0659  0.0650  422 ASN A OD1 
759 N ND2 . ASN A 89 ? 0.3149 0.1362 0.2701  -0.0632 0.1935  -0.0083 422 ASN A ND2 
760 O OXT . ASN A 89 ? 0.3518 0.2374 0.2996  -0.0925 -0.1630 0.0557  422 ASN A OXT 
761 X UNK . UNX B .  ? 0.1162 0.0734 0.0646  0.0254  0.0083  0.0115  501 UNX A UNK 
762 C C   . ACT C .  ? 0.2075 0.1116 0.1276  0.0311  -0.0098 -0.0129 502 ACT A C   
763 O O   . ACT C .  ? 0.2303 0.1023 0.1266  0.0076  -0.0447 0.0134  502 ACT A O   
764 O OXT . ACT C .  ? 0.2284 0.1181 0.1025  0.0276  -0.0014 0.0079  502 ACT A OXT 
765 C CH3 . ACT C .  ? 0.2323 0.1848 0.1425  -0.0342 -0.0187 0.0300  502 ACT A CH3 
766 O O   . HOH D .  ? 0.3162 0.1667 0.1847  0.0263  -0.0857 -0.0407 601 HOH A O   
767 O O   . HOH D .  ? 0.1171 0.0935 0.3202  0.0156  -0.0260 -0.0053 602 HOH A O   
768 O O   . HOH D .  ? 0.2879 0.0961 0.2252  0.0346  -0.0845 -0.0502 603 HOH A O   
769 O O   . HOH D .  ? 0.1617 0.1292 0.1105  0.0004  0.0354  0.0098  604 HOH A O   
770 O O   . HOH D .  ? 0.2229 0.5563 0.4498  0.0261  -0.1079 -0.1863 605 HOH A O   
771 O O   . HOH D .  ? 0.1458 0.0819 0.0956  0.0176  0.0044  -0.0105 606 HOH A O   
772 O O   . HOH D .  ? 0.1967 0.1537 0.1665  0.0148  -0.0060 -0.0287 607 HOH A O   
773 O O   . HOH D .  ? 0.2197 0.1842 0.1348  0.0652  -0.0603 -0.0338 608 HOH A O   
774 O O   . HOH D .  ? 0.1784 0.1347 0.1673  0.0004  0.0097  -0.0408 609 HOH A O   
775 O O   . HOH D .  ? 0.2874 0.2711 0.2535  -0.0816 0.0420  -0.0554 610 HOH A O   
776 O O   . HOH D .  ? 0.2341 0.1900 0.1486  -0.0016 0.0268  0.0339  611 HOH A O   
777 O O   . HOH D .  ? 0.1750 0.1482 0.1472  0.0710  0.0494  0.0473  612 HOH A O   
778 O O   . HOH D .  ? 0.1433 0.1188 0.0953  0.0257  0.0011  0.0027  613 HOH A O   
779 O O   . HOH D .  ? 0.1338 0.1438 0.0698  -0.0235 -0.0019 0.0010  614 HOH A O   
780 O O   . HOH D .  ? 0.1281 0.0790 0.0588  0.0256  0.0069  0.0118  615 HOH A O   
781 O O   . HOH D .  ? 0.3014 0.2210 0.2043  0.0771  0.0589  0.0781  616 HOH A O   
782 O O   . HOH D .  ? 0.1257 0.1956 0.0953  0.0124  0.0001  0.0337  617 HOH A O   
783 O O   . HOH D .  ? 0.1412 0.1025 0.0987  0.0352  0.0258  0.0082  618 HOH A O   
784 O O   . HOH D .  ? 0.3535 0.2659 0.3317  0.0429  0.0536  0.1675  619 HOH A O   
785 O O   . HOH D .  ? 0.1951 0.2099 0.2051  0.0676  -0.0162 -0.0064 620 HOH A O   
786 O O   . HOH D .  ? 0.2309 0.1624 0.1817  0.0786  0.0080  0.0329  621 HOH A O   
787 O O   . HOH D .  ? 0.1448 0.2037 0.1956  -0.0275 -0.0313 0.1027  622 HOH A O   
788 O O   . HOH D .  ? 0.1510 0.2118 0.2829  0.0243  0.0031  0.1150  623 HOH A O   
789 O O   . HOH D .  ? 0.1431 0.0633 0.0760  0.0320  0.0187  0.0009  624 HOH A O   
790 O O   . HOH D .  ? 0.1471 0.2006 0.0802  0.0412  0.0289  0.0357  625 HOH A O   
791 O O   . HOH D .  ? 0.2130 0.2613 0.3259  0.0632  0.0708  -0.0458 626 HOH A O   
792 O O   . HOH D .  ? 0.2662 0.1450 0.1062  0.0162  0.0328  -0.0073 627 HOH A O   
793 O O   . HOH D .  ? 0.2217 0.1456 0.1237  -0.0262 0.0476  0.0154  628 HOH A O   
794 O O   . HOH D .  ? 0.1201 0.1051 0.0971  0.0183  0.0277  0.0142  629 HOH A O   
795 O O   . HOH D .  ? 0.1393 0.1225 0.1207  0.0326  0.0106  0.0427  630 HOH A O   
796 O O   . HOH D .  ? 0.4648 0.1197 0.3235  0.0927  -0.0869 0.0243  631 HOH A O   
797 O O   . HOH D .  ? 0.3710 0.2879 0.4894  0.1054  -0.0029 -0.1968 632 HOH A O   
798 O O   . HOH D .  ? 0.2364 0.2995 0.4287  0.0846  0.0884  0.2330  633 HOH A O   
799 O O   . HOH D .  ? 0.2416 0.1762 0.2689  0.0340  0.0452  0.0209  634 HOH A O   
800 O O   . HOH D .  ? 0.2266 0.1738 0.1951  -0.0006 -0.0347 0.0026  635 HOH A O   
801 O O   . HOH D .  ? 0.5706 0.2625 0.3238  -0.2089 0.0376  -0.1161 636 HOH A O   
802 O O   . HOH D .  ? 0.2237 0.3811 0.1425  -0.0347 0.0064  -0.0281 637 HOH A O   
803 O O   . HOH D .  ? 0.2017 0.1324 0.1140  0.0273  0.0611  -0.0017 638 HOH A O   
804 O O   . HOH D .  ? 0.2991 0.2917 0.2136  -0.0872 0.0227  0.0314  639 HOH A O   
805 O O   . HOH D .  ? 0.1960 0.0965 0.1234  0.0073  -0.0011 0.0114  640 HOH A O   
806 O O   . HOH D .  ? 0.2241 0.1670 0.1950  0.0035  -0.0127 0.0227  641 HOH A O   
807 O O   . HOH D .  ? 0.2462 0.2601 0.1960  0.1231  -0.0258 0.0106  642 HOH A O   
808 O O   . HOH D .  ? 0.3187 0.2919 0.2070  0.0739  0.0186  0.0139  643 HOH A O   
809 O O   . HOH D .  ? 0.1683 0.0936 0.0884  0.0301  0.0444  0.0134  644 HOH A O   
810 O O   . HOH D .  ? 0.1402 0.1230 0.1730  0.0229  -0.0200 -0.0042 645 HOH A O   
811 O O   . HOH D .  ? 0.2530 0.2381 0.3291  -0.0053 -0.0557 -0.1203 646 HOH A O   
812 O O   . HOH D .  ? 0.3332 0.2385 0.1021  0.0111  0.0473  0.0445  647 HOH A O   
813 O O   . HOH D .  ? 0.4690 0.3125 0.2061  0.0249  -0.0396 0.0802  648 HOH A O   
814 O O   . HOH D .  ? 0.3518 0.2583 0.7384  0.0900  -0.1141 -0.2547 649 HOH A O   
815 O O   . HOH D .  ? 0.1708 0.1455 0.1194  0.0209  -0.0147 0.0584  650 HOH A O   
816 O O   . HOH D .  ? 0.3275 0.7952 0.3606  -0.0662 -0.1360 0.1307  651 HOH A O   
817 O O   . HOH D .  ? 0.2893 0.1326 0.3014  -0.0595 -0.1276 0.0760  652 HOH A O   
818 O O   . HOH D .  ? 0.3818 0.2243 0.4382  0.0497  -0.0218 -0.0208 653 HOH A O   
819 O O   . HOH D .  ? 0.2282 0.1554 0.2574  -0.0010 -0.0088 -0.0388 654 HOH A O   
820 O O   . HOH D .  ? 0.3967 0.3849 0.5158  0.0550  -0.1159 0.0730  655 HOH A O   
821 O O   . HOH D .  ? 0.4939 0.2857 0.3031  -0.0896 0.0721  0.0397  656 HOH A O   
822 O O   . HOH D .  ? 0.4507 0.2186 0.2431  0.0236  0.0702  0.0070  657 HOH A O   
823 O O   . HOH D .  ? 0.2606 0.3204 0.5831  -0.0266 0.0835  0.2119  658 HOH A O   
824 O O   . HOH D .  ? 0.3724 0.2746 0.3725  -0.0163 -0.1440 -0.0544 659 HOH A O   
825 O O   . HOH D .  ? 0.3917 0.1886 0.6988  0.0143  -0.2013 -0.1491 660 HOH A O   
826 O O   . HOH D .  ? 0.2472 0.8231 0.2901  0.1089  0.1448  0.2591  661 HOH A O   
827 O O   . HOH D .  ? 0.2925 0.5202 0.3819  0.0349  -0.1247 0.1417  662 HOH A O   
828 O O   . HOH D .  ? 0.6855 0.3381 0.4169  -0.1377 0.0381  0.0668  663 HOH A O   
829 O O   . HOH D .  ? 0.2816 0.3006 0.3095  -0.0748 -0.1189 0.1415  664 HOH A O   
830 O O   . HOH D .  ? 0.3270 0.5031 0.3991  0.1401  0.0153  -0.1140 665 HOH A O   
831 O O   . HOH D .  ? 0.2480 0.2726 0.1530  0.1505  -0.0300 -0.0026 666 HOH A O   
832 O O   . HOH D .  ? 0.3593 0.5746 0.1849  0.0417  -0.0606 0.1095  667 HOH A O   
833 O O   . HOH D .  ? 0.3813 0.6768 0.2516  0.1201  0.0819  0.0234  668 HOH A O   
834 O O   . HOH D .  ? 0.3602 0.6028 0.7870  0.1561  0.1693  -0.0075 669 HOH A O   
835 O O   . HOH D .  ? 0.5579 0.2614 0.4540  0.1696  0.2806  0.1403  670 HOH A O   
836 O O   . HOH D .  ? 0.3045 0.4632 0.3640  0.2170  0.0996  0.0883  671 HOH A O   
837 O O   . HOH D .  ? 0.3937 0.2744 0.2760  0.0676  -0.0797 -0.0491 672 HOH A O   
838 O O   . HOH D .  ? 0.4389 0.5333 0.1955  0.0915  -0.0120 0.0356  673 HOH A O   
839 O O   . HOH D .  ? 0.2396 0.3926 0.6083  0.0565  0.0778  -0.0337 674 HOH A O   
840 O O   . HOH D .  ? 0.4170 0.6917 0.2952  0.1578  0.0006  -0.0291 675 HOH A O   
841 O O   . HOH D .  ? 0.6795 0.7431 0.3766  -0.0757 -0.2990 -0.0006 676 HOH A O   
842 O O   . HOH D .  ? 0.7550 0.2140 0.2957  -0.0845 0.1039  -0.0411 677 HOH A O   
843 O O   . HOH D .  ? 0.5195 0.3116 0.2602  -0.0670 -0.0639 0.0342  678 HOH A O   
844 O O   . HOH D .  ? 0.5764 0.6796 0.1653  -0.0003 -0.0318 0.0038  679 HOH A O   
845 O O   . HOH D .  ? 0.3932 0.4013 0.5612  0.0706  0.0581  -0.1344 680 HOH A O   
846 O O   . HOH D .  ? 0.2810 0.4124 0.4044  -0.0729 -0.1193 0.1316  681 HOH A O   
847 O O   . HOH D .  ? 0.4347 0.2127 0.3123  0.0124  0.0925  -0.0590 682 HOH A O   
848 O O   . HOH D .  ? 0.2285 0.2768 0.4074  0.0440  -0.0939 -0.0287 683 HOH A O   
849 O O   . HOH D .  ? 0.3925 0.5706 0.4448  0.2033  -0.0832 0.0253  684 HOH A O   
850 O O   . HOH D .  ? 0.7414 0.6432 0.4762  -0.0735 -0.0431 -0.1300 685 HOH A O   
851 O O   . HOH D .  ? 0.2298 0.5074 0.3280  0.1668  -0.0930 -0.1953 686 HOH A O   
852 O O   . HOH D .  ? 0.3633 0.5479 0.4285  -0.0580 0.0947  0.2006  687 HOH A O   
853 O O   . HOH D .  ? 0.3588 0.4792 0.5120  -0.1617 -0.0551 0.1595  688 HOH A O   
854 O O   . HOH D .  ? 0.2634 0.7914 0.3367  -0.0451 -0.0652 0.1534  689 HOH A O   
855 O O   . HOH D .  ? 0.2837 0.2266 0.4407  0.0404  -0.1948 0.0349  690 HOH A O   
856 O O   . HOH D .  ? 0.3283 0.7878 0.4761  0.1503  0.1496  0.0224  691 HOH A O   
857 O O   . HOH D .  ? 0.1877 0.1185 0.0916  0.0088  0.0228  -0.0039 692 HOH A O   
858 O O   . HOH D .  ? 0.4638 0.1893 0.6057  0.1768  -0.3879 -0.1528 693 HOH A O   
859 O O   . HOH D .  ? 0.5431 0.6001 0.5126  0.2266  0.0211  -0.3086 694 HOH A O   
860 O O   . HOH D .  ? 0.5487 0.7172 0.5769  -0.0745 0.0079  0.1422  695 HOH A O   
861 O O   . HOH D .  ? 0.4144 0.5451 0.3252  0.0401  0.0591  0.1397  696 HOH A O   
862 O O   . HOH D .  ? 0.3264 0.3931 0.3592  -0.0578 0.1242  -0.1794 697 HOH A O   
863 O O   A HOH D .  ? 0.1622 0.1938 0.1109  -0.0187 -0.0139 0.0661  698 HOH A O   
864 O O   B HOH D .  ? 0.3143 0.2410 0.2037  -0.0413 0.0462  0.0749  698 HOH A O   
865 O O   A HOH D .  ? 0.1732 0.0709 0.1016  0.0318  0.0187  0.0314  699 HOH A O   
866 O O   A HOH D .  ? 0.2034 0.2405 0.3689  -0.0387 0.0839  -0.0665 700 HOH A O   
867 O O   B HOH D .  ? 0.1041 0.1997 0.1941  0.0424  -0.0046 -0.0402 700 HOH A O   
868 O O   C HOH D .  ? 0.2271 0.2010 0.1544  0.0231  0.0447  -0.0033 700 HOH A O   
869 O O   . HOH D .  ? 0.5648 0.1313 0.1841  -0.0211 -0.0133 -0.0015 701 HOH A O   
870 O O   . HOH D .  ? 0.3802 0.2019 0.4262  0.0762  0.0966  -0.0330 702 HOH A O   
871 O O   . HOH D .  ? 0.1132 0.2550 0.1417  0.0174  -0.0027 0.0520  703 HOH A O   
872 O O   A HOH D .  ? 0.1452 0.1237 0.0664  0.0026  0.0041  -0.0037 704 HOH A O   
873 O O   B HOH D .  ? 0.2477 0.2104 0.2910  0.0700  0.0663  0.0071  704 HOH A O   
# 
loop_
_pdbx_poly_seq_scheme.asym_id 
_pdbx_poly_seq_scheme.entity_id 
_pdbx_poly_seq_scheme.seq_id 
_pdbx_poly_seq_scheme.mon_id 
_pdbx_poly_seq_scheme.ndb_seq_num 
_pdbx_poly_seq_scheme.pdb_seq_num 
_pdbx_poly_seq_scheme.auth_seq_num 
_pdbx_poly_seq_scheme.pdb_mon_id 
_pdbx_poly_seq_scheme.auth_mon_id 
_pdbx_poly_seq_scheme.pdb_strand_id 
_pdbx_poly_seq_scheme.pdb_ins_code 
_pdbx_poly_seq_scheme.hetero 
A 1 1  SER 1  334 334 SER SER A . n 
A 1 2  LEU 2  335 335 LEU LEU A . n 
A 1 3  LYS 3  336 336 LYS LYS A . n 
A 1 4  THR 4  337 337 THR THR A . n 
A 1 5  THR 5  338 338 THR THR A . n 
A 1 6  ARG 6  339 339 ARG ARG A . n 
A 1 7  GLU 7  340 340 GLU GLU A . n 
A 1 8  PHE 8  341 341 PHE PHE A . n 
A 1 9  ALA 9  342 342 ALA ALA A . n 
A 1 10 GLY 10 343 343 GLY GLY A . n 
A 1 11 LEU 11 344 344 LEU LEU A . n 
A 1 12 VAL 12 345 345 VAL VAL A . n 
A 1 13 LEU 13 346 346 LEU LEU A . n 
A 1 14 GLY 14 347 347 GLY GLY A . n 
A 1 15 TYR 15 348 348 TYR TYR A . n 
A 1 16 ASP 16 349 349 ASP ASP A . n 
A 1 17 PRO 17 350 350 PRO PRO A . n 
A 1 18 GLU 18 351 351 GLU GLU A . n 
A 1 19 THR 19 352 352 THR THR A . n 
A 1 20 GLY 20 353 353 GLY GLY A . n 
A 1 21 ILE 21 354 354 ILE ILE A . n 
A 1 22 ALA 22 355 355 ALA ALA A . n 
A 1 23 THR 23 356 356 THR THR A . n 
A 1 24 VAL 24 357 357 VAL VAL A . n 
A 1 25 GLN 25 358 358 GLN GLN A . n 
A 1 26 GLN 26 359 359 GLN GLN A . n 
A 1 27 ARG 27 360 360 ARG ARG A . n 
A 1 28 ASN 28 361 361 ASN ASN A . n 
A 1 29 HIS 29 362 362 HIS HIS A . n 
A 1 30 PHE 30 363 363 PHE PHE A . n 
A 1 31 ARG 31 364 364 ARG ARG A . n 
A 1 32 PRO 32 365 365 PRO PRO A . n 
A 1 33 GLY 33 366 366 GLY GLY A . n 
A 1 34 ASP 34 367 367 ASP ASP A . n 
A 1 35 GLU 35 368 368 GLU GLU A . n 
A 1 36 VAL 36 369 369 VAL VAL A . n 
A 1 37 GLU 37 370 370 GLU GLU A . n 
A 1 38 PHE 38 371 371 PHE PHE A . n 
A 1 39 PHE 39 372 372 PHE PHE A . n 
A 1 40 GLY 40 373 373 GLY GLY A . n 
A 1 41 PRO 41 374 374 PRO PRO A . n 
A 1 42 GLU 42 375 375 GLU GLU A . n 
A 1 43 ILE 43 376 376 ILE ILE A . n 
A 1 44 GLU 44 377 377 GLU GLU A . n 
A 1 45 ASN 45 378 378 ASN ASN A . n 
A 1 46 PHE 46 379 379 PHE PHE A . n 
A 1 47 THR 47 380 380 THR THR A . n 
A 1 48 GLN 48 381 381 GLN GLN A . n 
A 1 49 VAL 49 382 382 VAL VAL A . n 
A 1 50 ILE 50 383 383 ILE ILE A . n 
A 1 51 GLU 51 384 384 GLU GLU A . n 
A 1 52 LYS 52 385 385 LYS LYS A . n 
A 1 53 ILE 53 386 386 ILE ILE A . n 
A 1 54 TRP 54 387 387 TRP TRP A . n 
A 1 55 ASP 55 388 388 ASP ASP A . n 
A 1 56 GLU 56 389 389 GLU GLU A . n 
A 1 57 ASP 57 390 390 ASP ASP A . n 
A 1 58 GLY 58 391 391 GLY GLY A . n 
A 1 59 ASN 59 392 392 ASN ASN A . n 
A 1 60 GLU 60 393 393 GLU GLU A . n 
A 1 61 LEU 61 394 394 LEU LEU A . n 
A 1 62 ASP 62 395 395 ASP ASP A . n 
A 1 63 ALA 63 396 396 ALA ALA A . n 
A 1 64 ALA 64 397 397 ALA ALA A . n 
A 1 65 ARG 65 398 398 ARG ARG A . n 
A 1 66 HIS 66 399 399 HIS HIS A . n 
A 1 67 PRO 67 400 400 PRO PRO A . n 
A 1 68 LEU 68 401 401 LEU LEU A . n 
A 1 69 GLN 69 402 402 GLN GLN A . n 
A 1 70 ILE 70 403 403 ILE ILE A . n 
A 1 71 VAL 71 404 404 VAL VAL A . n 
A 1 72 LYS 72 405 405 LYS LYS A . n 
A 1 73 PHE 73 406 406 PHE PHE A . n 
A 1 74 LYS 74 407 407 LYS LYS A . n 
A 1 75 VAL 75 408 408 VAL VAL A . n 
A 1 76 LYS 76 409 409 LYS LYS A . n 
A 1 77 ARG 77 410 410 ARG ARG A . n 
A 1 78 PRO 78 411 411 PRO PRO A . n 
A 1 79 LEU 79 412 412 LEU LEU A . n 
A 1 80 PHE 80 413 413 PHE PHE A . n 
A 1 81 PRO 81 414 414 PRO PRO A . n 
A 1 82 TYR 82 415 415 TYR TYR A . n 
A 1 83 ASN 83 416 416 ASN ASN A . n 
A 1 84 MET 84 417 417 MET MET A . n 
A 1 85 MET 85 418 418 MET MET A . n 
A 1 86 ARG 86 419 419 ARG ARG A . n 
A 1 87 LYS 87 420 420 LYS LYS A . n 
A 1 88 GLU 88 421 421 GLU GLU A . n 
A 1 89 ASN 89 422 422 ASN ASN A . n 
# 
loop_
_pdbx_nonpoly_scheme.asym_id 
_pdbx_nonpoly_scheme.entity_id 
_pdbx_nonpoly_scheme.mon_id 
_pdbx_nonpoly_scheme.ndb_seq_num 
_pdbx_nonpoly_scheme.pdb_seq_num 
_pdbx_nonpoly_scheme.auth_seq_num 
_pdbx_nonpoly_scheme.pdb_mon_id 
_pdbx_nonpoly_scheme.auth_mon_id 
_pdbx_nonpoly_scheme.pdb_strand_id 
_pdbx_nonpoly_scheme.pdb_ins_code 
B 2 UNX 1   501 501 UNX UNX A . 
C 3 ACT 1   502 502 ACT ACT A . 
D 4 HOH 1   601 503 HOH HOH A . 
D 4 HOH 2   602 504 HOH HOH A . 
D 4 HOH 3   603 505 HOH HOH A . 
D 4 HOH 4   604 506 HOH HOH A . 
D 4 HOH 5   605 507 HOH HOH A . 
D 4 HOH 6   606 508 HOH HOH A . 
D 4 HOH 7   607 509 HOH HOH A . 
D 4 HOH 8   608 510 HOH HOH A . 
D 4 HOH 9   609 511 HOH HOH A . 
D 4 HOH 10  610 512 HOH HOH A . 
D 4 HOH 11  611 513 HOH HOH A . 
D 4 HOH 12  612 514 HOH HOH A . 
D 4 HOH 13  613 515 HOH HOH A . 
D 4 HOH 14  614 516 HOH HOH A . 
D 4 HOH 15  615 517 HOH HOH A . 
D 4 HOH 16  616 518 HOH HOH A . 
D 4 HOH 17  617 519 HOH HOH A . 
D 4 HOH 18  618 520 HOH HOH A . 
D 4 HOH 19  619 521 HOH HOH A . 
D 4 HOH 20  620 522 HOH HOH A . 
D 4 HOH 21  621 523 HOH HOH A . 
D 4 HOH 22  622 524 HOH HOH A . 
D 4 HOH 23  623 525 HOH HOH A . 
D 4 HOH 24  624 526 HOH HOH A . 
D 4 HOH 25  625 527 HOH HOH A . 
D 4 HOH 26  626 528 HOH HOH A . 
D 4 HOH 27  627 529 HOH HOH A . 
D 4 HOH 28  628 530 HOH HOH A . 
D 4 HOH 29  629 531 HOH HOH A . 
D 4 HOH 30  630 532 HOH HOH A . 
D 4 HOH 31  631 533 HOH HOH A . 
D 4 HOH 32  632 534 HOH HOH A . 
D 4 HOH 33  633 535 HOH HOH A . 
D 4 HOH 34  634 536 HOH HOH A . 
D 4 HOH 35  635 537 HOH HOH A . 
D 4 HOH 36  636 538 HOH HOH A . 
D 4 HOH 37  637 539 HOH HOH A . 
D 4 HOH 38  638 540 HOH HOH A . 
D 4 HOH 39  639 541 HOH HOH A . 
D 4 HOH 40  640 542 HOH HOH A . 
D 4 HOH 41  641 543 HOH HOH A . 
D 4 HOH 42  642 544 HOH HOH A . 
D 4 HOH 43  643 545 HOH HOH A . 
D 4 HOH 44  644 546 HOH HOH A . 
D 4 HOH 45  645 547 HOH HOH A . 
D 4 HOH 46  646 548 HOH HOH A . 
D 4 HOH 47  647 549 HOH HOH A . 
D 4 HOH 48  648 550 HOH HOH A . 
D 4 HOH 49  649 551 HOH HOH A . 
D 4 HOH 50  650 552 HOH HOH A . 
D 4 HOH 51  651 553 HOH HOH A . 
D 4 HOH 52  652 554 HOH HOH A . 
D 4 HOH 53  653 555 HOH HOH A . 
D 4 HOH 54  654 556 HOH HOH A . 
D 4 HOH 55  655 557 HOH HOH A . 
D 4 HOH 56  656 558 HOH HOH A . 
D 4 HOH 57  657 559 HOH HOH A . 
D 4 HOH 58  658 560 HOH HOH A . 
D 4 HOH 59  659 561 HOH HOH A . 
D 4 HOH 60  660 562 HOH HOH A . 
D 4 HOH 61  661 563 HOH HOH A . 
D 4 HOH 62  662 564 HOH HOH A . 
D 4 HOH 63  663 565 HOH HOH A . 
D 4 HOH 64  664 566 HOH HOH A . 
D 4 HOH 65  665 567 HOH HOH A . 
D 4 HOH 66  666 568 HOH HOH A . 
D 4 HOH 67  667 569 HOH HOH A . 
D 4 HOH 68  668 570 HOH HOH A . 
D 4 HOH 69  669 571 HOH HOH A . 
D 4 HOH 70  670 572 HOH HOH A . 
D 4 HOH 71  671 573 HOH HOH A . 
D 4 HOH 72  672 574 HOH HOH A . 
D 4 HOH 73  673 575 HOH HOH A . 
D 4 HOH 74  674 576 HOH HOH A . 
D 4 HOH 75  675 577 HOH HOH A . 
D 4 HOH 76  676 578 HOH HOH A . 
D 4 HOH 77  677 579 HOH HOH A . 
D 4 HOH 78  678 580 HOH HOH A . 
D 4 HOH 79  679 581 HOH HOH A . 
D 4 HOH 80  680 582 HOH HOH A . 
D 4 HOH 81  681 583 HOH HOH A . 
D 4 HOH 82  682 584 HOH HOH A . 
D 4 HOH 83  683 585 HOH HOH A . 
D 4 HOH 84  684 586 HOH HOH A . 
D 4 HOH 85  685 587 HOH HOH A . 
D 4 HOH 86  686 588 HOH HOH A . 
D 4 HOH 87  687 589 HOH HOH A . 
D 4 HOH 88  688 590 HOH HOH A . 
D 4 HOH 89  689 591 HOH HOH A . 
D 4 HOH 90  690 592 HOH HOH A . 
D 4 HOH 91  691 593 HOH HOH A . 
D 4 HOH 92  692 594 HOH HOH A . 
D 4 HOH 93  693 595 HOH HOH A . 
D 4 HOH 94  694 596 HOH HOH A . 
D 4 HOH 95  695 597 HOH HOH A . 
D 4 HOH 96  696 598 HOH HOH A . 
D 4 HOH 97  697 599 HOH HOH A . 
D 4 HOH 98  698 600 HOH HOH A . 
D 4 HOH 99  699 601 HOH HOH A . 
D 4 HOH 100 700 602 HOH HOH A . 
D 4 HOH 101 701 603 HOH HOH A . 
D 4 HOH 102 702 604 HOH HOH A . 
D 4 HOH 103 703 605 HOH HOH A . 
D 4 HOH 104 704 606 HOH HOH A . 
# 
_pdbx_struct_assembly.id                   1 
_pdbx_struct_assembly.details              author_and_software_defined_assembly 
_pdbx_struct_assembly.method_details       PISA 
_pdbx_struct_assembly.oligomeric_details   monomeric 
_pdbx_struct_assembly.oligomeric_count     1 
# 
_pdbx_struct_assembly_gen.assembly_id       1 
_pdbx_struct_assembly_gen.oper_expression   1 
_pdbx_struct_assembly_gen.asym_id_list      A,B,C,D 
# 
_pdbx_struct_oper_list.id                   1 
_pdbx_struct_oper_list.type                 'identity operation' 
_pdbx_struct_oper_list.name                 1_555 
_pdbx_struct_oper_list.symmetry_operation   x,y,z 
_pdbx_struct_oper_list.matrix[1][1]         1.0000000000 
_pdbx_struct_oper_list.matrix[1][2]         0.0000000000 
_pdbx_struct_oper_list.matrix[1][3]         0.0000000000 
_pdbx_struct_oper_list.vector[1]            0.0000000000 
_pdbx_struct_oper_list.matrix[2][1]         0.0000000000 
_pdbx_struct_oper_list.matrix[2][2]         1.0000000000 
_pdbx_struct_oper_list.matrix[2][3]         0.0000000000 
_pdbx_struct_oper_list.vector[2]            0.0000000000 
_pdbx_struct_oper_list.matrix[3][1]         0.0000000000 
_pdbx_struct_oper_list.matrix[3][2]         0.0000000000 
_pdbx_struct_oper_list.matrix[3][3]         1.0000000000 
_pdbx_struct_oper_list.vector[3]            0.0000000000 
# 
loop_
_pdbx_audit_revision_history.ordinal 
_pdbx_audit_revision_history.data_content_type 
_pdbx_audit_revision_history.major_revision 
_pdbx_audit_revision_history.minor_revision 
_pdbx_audit_revision_history.revision_date 
1 'Structure model' 1 0 2012-11-14 
2 'Structure model' 1 1 2013-02-27 
3 'Structure model' 1 2 2013-06-19 
4 'Structure model' 1 3 2017-11-15 
5 'Structure model' 1 4 2022-04-13 
6 'Structure model' 1 5 2023-09-20 
# 
_pdbx_audit_revision_details.ordinal             1 
_pdbx_audit_revision_details.revision_ordinal    1 
_pdbx_audit_revision_details.data_content_type   'Structure model' 
_pdbx_audit_revision_details.provider            repository 
_pdbx_audit_revision_details.type                'Initial release' 
_pdbx_audit_revision_details.description         ? 
_pdbx_audit_revision_details.details             ? 
# 
loop_
_pdbx_audit_revision_group.ordinal 
_pdbx_audit_revision_group.revision_ordinal 
_pdbx_audit_revision_group.data_content_type 
_pdbx_audit_revision_group.group 
1 2 'Structure model' 'Database references'    
2 3 'Structure model' 'Database references'    
3 4 'Structure model' 'Refinement description' 
4 5 'Structure model' 'Database references'    
5 5 'Structure model' 'Derived calculations'   
6 5 'Structure model' 'Structure summary'      
7 6 'Structure model' 'Data collection'        
8 6 'Structure model' 'Refinement description' 
# 
loop_
_pdbx_audit_revision_category.ordinal 
_pdbx_audit_revision_category.revision_ordinal 
_pdbx_audit_revision_category.data_content_type 
_pdbx_audit_revision_category.category 
1 4 'Structure model' software                      
2 5 'Structure model' audit_author                  
3 5 'Structure model' citation_author               
4 5 'Structure model' database_2                    
5 5 'Structure model' struct_ref_seq_dif            
6 5 'Structure model' struct_site                   
7 6 'Structure model' chem_comp_atom                
8 6 'Structure model' chem_comp_bond                
9 6 'Structure model' pdbx_initial_refinement_model 
# 
loop_
_pdbx_audit_revision_item.ordinal 
_pdbx_audit_revision_item.revision_ordinal 
_pdbx_audit_revision_item.data_content_type 
_pdbx_audit_revision_item.item 
1 4 'Structure model' '_software.name'                      
2 5 'Structure model' '_audit_author.identifier_ORCID'      
3 5 'Structure model' '_citation_author.identifier_ORCID'   
4 5 'Structure model' '_database_2.pdbx_DOI'                
5 5 'Structure model' '_database_2.pdbx_database_accession' 
6 5 'Structure model' '_struct_ref_seq_dif.details'         
7 5 'Structure model' '_struct_site.pdbx_auth_asym_id'      
8 5 'Structure model' '_struct_site.pdbx_auth_comp_id'      
9 5 'Structure model' '_struct_site.pdbx_auth_seq_id'       
# 
loop_
_software.name 
_software.classification 
_software.version 
_software.citation_id 
_software.pdbx_ordinal 
ProDC  'data collection' . ? 1 
PHASER phasing           . ? 2 
BUSTER refinement        . ? 3 
XDS    'data reduction'  . ? 4 
SCALA  'data scaling'    . ? 5 
# 
_pdbx_validate_close_contact.id               1 
_pdbx_validate_close_contact.PDB_model_num    1 
_pdbx_validate_close_contact.auth_atom_id_1   OE1 
_pdbx_validate_close_contact.auth_asym_id_1   A 
_pdbx_validate_close_contact.auth_comp_id_1   GLN 
_pdbx_validate_close_contact.auth_seq_id_1    402 
_pdbx_validate_close_contact.PDB_ins_code_1   ? 
_pdbx_validate_close_contact.label_alt_id_1   ? 
_pdbx_validate_close_contact.auth_atom_id_2   O 
_pdbx_validate_close_contact.auth_asym_id_2   A 
_pdbx_validate_close_contact.auth_comp_id_2   HOH 
_pdbx_validate_close_contact.auth_seq_id_2    693 
_pdbx_validate_close_contact.PDB_ins_code_2   ? 
_pdbx_validate_close_contact.label_alt_id_2   ? 
_pdbx_validate_close_contact.dist             2.17 
# 
loop_
_pdbx_validate_rmsd_angle.id 
_pdbx_validate_rmsd_angle.PDB_model_num 
_pdbx_validate_rmsd_angle.auth_atom_id_1 
_pdbx_validate_rmsd_angle.auth_asym_id_1 
_pdbx_validate_rmsd_angle.auth_comp_id_1 
_pdbx_validate_rmsd_angle.auth_seq_id_1 
_pdbx_validate_rmsd_angle.PDB_ins_code_1 
_pdbx_validate_rmsd_angle.label_alt_id_1 
_pdbx_validate_rmsd_angle.auth_atom_id_2 
_pdbx_validate_rmsd_angle.auth_asym_id_2 
_pdbx_validate_rmsd_angle.auth_comp_id_2 
_pdbx_validate_rmsd_angle.auth_seq_id_2 
_pdbx_validate_rmsd_angle.PDB_ins_code_2 
_pdbx_validate_rmsd_angle.label_alt_id_2 
_pdbx_validate_rmsd_angle.auth_atom_id_3 
_pdbx_validate_rmsd_angle.auth_asym_id_3 
_pdbx_validate_rmsd_angle.auth_comp_id_3 
_pdbx_validate_rmsd_angle.auth_seq_id_3 
_pdbx_validate_rmsd_angle.PDB_ins_code_3 
_pdbx_validate_rmsd_angle.label_alt_id_3 
_pdbx_validate_rmsd_angle.angle_value 
_pdbx_validate_rmsd_angle.angle_target_value 
_pdbx_validate_rmsd_angle.angle_deviation 
_pdbx_validate_rmsd_angle.angle_standard_deviation 
_pdbx_validate_rmsd_angle.linker_flag 
1 1 CB  A ARG 339 ? ? CG A ARG 339 ? ? CD  A ARG 339 ? ? 127.86 111.60 16.26 2.60 N 
2 1 CG  A ARG 339 ? ? CD A ARG 339 ? ? NE  A ARG 339 ? ? 126.31 111.80 14.51 2.10 N 
3 1 CD  A ARG 339 ? ? NE A ARG 339 ? ? CZ  A ARG 339 ? ? 160.66 123.60 37.06 1.40 N 
4 1 NH1 A ARG 339 ? ? CZ A ARG 339 ? ? NH2 A ARG 339 ? ? 110.59 119.40 -8.81 1.10 N 
5 1 NE  A ARG 339 ? ? CZ A ARG 339 ? ? NH2 A ARG 339 ? ? 129.76 120.30 9.46  0.50 N 
6 1 NE  A ARG 360 ? B CZ A ARG 360 ? B NH2 A ARG 360 ? B 113.88 120.30 -6.42 0.50 N 
7 1 NE  A ARG 419 ? ? CZ A ARG 419 ? ? NH1 A ARG 419 ? ? 124.01 120.30 3.71  0.50 N 
# 
loop_
_pdbx_validate_torsion.id 
_pdbx_validate_torsion.PDB_model_num 
_pdbx_validate_torsion.auth_comp_id 
_pdbx_validate_torsion.auth_asym_id 
_pdbx_validate_torsion.auth_seq_id 
_pdbx_validate_torsion.PDB_ins_code 
_pdbx_validate_torsion.label_alt_id 
_pdbx_validate_torsion.phi 
_pdbx_validate_torsion.psi 
1 1 GLU A 375 ? ? 85.10   -5.60  
2 1 LYS A 385 ? ? -175.07 140.78 
# 
loop_
_chem_comp_atom.comp_id 
_chem_comp_atom.atom_id 
_chem_comp_atom.type_symbol 
_chem_comp_atom.pdbx_aromatic_flag 
_chem_comp_atom.pdbx_stereo_config 
_chem_comp_atom.pdbx_ordinal 
ACT C    C N N 1   
ACT O    O N N 2   
ACT OXT  O N N 3   
ACT CH3  C N N 4   
ACT H1   H N N 5   
ACT H2   H N N 6   
ACT H3   H N N 7   
ALA N    N N N 8   
ALA CA   C N S 9   
ALA C    C N N 10  
ALA O    O N N 11  
ALA CB   C N N 12  
ALA OXT  O N N 13  
ALA H    H N N 14  
ALA H2   H N N 15  
ALA HA   H N N 16  
ALA HB1  H N N 17  
ALA HB2  H N N 18  
ALA HB3  H N N 19  
ALA HXT  H N N 20  
ARG N    N N N 21  
ARG CA   C N S 22  
ARG C    C N N 23  
ARG O    O N N 24  
ARG CB   C N N 25  
ARG CG   C N N 26  
ARG CD   C N N 27  
ARG NE   N N N 28  
ARG CZ   C N N 29  
ARG NH1  N N N 30  
ARG NH2  N N N 31  
ARG OXT  O N N 32  
ARG H    H N N 33  
ARG H2   H N N 34  
ARG HA   H N N 35  
ARG HB2  H N N 36  
ARG HB3  H N N 37  
ARG HG2  H N N 38  
ARG HG3  H N N 39  
ARG HD2  H N N 40  
ARG HD3  H N N 41  
ARG HE   H N N 42  
ARG HH11 H N N 43  
ARG HH12 H N N 44  
ARG HH21 H N N 45  
ARG HH22 H N N 46  
ARG HXT  H N N 47  
ASN N    N N N 48  
ASN CA   C N S 49  
ASN C    C N N 50  
ASN O    O N N 51  
ASN CB   C N N 52  
ASN CG   C N N 53  
ASN OD1  O N N 54  
ASN ND2  N N N 55  
ASN OXT  O N N 56  
ASN H    H N N 57  
ASN H2   H N N 58  
ASN HA   H N N 59  
ASN HB2  H N N 60  
ASN HB3  H N N 61  
ASN HD21 H N N 62  
ASN HD22 H N N 63  
ASN HXT  H N N 64  
ASP N    N N N 65  
ASP CA   C N S 66  
ASP C    C N N 67  
ASP O    O N N 68  
ASP CB   C N N 69  
ASP CG   C N N 70  
ASP OD1  O N N 71  
ASP OD2  O N N 72  
ASP OXT  O N N 73  
ASP H    H N N 74  
ASP H2   H N N 75  
ASP HA   H N N 76  
ASP HB2  H N N 77  
ASP HB3  H N N 78  
ASP HD2  H N N 79  
ASP HXT  H N N 80  
GLN N    N N N 81  
GLN CA   C N S 82  
GLN C    C N N 83  
GLN O    O N N 84  
GLN CB   C N N 85  
GLN CG   C N N 86  
GLN CD   C N N 87  
GLN OE1  O N N 88  
GLN NE2  N N N 89  
GLN OXT  O N N 90  
GLN H    H N N 91  
GLN H2   H N N 92  
GLN HA   H N N 93  
GLN HB2  H N N 94  
GLN HB3  H N N 95  
GLN HG2  H N N 96  
GLN HG3  H N N 97  
GLN HE21 H N N 98  
GLN HE22 H N N 99  
GLN HXT  H N N 100 
GLU N    N N N 101 
GLU CA   C N S 102 
GLU C    C N N 103 
GLU O    O N N 104 
GLU CB   C N N 105 
GLU CG   C N N 106 
GLU CD   C N N 107 
GLU OE1  O N N 108 
GLU OE2  O N N 109 
GLU OXT  O N N 110 
GLU H    H N N 111 
GLU H2   H N N 112 
GLU HA   H N N 113 
GLU HB2  H N N 114 
GLU HB3  H N N 115 
GLU HG2  H N N 116 
GLU HG3  H N N 117 
GLU HE2  H N N 118 
GLU HXT  H N N 119 
GLY N    N N N 120 
GLY CA   C N N 121 
GLY C    C N N 122 
GLY O    O N N 123 
GLY OXT  O N N 124 
GLY H    H N N 125 
GLY H2   H N N 126 
GLY HA2  H N N 127 
GLY HA3  H N N 128 
GLY HXT  H N N 129 
HIS N    N N N 130 
HIS CA   C N S 131 
HIS C    C N N 132 
HIS O    O N N 133 
HIS CB   C N N 134 
HIS CG   C Y N 135 
HIS ND1  N Y N 136 
HIS CD2  C Y N 137 
HIS CE1  C Y N 138 
HIS NE2  N Y N 139 
HIS OXT  O N N 140 
HIS H    H N N 141 
HIS H2   H N N 142 
HIS HA   H N N 143 
HIS HB2  H N N 144 
HIS HB3  H N N 145 
HIS HD1  H N N 146 
HIS HD2  H N N 147 
HIS HE1  H N N 148 
HIS HE2  H N N 149 
HIS HXT  H N N 150 
HOH O    O N N 151 
HOH H1   H N N 152 
HOH H2   H N N 153 
ILE N    N N N 154 
ILE CA   C N S 155 
ILE C    C N N 156 
ILE O    O N N 157 
ILE CB   C N S 158 
ILE CG1  C N N 159 
ILE CG2  C N N 160 
ILE CD1  C N N 161 
ILE OXT  O N N 162 
ILE H    H N N 163 
ILE H2   H N N 164 
ILE HA   H N N 165 
ILE HB   H N N 166 
ILE HG12 H N N 167 
ILE HG13 H N N 168 
ILE HG21 H N N 169 
ILE HG22 H N N 170 
ILE HG23 H N N 171 
ILE HD11 H N N 172 
ILE HD12 H N N 173 
ILE HD13 H N N 174 
ILE HXT  H N N 175 
LEU N    N N N 176 
LEU CA   C N S 177 
LEU C    C N N 178 
LEU O    O N N 179 
LEU CB   C N N 180 
LEU CG   C N N 181 
LEU CD1  C N N 182 
LEU CD2  C N N 183 
LEU OXT  O N N 184 
LEU H    H N N 185 
LEU H2   H N N 186 
LEU HA   H N N 187 
LEU HB2  H N N 188 
LEU HB3  H N N 189 
LEU HG   H N N 190 
LEU HD11 H N N 191 
LEU HD12 H N N 192 
LEU HD13 H N N 193 
LEU HD21 H N N 194 
LEU HD22 H N N 195 
LEU HD23 H N N 196 
LEU HXT  H N N 197 
LYS N    N N N 198 
LYS CA   C N S 199 
LYS C    C N N 200 
LYS O    O N N 201 
LYS CB   C N N 202 
LYS CG   C N N 203 
LYS CD   C N N 204 
LYS CE   C N N 205 
LYS NZ   N N N 206 
LYS OXT  O N N 207 
LYS H    H N N 208 
LYS H2   H N N 209 
LYS HA   H N N 210 
LYS HB2  H N N 211 
LYS HB3  H N N 212 
LYS HG2  H N N 213 
LYS HG3  H N N 214 
LYS HD2  H N N 215 
LYS HD3  H N N 216 
LYS HE2  H N N 217 
LYS HE3  H N N 218 
LYS HZ1  H N N 219 
LYS HZ2  H N N 220 
LYS HZ3  H N N 221 
LYS HXT  H N N 222 
MET N    N N N 223 
MET CA   C N S 224 
MET C    C N N 225 
MET O    O N N 226 
MET CB   C N N 227 
MET CG   C N N 228 
MET SD   S N N 229 
MET CE   C N N 230 
MET OXT  O N N 231 
MET H    H N N 232 
MET H2   H N N 233 
MET HA   H N N 234 
MET HB2  H N N 235 
MET HB3  H N N 236 
MET HG2  H N N 237 
MET HG3  H N N 238 
MET HE1  H N N 239 
MET HE2  H N N 240 
MET HE3  H N N 241 
MET HXT  H N N 242 
PHE N    N N N 243 
PHE CA   C N S 244 
PHE C    C N N 245 
PHE O    O N N 246 
PHE CB   C N N 247 
PHE CG   C Y N 248 
PHE CD1  C Y N 249 
PHE CD2  C Y N 250 
PHE CE1  C Y N 251 
PHE CE2  C Y N 252 
PHE CZ   C Y N 253 
PHE OXT  O N N 254 
PHE H    H N N 255 
PHE H2   H N N 256 
PHE HA   H N N 257 
PHE HB2  H N N 258 
PHE HB3  H N N 259 
PHE HD1  H N N 260 
PHE HD2  H N N 261 
PHE HE1  H N N 262 
PHE HE2  H N N 263 
PHE HZ   H N N 264 
PHE HXT  H N N 265 
PRO N    N N N 266 
PRO CA   C N S 267 
PRO C    C N N 268 
PRO O    O N N 269 
PRO CB   C N N 270 
PRO CG   C N N 271 
PRO CD   C N N 272 
PRO OXT  O N N 273 
PRO H    H N N 274 
PRO HA   H N N 275 
PRO HB2  H N N 276 
PRO HB3  H N N 277 
PRO HG2  H N N 278 
PRO HG3  H N N 279 
PRO HD2  H N N 280 
PRO HD3  H N N 281 
PRO HXT  H N N 282 
SER N    N N N 283 
SER CA   C N S 284 
SER C    C N N 285 
SER O    O N N 286 
SER CB   C N N 287 
SER OG   O N N 288 
SER OXT  O N N 289 
SER H    H N N 290 
SER H2   H N N 291 
SER HA   H N N 292 
SER HB2  H N N 293 
SER HB3  H N N 294 
SER HG   H N N 295 
SER HXT  H N N 296 
THR N    N N N 297 
THR CA   C N S 298 
THR C    C N N 299 
THR O    O N N 300 
THR CB   C N R 301 
THR OG1  O N N 302 
THR CG2  C N N 303 
THR OXT  O N N 304 
THR H    H N N 305 
THR H2   H N N 306 
THR HA   H N N 307 
THR HB   H N N 308 
THR HG1  H N N 309 
THR HG21 H N N 310 
THR HG22 H N N 311 
THR HG23 H N N 312 
THR HXT  H N N 313 
TRP N    N N N 314 
TRP CA   C N S 315 
TRP C    C N N 316 
TRP O    O N N 317 
TRP CB   C N N 318 
TRP CG   C Y N 319 
TRP CD1  C Y N 320 
TRP CD2  C Y N 321 
TRP NE1  N Y N 322 
TRP CE2  C Y N 323 
TRP CE3  C Y N 324 
TRP CZ2  C Y N 325 
TRP CZ3  C Y N 326 
TRP CH2  C Y N 327 
TRP OXT  O N N 328 
TRP H    H N N 329 
TRP H2   H N N 330 
TRP HA   H N N 331 
TRP HB2  H N N 332 
TRP HB3  H N N 333 
TRP HD1  H N N 334 
TRP HE1  H N N 335 
TRP HE3  H N N 336 
TRP HZ2  H N N 337 
TRP HZ3  H N N 338 
TRP HH2  H N N 339 
TRP HXT  H N N 340 
TYR N    N N N 341 
TYR CA   C N S 342 
TYR C    C N N 343 
TYR O    O N N 344 
TYR CB   C N N 345 
TYR CG   C Y N 346 
TYR CD1  C Y N 347 
TYR CD2  C Y N 348 
TYR CE1  C Y N 349 
TYR CE2  C Y N 350 
TYR CZ   C Y N 351 
TYR OH   O N N 352 
TYR OXT  O N N 353 
TYR H    H N N 354 
TYR H2   H N N 355 
TYR HA   H N N 356 
TYR HB2  H N N 357 
TYR HB3  H N N 358 
TYR HD1  H N N 359 
TYR HD2  H N N 360 
TYR HE1  H N N 361 
TYR HE2  H N N 362 
TYR HH   H N N 363 
TYR HXT  H N N 364 
VAL N    N N N 365 
VAL CA   C N S 366 
VAL C    C N N 367 
VAL O    O N N 368 
VAL CB   C N N 369 
VAL CG1  C N N 370 
VAL CG2  C N N 371 
VAL OXT  O N N 372 
VAL H    H N N 373 
VAL H2   H N N 374 
VAL HA   H N N 375 
VAL HB   H N N 376 
VAL HG11 H N N 377 
VAL HG12 H N N 378 
VAL HG13 H N N 379 
VAL HG21 H N N 380 
VAL HG22 H N N 381 
VAL HG23 H N N 382 
VAL HXT  H N N 383 
# 
loop_
_chem_comp_bond.comp_id 
_chem_comp_bond.atom_id_1 
_chem_comp_bond.atom_id_2 
_chem_comp_bond.value_order 
_chem_comp_bond.pdbx_aromatic_flag 
_chem_comp_bond.pdbx_stereo_config 
_chem_comp_bond.pdbx_ordinal 
ACT C   O    doub N N 1   
ACT C   OXT  sing N N 2   
ACT C   CH3  sing N N 3   
ACT CH3 H1   sing N N 4   
ACT CH3 H2   sing N N 5   
ACT CH3 H3   sing N N 6   
ALA N   CA   sing N N 7   
ALA N   H    sing N N 8   
ALA N   H2   sing N N 9   
ALA CA  C    sing N N 10  
ALA CA  CB   sing N N 11  
ALA CA  HA   sing N N 12  
ALA C   O    doub N N 13  
ALA C   OXT  sing N N 14  
ALA CB  HB1  sing N N 15  
ALA CB  HB2  sing N N 16  
ALA CB  HB3  sing N N 17  
ALA OXT HXT  sing N N 18  
ARG N   CA   sing N N 19  
ARG N   H    sing N N 20  
ARG N   H2   sing N N 21  
ARG CA  C    sing N N 22  
ARG CA  CB   sing N N 23  
ARG CA  HA   sing N N 24  
ARG C   O    doub N N 25  
ARG C   OXT  sing N N 26  
ARG CB  CG   sing N N 27  
ARG CB  HB2  sing N N 28  
ARG CB  HB3  sing N N 29  
ARG CG  CD   sing N N 30  
ARG CG  HG2  sing N N 31  
ARG CG  HG3  sing N N 32  
ARG CD  NE   sing N N 33  
ARG CD  HD2  sing N N 34  
ARG CD  HD3  sing N N 35  
ARG NE  CZ   sing N N 36  
ARG NE  HE   sing N N 37  
ARG CZ  NH1  sing N N 38  
ARG CZ  NH2  doub N N 39  
ARG NH1 HH11 sing N N 40  
ARG NH1 HH12 sing N N 41  
ARG NH2 HH21 sing N N 42  
ARG NH2 HH22 sing N N 43  
ARG OXT HXT  sing N N 44  
ASN N   CA   sing N N 45  
ASN N   H    sing N N 46  
ASN N   H2   sing N N 47  
ASN CA  C    sing N N 48  
ASN CA  CB   sing N N 49  
ASN CA  HA   sing N N 50  
ASN C   O    doub N N 51  
ASN C   OXT  sing N N 52  
ASN CB  CG   sing N N 53  
ASN CB  HB2  sing N N 54  
ASN CB  HB3  sing N N 55  
ASN CG  OD1  doub N N 56  
ASN CG  ND2  sing N N 57  
ASN ND2 HD21 sing N N 58  
ASN ND2 HD22 sing N N 59  
ASN OXT HXT  sing N N 60  
ASP N   CA   sing N N 61  
ASP N   H    sing N N 62  
ASP N   H2   sing N N 63  
ASP CA  C    sing N N 64  
ASP CA  CB   sing N N 65  
ASP CA  HA   sing N N 66  
ASP C   O    doub N N 67  
ASP C   OXT  sing N N 68  
ASP CB  CG   sing N N 69  
ASP CB  HB2  sing N N 70  
ASP CB  HB3  sing N N 71  
ASP CG  OD1  doub N N 72  
ASP CG  OD2  sing N N 73  
ASP OD2 HD2  sing N N 74  
ASP OXT HXT  sing N N 75  
GLN N   CA   sing N N 76  
GLN N   H    sing N N 77  
GLN N   H2   sing N N 78  
GLN CA  C    sing N N 79  
GLN CA  CB   sing N N 80  
GLN CA  HA   sing N N 81  
GLN C   O    doub N N 82  
GLN C   OXT  sing N N 83  
GLN CB  CG   sing N N 84  
GLN CB  HB2  sing N N 85  
GLN CB  HB3  sing N N 86  
GLN CG  CD   sing N N 87  
GLN CG  HG2  sing N N 88  
GLN CG  HG3  sing N N 89  
GLN CD  OE1  doub N N 90  
GLN CD  NE2  sing N N 91  
GLN NE2 HE21 sing N N 92  
GLN NE2 HE22 sing N N 93  
GLN OXT HXT  sing N N 94  
GLU N   CA   sing N N 95  
GLU N   H    sing N N 96  
GLU N   H2   sing N N 97  
GLU CA  C    sing N N 98  
GLU CA  CB   sing N N 99  
GLU CA  HA   sing N N 100 
GLU C   O    doub N N 101 
GLU C   OXT  sing N N 102 
GLU CB  CG   sing N N 103 
GLU CB  HB2  sing N N 104 
GLU CB  HB3  sing N N 105 
GLU CG  CD   sing N N 106 
GLU CG  HG2  sing N N 107 
GLU CG  HG3  sing N N 108 
GLU CD  OE1  doub N N 109 
GLU CD  OE2  sing N N 110 
GLU OE2 HE2  sing N N 111 
GLU OXT HXT  sing N N 112 
GLY N   CA   sing N N 113 
GLY N   H    sing N N 114 
GLY N   H2   sing N N 115 
GLY CA  C    sing N N 116 
GLY CA  HA2  sing N N 117 
GLY CA  HA3  sing N N 118 
GLY C   O    doub N N 119 
GLY C   OXT  sing N N 120 
GLY OXT HXT  sing N N 121 
HIS N   CA   sing N N 122 
HIS N   H    sing N N 123 
HIS N   H2   sing N N 124 
HIS CA  C    sing N N 125 
HIS CA  CB   sing N N 126 
HIS CA  HA   sing N N 127 
HIS C   O    doub N N 128 
HIS C   OXT  sing N N 129 
HIS CB  CG   sing N N 130 
HIS CB  HB2  sing N N 131 
HIS CB  HB3  sing N N 132 
HIS CG  ND1  sing Y N 133 
HIS CG  CD2  doub Y N 134 
HIS ND1 CE1  doub Y N 135 
HIS ND1 HD1  sing N N 136 
HIS CD2 NE2  sing Y N 137 
HIS CD2 HD2  sing N N 138 
HIS CE1 NE2  sing Y N 139 
HIS CE1 HE1  sing N N 140 
HIS NE2 HE2  sing N N 141 
HIS OXT HXT  sing N N 142 
HOH O   H1   sing N N 143 
HOH O   H2   sing N N 144 
ILE N   CA   sing N N 145 
ILE N   H    sing N N 146 
ILE N   H2   sing N N 147 
ILE CA  C    sing N N 148 
ILE CA  CB   sing N N 149 
ILE CA  HA   sing N N 150 
ILE C   O    doub N N 151 
ILE C   OXT  sing N N 152 
ILE CB  CG1  sing N N 153 
ILE CB  CG2  sing N N 154 
ILE CB  HB   sing N N 155 
ILE CG1 CD1  sing N N 156 
ILE CG1 HG12 sing N N 157 
ILE CG1 HG13 sing N N 158 
ILE CG2 HG21 sing N N 159 
ILE CG2 HG22 sing N N 160 
ILE CG2 HG23 sing N N 161 
ILE CD1 HD11 sing N N 162 
ILE CD1 HD12 sing N N 163 
ILE CD1 HD13 sing N N 164 
ILE OXT HXT  sing N N 165 
LEU N   CA   sing N N 166 
LEU N   H    sing N N 167 
LEU N   H2   sing N N 168 
LEU CA  C    sing N N 169 
LEU CA  CB   sing N N 170 
LEU CA  HA   sing N N 171 
LEU C   O    doub N N 172 
LEU C   OXT  sing N N 173 
LEU CB  CG   sing N N 174 
LEU CB  HB2  sing N N 175 
LEU CB  HB3  sing N N 176 
LEU CG  CD1  sing N N 177 
LEU CG  CD2  sing N N 178 
LEU CG  HG   sing N N 179 
LEU CD1 HD11 sing N N 180 
LEU CD1 HD12 sing N N 181 
LEU CD1 HD13 sing N N 182 
LEU CD2 HD21 sing N N 183 
LEU CD2 HD22 sing N N 184 
LEU CD2 HD23 sing N N 185 
LEU OXT HXT  sing N N 186 
LYS N   CA   sing N N 187 
LYS N   H    sing N N 188 
LYS N   H2   sing N N 189 
LYS CA  C    sing N N 190 
LYS CA  CB   sing N N 191 
LYS CA  HA   sing N N 192 
LYS C   O    doub N N 193 
LYS C   OXT  sing N N 194 
LYS CB  CG   sing N N 195 
LYS CB  HB2  sing N N 196 
LYS CB  HB3  sing N N 197 
LYS CG  CD   sing N N 198 
LYS CG  HG2  sing N N 199 
LYS CG  HG3  sing N N 200 
LYS CD  CE   sing N N 201 
LYS CD  HD2  sing N N 202 
LYS CD  HD3  sing N N 203 
LYS CE  NZ   sing N N 204 
LYS CE  HE2  sing N N 205 
LYS CE  HE3  sing N N 206 
LYS NZ  HZ1  sing N N 207 
LYS NZ  HZ2  sing N N 208 
LYS NZ  HZ3  sing N N 209 
LYS OXT HXT  sing N N 210 
MET N   CA   sing N N 211 
MET N   H    sing N N 212 
MET N   H2   sing N N 213 
MET CA  C    sing N N 214 
MET CA  CB   sing N N 215 
MET CA  HA   sing N N 216 
MET C   O    doub N N 217 
MET C   OXT  sing N N 218 
MET CB  CG   sing N N 219 
MET CB  HB2  sing N N 220 
MET CB  HB3  sing N N 221 
MET CG  SD   sing N N 222 
MET CG  HG2  sing N N 223 
MET CG  HG3  sing N N 224 
MET SD  CE   sing N N 225 
MET CE  HE1  sing N N 226 
MET CE  HE2  sing N N 227 
MET CE  HE3  sing N N 228 
MET OXT HXT  sing N N 229 
PHE N   CA   sing N N 230 
PHE N   H    sing N N 231 
PHE N   H2   sing N N 232 
PHE CA  C    sing N N 233 
PHE CA  CB   sing N N 234 
PHE CA  HA   sing N N 235 
PHE C   O    doub N N 236 
PHE C   OXT  sing N N 237 
PHE CB  CG   sing N N 238 
PHE CB  HB2  sing N N 239 
PHE CB  HB3  sing N N 240 
PHE CG  CD1  doub Y N 241 
PHE CG  CD2  sing Y N 242 
PHE CD1 CE1  sing Y N 243 
PHE CD1 HD1  sing N N 244 
PHE CD2 CE2  doub Y N 245 
PHE CD2 HD2  sing N N 246 
PHE CE1 CZ   doub Y N 247 
PHE CE1 HE1  sing N N 248 
PHE CE2 CZ   sing Y N 249 
PHE CE2 HE2  sing N N 250 
PHE CZ  HZ   sing N N 251 
PHE OXT HXT  sing N N 252 
PRO N   CA   sing N N 253 
PRO N   CD   sing N N 254 
PRO N   H    sing N N 255 
PRO CA  C    sing N N 256 
PRO CA  CB   sing N N 257 
PRO CA  HA   sing N N 258 
PRO C   O    doub N N 259 
PRO C   OXT  sing N N 260 
PRO CB  CG   sing N N 261 
PRO CB  HB2  sing N N 262 
PRO CB  HB3  sing N N 263 
PRO CG  CD   sing N N 264 
PRO CG  HG2  sing N N 265 
PRO CG  HG3  sing N N 266 
PRO CD  HD2  sing N N 267 
PRO CD  HD3  sing N N 268 
PRO OXT HXT  sing N N 269 
SER N   CA   sing N N 270 
SER N   H    sing N N 271 
SER N   H2   sing N N 272 
SER CA  C    sing N N 273 
SER CA  CB   sing N N 274 
SER CA  HA   sing N N 275 
SER C   O    doub N N 276 
SER C   OXT  sing N N 277 
SER CB  OG   sing N N 278 
SER CB  HB2  sing N N 279 
SER CB  HB3  sing N N 280 
SER OG  HG   sing N N 281 
SER OXT HXT  sing N N 282 
THR N   CA   sing N N 283 
THR N   H    sing N N 284 
THR N   H2   sing N N 285 
THR CA  C    sing N N 286 
THR CA  CB   sing N N 287 
THR CA  HA   sing N N 288 
THR C   O    doub N N 289 
THR C   OXT  sing N N 290 
THR CB  OG1  sing N N 291 
THR CB  CG2  sing N N 292 
THR CB  HB   sing N N 293 
THR OG1 HG1  sing N N 294 
THR CG2 HG21 sing N N 295 
THR CG2 HG22 sing N N 296 
THR CG2 HG23 sing N N 297 
THR OXT HXT  sing N N 298 
TRP N   CA   sing N N 299 
TRP N   H    sing N N 300 
TRP N   H2   sing N N 301 
TRP CA  C    sing N N 302 
TRP CA  CB   sing N N 303 
TRP CA  HA   sing N N 304 
TRP C   O    doub N N 305 
TRP C   OXT  sing N N 306 
TRP CB  CG   sing N N 307 
TRP CB  HB2  sing N N 308 
TRP CB  HB3  sing N N 309 
TRP CG  CD1  doub Y N 310 
TRP CG  CD2  sing Y N 311 
TRP CD1 NE1  sing Y N 312 
TRP CD1 HD1  sing N N 313 
TRP CD2 CE2  doub Y N 314 
TRP CD2 CE3  sing Y N 315 
TRP NE1 CE2  sing Y N 316 
TRP NE1 HE1  sing N N 317 
TRP CE2 CZ2  sing Y N 318 
TRP CE3 CZ3  doub Y N 319 
TRP CE3 HE3  sing N N 320 
TRP CZ2 CH2  doub Y N 321 
TRP CZ2 HZ2  sing N N 322 
TRP CZ3 CH2  sing Y N 323 
TRP CZ3 HZ3  sing N N 324 
TRP CH2 HH2  sing N N 325 
TRP OXT HXT  sing N N 326 
TYR N   CA   sing N N 327 
TYR N   H    sing N N 328 
TYR N   H2   sing N N 329 
TYR CA  C    sing N N 330 
TYR CA  CB   sing N N 331 
TYR CA  HA   sing N N 332 
TYR C   O    doub N N 333 
TYR C   OXT  sing N N 334 
TYR CB  CG   sing N N 335 
TYR CB  HB2  sing N N 336 
TYR CB  HB3  sing N N 337 
TYR CG  CD1  doub Y N 338 
TYR CG  CD2  sing Y N 339 
TYR CD1 CE1  sing Y N 340 
TYR CD1 HD1  sing N N 341 
TYR CD2 CE2  doub Y N 342 
TYR CD2 HD2  sing N N 343 
TYR CE1 CZ   doub Y N 344 
TYR CE1 HE1  sing N N 345 
TYR CE2 CZ   sing Y N 346 
TYR CE2 HE2  sing N N 347 
TYR CZ  OH   sing N N 348 
TYR OH  HH   sing N N 349 
TYR OXT HXT  sing N N 350 
VAL N   CA   sing N N 351 
VAL N   H    sing N N 352 
VAL N   H2   sing N N 353 
VAL CA  C    sing N N 354 
VAL CA  CB   sing N N 355 
VAL CA  HA   sing N N 356 
VAL C   O    doub N N 357 
VAL C   OXT  sing N N 358 
VAL CB  CG1  sing N N 359 
VAL CB  CG2  sing N N 360 
VAL CB  HB   sing N N 361 
VAL CG1 HG11 sing N N 362 
VAL CG1 HG12 sing N N 363 
VAL CG1 HG13 sing N N 364 
VAL CG2 HG21 sing N N 365 
VAL CG2 HG22 sing N N 366 
VAL CG2 HG23 sing N N 367 
VAL OXT HXT  sing N N 368 
# 
loop_
_pdbx_entity_nonpoly.entity_id 
_pdbx_entity_nonpoly.name 
_pdbx_entity_nonpoly.comp_id 
2 'UNKNOWN ATOM OR ION' UNX 
3 'ACETATE ION'         ACT 
4 water                 HOH 
# 
_pdbx_initial_refinement_model.id               1 
_pdbx_initial_refinement_model.entity_id_list   ? 
_pdbx_initial_refinement_model.type             'experimental model' 
_pdbx_initial_refinement_model.source_name      PDB 
_pdbx_initial_refinement_model.accession_code   4HE5 
_pdbx_initial_refinement_model.details          'PDB ENTRY 4HE5' 
# 
